data_7PFC
#
_entry.id   7PFC
#
_cell.length_a   1.00
_cell.length_b   1.00
_cell.length_c   1.00
_cell.angle_alpha   90.00
_cell.angle_beta   90.00
_cell.angle_gamma   90.00
#
_symmetry.space_group_name_H-M   'P 1'
#
loop_
_entity.id
_entity.type
_entity.pdbx_description
1 polymer 'Histone H3.2'
2 polymer 'Histone H4'
3 polymer 'Histone H2A type 1-B/E'
4 polymer 'Histone H2B type 1-K'
5 polymer 'DNA (788-MER)'
6 polymer 'DNA (788-MER)'
7 polymer 'Histone H1.4'
#
loop_
_entity_poly.entity_id
_entity_poly.type
_entity_poly.pdbx_seq_one_letter_code
_entity_poly.pdbx_strand_id
1 'polypeptide(L)'
;MARTKQTARKSTGGKAPRKQLATKAARKSAPATGGVKKPHRYRPGTVALREIRRYQKSTELLIRKLPFQRLVREIAQDFK
TDLRFQSSAVMALQEASEAYLVGLFEDTNLAAIHAKRVTIMPKDIQLARRIRGERA
;
A,E,K,O
2 'polypeptide(L)'
;MSGRGKGGKGLGKGGAKRHRKVLRDNIQGITKPAIRRLARRGGVKRISGLIYEETRGVLKVFLENVIRDAVTYTEHAKRK
TVTAMDVVYALKRQGRTLYGFGG
;
B,F,L,P
3 'polypeptide(L)'
;HHHHHHENLYFQSNAPWMSGRGKQGGKARAKAKTRSSRAGLQFPVGRVHRLLRKGNYSERVGAGAPVYLAAVLEYLTAEI
LELAGNAARDNKKTRIIPRHLQLAIRNDEELNKLLGRVTIAQGGVLPNIQAVLLPKKTESHHKAKGK
;
C,G,M,Q
4 'polypeptide(L)'
;MPEPAKSAPAPKKGSKKAVTKAQKKDGKKRKRSRKESYSVYVYKVLKQVHPDTGISSKAMGIMNSFVNDIFERIAGEASR
LAHYNKRSTITSREIQTAVRLLLPGELAKHAVSEGTKAVTKYTSAK
;
D,H,N,R
5 'polydeoxyribonucleotide'
;(DA)(DT)(DC)(DG)(DG)(DG)(DT)(DT)(DA)(DC)(DC)(DT)(DT)(DA)(DA)(DT)(DA)(DC)(DT)(DT)
(DA)(DC)(DA)(DT)(DG)(DA)(DC)(DA)(DG)(DG)(DA)(DT)(DG)(DT)(DA)(DT)(DA)(DT)(DA)(DT)
(DC)(DT)(DG)(DA)(DC)(DA)(DC)(DG)(DT)(DG)(DC)(DC)(DT)(DG)(DG)(DA)(DG)(DA)(DC)(DT)
(DA)(DG)(DG)(DG)(DA)(DG)(DT)(DA)(DA)(DT)(DC)(DC)(DC)(DC)(DT)(DT)(DG)(DG)(DC)(DG)
(DG)(DT)(DT)(DA)(DA)(DA)(DA)(DC)(DG)(DC)(DG)(DG)(DG)(DG)(DG)(DA)(DC)(DA)(DG)(DC)
(DG)(DC)(DG)(DT)(DA)(DC)(DG)(DT)(DG)(DC)(DG)(DT)(DT)(DT)(DA)(DA)(DG)(DC)(DG)(DG)
(DT)(DG)(DC)(DT)(DA)(DG)(DA)(DG)(DC)(DT)(DG)(DT)(DC)(DT)(DA)(DC)(DG)(DA)(DC)(DC)
(DA)(DA)(DT)(DT)(DG)(DA)(DG)(DC)(DG)(DG)(DC)(DC)(DT)(DC)(DG)(DG)(DC)(DA)(DC)(DC)
(DG)(DG)(DG)(DA)(DT)(DT)(DC)(DT)(DC)(DC)(DA)(DG)(DT)(DA)(DT)(DG)(DG)(DC)(DG)(DG)
(DC)(DC)(DA)(DG)(DT)(DG)(DC)(DG)(DC)(DG)(DA)(DG)(DA)(DC)(DA)(DG)(DT)(DA)(DC)(DT)
(DG)(DG)(DG)(DT)(DT)(DA)(DC)(DC)(DT)(DT)(DA)(DA)(DT)(DA)(DC)(DT)(DT)(DA)(DC)(DA)
(DT)(DG)(DA)(DC)(DA)(DG)(DG)(DA)(DT)(DG)(DT)(DA)(DT)(DA)(DT)(DA)(DT)(DC)(DT)(DG)
(DA)(DC)(DA)(DC)(DG)(DT)(DG)(DC)(DC)(DT)(DG)(DG)(DA)(DG)(DA)(DC)(DT)(DA)(DG)(DG)
(DG)(DA)(DG)(DT)(DA)(DA)(DT)(DC)(DC)(DC)(DC)(DT)(DT)(DG)(DG)(DC)(DG)(DG)(DT)(DT)
(DA)(DA)(DA)(DA)(DC)(DG)(DC)(DG)(DG)(DG)(DG)(DG)(DA)(DC)(DA)(DG)(DC)(DG)(DC)(DG)
(DT)(DA)(DC)(DG)(DT)(DG)(DC)(DG)(DT)(DT)(DT)(DA)(DA)(DG)(DC)(DG)(DG)(DT)(DG)(DC)
(DT)(DA)(DG)(DA)(DG)(DC)(DT)(DG)(DT)(DC)(DT)(DA)(DC)(DG)(DA)(DC)(DC)(DA)(DA)(DT)
(DT)(DG)(DA)(DG)(DC)(DG)(DG)(DC)(DC)(DT)(DC)(DG)(DG)(DC)(DA)(DC)(DC)(DG)(DG)(DG)
(DA)(DT)(DT)(DC)(DT)(DC)(DC)(DA)(DG)(DT)(DA)(DT)(DG)(DG)(DC)(DG)(DG)(DC)(DC)(DA)
(DG)(DT)(DG)(DC)(DG)(DC)(DG)(DA)(DG)(DA)(DC)(DA)(DG)(DT)(DA)(DC)(DT)(DG)(DG)(DG)
(DT)(DT)(DA)(DC)(DC)(DT)(DT)(DA)(DA)(DT)(DA)(DC)(DT)(DT)(DA)(DC)(DA)(DT)(DG)(DA)
(DC)(DA)(DG)(DG)(DA)(DT)(DG)(DT)(DA)(DT)(DA)(DT)(DA)(DT)(DC)(DT)(DG)(DA)(DC)(DA)
(DC)(DG)(DT)(DG)(DC)(DC)(DT)(DG)(DG)(DA)(DG)(DA)(DC)(DT)(DA)(DG)(DG)(DG)(DA)(DG)
(DT)(DA)(DA)(DT)(DC)(DC)(DC)(DC)(DT)(DT)(DG)(DG)(DC)(DG)(DG)(DT)(DT)(DA)(DA)(DA)
(DA)(DC)(DG)(DC)(DG)(DG)(DG)(DG)(DG)(DA)(DC)(DA)(DG)(DC)(DG)(DC)(DG)(DT)(DA)(DC)
(DG)(DT)(DG)(DC)(DG)(DT)(DT)(DT)(DA)(DA)(DG)(DC)(DG)(DG)(DT)(DG)(DC)(DT)(DA)(DG)
(DA)(DG)(DC)(DT)(DG)(DT)(DC)(DT)(DA)(DC)(DG)(DA)(DC)(DC)(DA)(DA)(DT)(DT)(DG)(DA)
(DG)(DC)(DG)(DG)(DC)(DC)(DT)(DC)(DG)(DG)(DC)(DA)(DC)(DC)(DG)(DG)(DG)(DA)(DT)(DT)
(DC)(DT)(DC)(DC)(DA)(DG)(DT)(DA)(DT)(DG)(DG)(DC)(DG)(DG)(DC)(DC)(DA)(DG)(DT)(DG)
(DC)(DG)(DC)(DG)(DA)(DG)(DA)(DC)(DA)(DG)(DT)(DA)(DC)(DT)(DG)(DG)(DG)(DT)(DT)(DA)
(DC)(DC)(DT)(DT)(DA)(DA)(DT)(DA)(DC)(DT)(DT)(DA)(DC)(DA)(DT)(DG)(DA)(DC)(DA)(DG)
(DG)(DA)(DT)(DG)(DT)(DA)(DT)(DA)(DT)(DA)(DT)(DC)(DT)(DG)(DA)(DC)(DA)(DC)(DG)(DT)
(DG)(DC)(DC)(DT)(DG)(DG)(DA)(DG)(DA)(DC)(DT)(DA)(DG)(DG)(DG)(DA)(DG)(DT)(DA)(DA)
(DT)(DC)(DC)(DC)(DC)(DT)(DT)(DG)(DG)(DC)(DG)(DG)(DT)(DT)(DA)(DA)(DA)(DA)(DC)(DG)
(DC)(DG)(DG)(DG)(DG)(DG)(DA)(DC)(DA)(DG)(DC)(DG)(DC)(DG)(DT)(DA)(DC)(DG)(DT)(DG)
(DC)(DG)(DT)(DT)(DT)(DA)(DA)(DG)(DC)(DG)(DG)(DT)(DG)(DC)(DT)(DA)(DG)(DA)(DG)(DC)
(DT)(DG)(DT)(DC)(DT)(DA)(DC)(DG)(DA)(DC)(DC)(DA)(DA)(DT)(DT)(DG)(DA)(DG)(DC)(DG)
(DG)(DC)(DC)(DT)(DC)(DG)(DG)(DC)(DA)(DC)(DC)(DG)(DG)(DG)(DA)(DT)(DT)(DC)(DT)(DC)
(DC)(DA)(DG)(DT)(DA)(DT)(DG)(DG)(DC)(DG)(DG)(DC)(DC)(DA)(DG)(DT)(DG)(DC)(DG)(DC)
(DG)(DA)(DG)(DA)(DC)(DG)(DA)(DT)
;
J
6 'polydeoxyribonucleotide'
;(DA)(DT)(DC)(DG)(DT)(DC)(DT)(DC)(DG)(DC)(DG)(DC)(DA)(DC)(DT)(DG)(DG)(DC)(DC)(DG)
(DC)(DC)(DA)(DT)(DA)(DC)(DT)(DG)(DG)(DA)(DG)(DA)(DA)(DT)(DC)(DC)(DC)(DG)(DG)(DT)
(DG)(DC)(DC)(DG)(DA)(DG)(DG)(DC)(DC)(DG)(DC)(DT)(DC)(DA)(DA)(DT)(DT)(DG)(DG)(DT)
(DC)(DG)(DT)(DA)(DG)(DA)(DC)(DA)(DG)(DC)(DT)(DC)(DT)(DA)(DG)(DC)(DA)(DC)(DC)(DG)
(DC)(DT)(DT)(DA)(DA)(DA)(DC)(DG)(DC)(DA)(DC)(DG)(DT)(DA)(DC)(DG)(DC)(DG)(DC)(DT)
(DG)(DT)(DC)(DC)(DC)(DC)(DC)(DG)(DC)(DG)(DT)(DT)(DT)(DT)(DA)(DA)(DC)(DC)(DG)(DC)
(DC)(DA)(DA)(DG)(DG)(DG)(DG)(DA)(DT)(DT)(DA)(DC)(DT)(DC)(DC)(DC)(DT)(DA)(DG)(DT)
(DC)(DT)(DC)(DC)(DA)(DG)(DG)(DC)(DA)(DC)(DG)(DT)(DG)(DT)(DC)(DA)(DG)(DA)(DT)(DA)
(DT)(DA)(DT)(DA)(DC)(DA)(DT)(DC)(DC)(DT)(DG)(DT)(DC)(DA)(DT)(DG)(DT)(DA)(DA)(DG)
(DT)(DA)(DT)(DT)(DA)(DA)(DG)(DG)(DT)(DA)(DA)(DC)(DC)(DC)(DA)(DG)(DT)(DA)(DC)(DT)
(DG)(DT)(DC)(DT)(DC)(DG)(DC)(DG)(DC)(DA)(DC)(DT)(DG)(DG)(DC)(DC)(DG)(DC)(DC)(DA)
(DT)(DA)(DC)(DT)(DG)(DG)(DA)(DG)(DA)(DA)(DT)(DC)(DC)(DC)(DG)(DG)(DT)(DG)(DC)(DC)
(DG)(DA)(DG)(DG)(DC)(DC)(DG)(DC)(DT)(DC)(DA)(DA)(DT)(DT)(DG)(DG)(DT)(DC)(DG)(DT)
(DA)(DG)(DA)(DC)(DA)(DG)(DC)(DT)(DC)(DT)(DA)(DG)(DC)(DA)(DC)(DC)(DG)(DC)(DT)(DT)
(DA)(DA)(DA)(DC)(DG)(DC)(DA)(DC)(DG)(DT)(DA)(DC)(DG)(DC)(DG)(DC)(DT)(DG)(DT)(DC)
(DC)(DC)(DC)(DC)(DG)(DC)(DG)(DT)(DT)(DT)(DT)(DA)(DA)(DC)(DC)(DG)(DC)(DC)(DA)(DA)
(DG)(DG)(DG)(DG)(DA)(DT)(DT)(DA)(DC)(DT)(DC)(DC)(DC)(DT)(DA)(DG)(DT)(DC)(DT)(DC)
(DC)(DA)(DG)(DG)(DC)(DA)(DC)(DG)(DT)(DG)(DT)(DC)(DA)(DG)(DA)(DT)(DA)(DT)(DA)(DT)
(DA)(DC)(DA)(DT)(DC)(DC)(DT)(DG)(DT)(DC)(DA)(DT)(DG)(DT)(DA)(DA)(DG)(DT)(DA)(DT)
(DT)(DA)(DA)(DG)(DG)(DT)(DA)(DA)(DC)(DC)(DC)(DA)(DG)(DT)(DA)(DC)(DT)(DG)(DT)(DC)
(DT)(DC)(DG)(DC)(DG)(DC)(DA)(DC)(DT)(DG)(DG)(DC)(DC)(DG)(DC)(DC)(DA)(DT)(DA)(DC)
(DT)(DG)(DG)(DA)(DG)(DA)(DA)(DT)(DC)(DC)(DC)(DG)(DG)(DT)(DG)(DC)(DC)(DG)(DA)(DG)
(DG)(DC)(DC)(DG)(DC)(DT)(DC)(DA)(DA)(DT)(DT)(DG)(DG)(DT)(DC)(DG)(DT)(DA)(DG)(DA)
(DC)(DA)(DG)(DC)(DT)(DC)(DT)(DA)(DG)(DC)(DA)(DC)(DC)(DG)(DC)(DT)(DT)(DA)(DA)(DA)
(DC)(DG)(DC)(DA)(DC)(DG)(DT)(DA)(DC)(DG)(DC)(DG)(DC)(DT)(DG)(DT)(DC)(DC)(DC)(DC)
(DC)(DG)(DC)(DG)(DT)(DT)(DT)(DT)(DA)(DA)(DC)(DC)(DG)(DC)(DC)(DA)(DA)(DG)(DG)(DG)
(DG)(DA)(DT)(DT)(DA)(DC)(DT)(DC)(DC)(DC)(DT)(DA)(DG)(DT)(DC)(DT)(DC)(DC)(DA)(DG)
(DG)(DC)(DA)(DC)(DG)(DT)(DG)(DT)(DC)(DA)(DG)(DA)(DT)(DA)(DT)(DA)(DT)(DA)(DC)(DA)
(DT)(DC)(DC)(DT)(DG)(DT)(DC)(DA)(DT)(DG)(DT)(DA)(DA)(DG)(DT)(DA)(DA)(DT)(DA)(DA)
(DG)(DG)(DT)(DA)(DA)(DC)(DC)(DC)(DA)(DG)(DT)(DA)(DC)(DT)(DG)(DT)(DC)(DT)(DC)(DG)
(DC)(DG)(DC)(DA)(DC)(DT)(DG)(DG)(DC)(DC)(DG)(DC)(DC)(DA)(DT)(DA)(DC)(DT)(DG)(DG)
(DA)(DG)(DA)(DA)(DT)(DC)(DC)(DC)(DG)(DG)(DT)(DG)(DC)(DC)(DG)(DA)(DG)(DG)(DC)(DC)
(DG)(DC)(DT)(DC)(DA)(DA)(DT)(DT)(DG)(DG)(DT)(DC)(DG)(DT)(DA)(DG)(DA)(DC)(DA)(DG)
(DC)(DT)(DC)(DT)(DA)(DG)(DC)(DA)(DC)(DC)(DG)(DC)(DT)(DT)(DA)(DA)(DA)(DC)(DG)(DC)
(DA)(DC)(DG)(DT)(DA)(DC)(DG)(DC)(DG)(DC)(DT)(DG)(DT)(DC)(DC)(DC)(DC)(DC)(DG)(DC)
(DG)(DT)(DT)(DT)(DT)(DA)(DA)(DC)(DC)(DG)(DC)(DC)(DA)(DA)(DG)(DG)(DG)(DG)(DA)(DT)
(DT)(DA)(DC)(DT)(DC)(DC)(DC)(DT)(DA)(DG)(DT)(DC)(DT)(DC)(DC)(DA)(DG)(DG)(DC)(DA)
(DC)(DG)(DT)(DG)(DT)(DC)(DA)(DG)(DA)(DT)(DA)(DT)(DA)(DT)(DA)(DC)(DA)(DT)(DC)(DC)
(DT)(DG)(DT)(DC)(DA)(DT)(DG)(DT)(DA)(DA)(DG)(DT)(DA)(DT)(DT)(DA)(DA)(DG)(DG)(DT)
(DA)(DA)(DC)(DC)(DC)(DG)(DA)(DT)
;
I
7 'polypeptide(L)'
;SETAPAAPAAPAPAEKTPVKKKARKSAGAAKRKASGPPVSELITKAVAASKERSGVSLAALKKALAAAGYDVEKNNSRIK
LGLKSLVSKGTLVQTKGTGASGSFKLNKKAASGEAKPKAKKAGAAKAKKPAGAAKKPKKATGAATPKKSAKKTPKKAKKP
AAAAGAKKAKSPKKAKAAKPKKAPKSPAKAKAVKPKAAKPKTAKPKAAKPKKAAAKKK
;
U
#
loop_
_chem_comp.id
_chem_comp.type
_chem_comp.name
_chem_comp.formula
DA DNA linking 2'-DEOXYADENOSINE-5'-MONOPHOSPHATE 'C10 H14 N5 O6 P'
DC DNA linking 2'-DEOXYCYTIDINE-5'-MONOPHOSPHATE 'C9 H14 N3 O7 P'
DG DNA linking 2'-DEOXYGUANOSINE-5'-MONOPHOSPHATE 'C10 H14 N5 O7 P'
DT DNA linking THYMIDINE-5'-MONOPHOSPHATE 'C10 H15 N2 O8 P'
#
# COMPACT_ATOMS: atom_id res chain seq x y z
N LYS A 38 -12.03 53.53 -3.62
CA LYS A 38 -12.85 52.69 -4.49
C LYS A 38 -13.36 51.45 -3.75
N PRO A 39 -14.55 50.98 -4.09
CA PRO A 39 -14.99 49.67 -3.60
C PRO A 39 -14.14 48.57 -4.20
N HIS A 40 -13.93 47.52 -3.41
CA HIS A 40 -13.04 46.45 -3.84
C HIS A 40 -13.74 45.57 -4.87
N ARG A 41 -13.01 45.24 -5.93
CA ARG A 41 -13.55 44.44 -7.02
C ARG A 41 -12.47 43.51 -7.53
N TYR A 42 -12.80 42.22 -7.62
CA TYR A 42 -11.85 41.22 -8.06
C TYR A 42 -11.85 41.10 -9.58
N ARG A 43 -10.71 40.69 -10.13
CA ARG A 43 -10.56 40.52 -11.56
C ARG A 43 -11.37 39.31 -12.03
N PRO A 44 -11.76 39.29 -13.31
CA PRO A 44 -12.48 38.11 -13.85
C PRO A 44 -11.64 36.85 -13.76
N GLY A 45 -12.19 35.85 -13.06
CA GLY A 45 -11.52 34.61 -12.77
C GLY A 45 -11.26 34.38 -11.29
N THR A 46 -10.98 35.46 -10.54
CA THR A 46 -10.70 35.32 -9.11
C THR A 46 -11.92 34.80 -8.36
N VAL A 47 -13.06 35.46 -8.54
CA VAL A 47 -14.31 34.97 -7.97
C VAL A 47 -14.70 33.65 -8.61
N ALA A 48 -14.42 33.49 -9.90
CA ALA A 48 -14.70 32.22 -10.58
C ALA A 48 -13.92 31.08 -9.97
N LEU A 49 -12.62 31.27 -9.77
CA LEU A 49 -11.80 30.22 -9.17
C LEU A 49 -12.17 29.98 -7.72
N ARG A 50 -12.53 31.04 -7.00
CA ARG A 50 -12.97 30.89 -5.61
C ARG A 50 -14.25 30.07 -5.54
N GLU A 51 -15.19 30.33 -6.44
CA GLU A 51 -16.39 29.53 -6.53
C GLU A 51 -16.06 28.10 -6.94
N ILE A 52 -15.07 27.92 -7.81
CA ILE A 52 -14.67 26.59 -8.25
C ILE A 52 -14.16 25.76 -7.08
N ARG A 53 -13.21 26.32 -6.32
CA ARG A 53 -12.69 25.57 -5.17
C ARG A 53 -13.74 25.41 -4.08
N ARG A 54 -14.66 26.37 -3.96
CA ARG A 54 -15.69 26.28 -2.95
C ARG A 54 -16.69 25.18 -3.27
N TYR A 55 -17.13 25.11 -4.52
CA TYR A 55 -18.11 24.10 -4.89
C TYR A 55 -17.49 22.74 -5.11
N GLN A 56 -16.19 22.68 -5.44
CA GLN A 56 -15.48 21.42 -5.31
C GLN A 56 -15.40 21.00 -3.85
N LYS A 57 -15.17 21.97 -2.96
CA LYS A 57 -15.18 21.70 -1.53
C LYS A 57 -16.57 21.35 -1.04
N SER A 58 -17.60 22.04 -1.54
CA SER A 58 -18.94 21.79 -1.06
C SER A 58 -19.50 20.53 -1.69
N THR A 59 -20.51 19.96 -1.03
CA THR A 59 -21.17 18.75 -1.49
C THR A 59 -22.66 18.93 -1.71
N GLU A 60 -23.23 20.08 -1.37
CA GLU A 60 -24.67 20.27 -1.42
C GLU A 60 -25.14 20.48 -2.85
N LEU A 61 -26.46 20.42 -3.01
CA LEU A 61 -27.07 20.58 -4.33
C LEU A 61 -27.02 22.02 -4.80
N LEU A 62 -26.80 22.20 -6.09
CA LEU A 62 -26.67 23.52 -6.69
C LEU A 62 -27.92 23.94 -7.46
N ILE A 63 -29.03 23.25 -7.27
CA ILE A 63 -30.27 23.50 -7.99
C ILE A 63 -31.35 23.94 -7.01
N ARG A 64 -32.07 24.99 -7.37
CA ARG A 64 -33.31 25.35 -6.68
C ARG A 64 -34.28 24.18 -6.78
N LYS A 65 -34.69 23.64 -5.62
CA LYS A 65 -35.34 22.34 -5.59
C LYS A 65 -36.74 22.38 -6.17
N LEU A 66 -37.52 23.39 -5.80
CA LEU A 66 -38.92 23.47 -6.24
C LEU A 66 -39.09 23.59 -7.75
N PRO A 67 -38.35 24.44 -8.50
CA PRO A 67 -38.53 24.39 -9.96
C PRO A 67 -38.00 23.12 -10.58
N PHE A 68 -37.03 22.45 -9.96
CA PHE A 68 -36.61 21.14 -10.44
C PHE A 68 -37.73 20.12 -10.30
N GLN A 69 -38.42 20.13 -9.15
CA GLN A 69 -39.55 19.24 -8.95
C GLN A 69 -40.68 19.56 -9.91
N ARG A 70 -40.92 20.86 -10.13
CA ARG A 70 -41.93 21.28 -11.07
C ARG A 70 -41.58 20.84 -12.49
N LEU A 71 -40.30 20.90 -12.84
CA LEU A 71 -39.88 20.52 -14.19
C LEU A 71 -39.97 19.01 -14.40
N VAL A 72 -39.60 18.22 -13.39
CA VAL A 72 -39.70 16.78 -13.57
C VAL A 72 -41.16 16.35 -13.62
N ARG A 73 -42.03 17.00 -12.84
CA ARG A 73 -43.46 16.72 -12.96
C ARG A 73 -43.99 17.17 -14.32
N GLU A 74 -43.46 18.28 -14.84
CA GLU A 74 -43.86 18.75 -16.16
C GLU A 74 -43.51 17.75 -17.25
N ILE A 75 -42.25 17.32 -17.29
CA ILE A 75 -41.79 16.46 -18.37
C ILE A 75 -42.42 15.08 -18.25
N ALA A 76 -42.60 14.59 -17.02
CA ALA A 76 -43.33 13.34 -16.84
C ALA A 76 -44.81 13.47 -17.17
N GLN A 77 -45.39 14.66 -16.98
CA GLN A 77 -46.76 14.92 -17.38
C GLN A 77 -46.87 14.88 -18.90
N ASP A 78 -45.81 15.27 -19.60
CA ASP A 78 -45.77 15.12 -21.05
C ASP A 78 -45.80 13.66 -21.48
N PHE A 79 -45.47 12.73 -20.61
CA PHE A 79 -45.58 11.31 -20.95
C PHE A 79 -46.94 10.75 -20.54
N LYS A 80 -47.20 10.71 -19.23
CA LYS A 80 -48.48 10.29 -18.70
C LYS A 80 -48.98 11.33 -17.71
N THR A 81 -50.30 11.41 -17.59
CA THR A 81 -50.93 12.48 -16.85
C THR A 81 -50.72 12.32 -15.35
N ASP A 82 -50.99 13.42 -14.63
CA ASP A 82 -51.07 13.65 -13.18
C ASP A 82 -50.08 12.80 -12.38
N LEU A 83 -48.83 12.76 -12.82
CA LEU A 83 -47.88 11.81 -12.27
C LEU A 83 -47.30 12.34 -10.97
N ARG A 84 -47.30 11.47 -9.96
CA ARG A 84 -46.85 11.84 -8.63
C ARG A 84 -45.46 11.28 -8.38
N PHE A 85 -44.70 11.99 -7.56
CA PHE A 85 -43.30 11.70 -7.31
C PHE A 85 -43.07 11.59 -5.81
N GLN A 86 -42.32 10.57 -5.41
CA GLN A 86 -41.70 10.59 -4.09
C GLN A 86 -40.71 11.74 -4.08
N SER A 87 -40.79 12.58 -3.04
CA SER A 87 -39.93 13.76 -2.96
C SER A 87 -38.46 13.35 -2.89
N SER A 88 -38.18 12.29 -2.12
CA SER A 88 -36.82 11.74 -2.05
C SER A 88 -36.35 11.29 -3.42
N ALA A 89 -37.24 10.73 -4.24
CA ALA A 89 -36.89 10.42 -5.61
C ALA A 89 -36.57 11.67 -6.41
N VAL A 90 -37.27 12.78 -6.13
CA VAL A 90 -36.97 14.03 -6.83
C VAL A 90 -35.59 14.53 -6.47
N MET A 91 -35.24 14.53 -5.18
CA MET A 91 -33.89 14.95 -4.82
C MET A 91 -32.84 13.97 -5.33
N ALA A 92 -33.15 12.68 -5.41
CA ALA A 92 -32.22 11.71 -5.99
C ALA A 92 -31.96 12.02 -7.46
N LEU A 93 -33.03 12.33 -8.20
CA LEU A 93 -32.89 12.87 -9.55
C LEU A 93 -32.06 14.13 -9.57
N GLN A 94 -32.17 14.95 -8.52
CA GLN A 94 -31.39 16.18 -8.47
C GLN A 94 -29.90 15.90 -8.45
N GLU A 95 -29.41 15.05 -7.51
CA GLU A 95 -27.95 14.92 -7.56
C GLU A 95 -27.50 14.03 -8.70
N ALA A 96 -28.36 13.12 -9.18
CA ALA A 96 -28.00 12.34 -10.35
C ALA A 96 -27.79 13.24 -11.55
N SER A 97 -28.71 14.20 -11.75
CA SER A 97 -28.55 15.17 -12.82
C SER A 97 -27.34 16.05 -12.60
N GLU A 98 -27.12 16.49 -11.36
CA GLU A 98 -25.98 17.35 -11.06
C GLU A 98 -24.67 16.65 -11.33
N ALA A 99 -24.54 15.39 -10.92
CA ALA A 99 -23.30 14.66 -11.11
C ALA A 99 -23.10 14.27 -12.57
N TYR A 100 -24.18 13.96 -13.29
CA TYR A 100 -24.06 13.69 -14.71
C TYR A 100 -23.59 14.91 -15.46
N LEU A 101 -24.11 16.08 -15.10
CA LEU A 101 -23.62 17.30 -15.72
C LEU A 101 -22.22 17.67 -15.27
N VAL A 102 -21.85 17.36 -14.03
CA VAL A 102 -20.48 17.58 -13.58
C VAL A 102 -19.52 16.76 -14.43
N GLY A 103 -19.88 15.50 -14.70
CA GLY A 103 -19.11 14.70 -15.63
C GLY A 103 -19.07 15.30 -17.02
N LEU A 104 -20.20 15.81 -17.49
CA LEU A 104 -20.25 16.40 -18.82
C LEU A 104 -19.37 17.64 -18.93
N PHE A 105 -19.40 18.51 -17.91
CA PHE A 105 -18.54 19.69 -17.95
C PHE A 105 -17.07 19.41 -17.64
N GLU A 106 -16.72 18.37 -16.88
CA GLU A 106 -15.29 18.09 -16.79
C GLU A 106 -14.77 17.51 -18.10
N ASP A 107 -15.59 16.71 -18.79
CA ASP A 107 -15.21 16.28 -20.14
C ASP A 107 -15.13 17.47 -21.08
N THR A 108 -16.08 18.39 -20.95
CA THR A 108 -16.11 19.62 -21.74
C THR A 108 -14.88 20.47 -21.49
N ASN A 109 -14.45 20.57 -20.23
CA ASN A 109 -13.26 21.33 -19.91
C ASN A 109 -12.01 20.63 -20.41
N LEU A 110 -12.00 19.29 -20.41
CA LEU A 110 -10.89 18.56 -21.01
C LEU A 110 -10.79 18.85 -22.50
N ALA A 111 -11.93 18.91 -23.17
CA ALA A 111 -11.94 19.28 -24.58
C ALA A 111 -11.50 20.73 -24.77
N ALA A 112 -11.94 21.63 -23.89
CA ALA A 112 -11.65 23.06 -24.05
C ALA A 112 -10.17 23.35 -23.82
N ILE A 113 -9.57 22.72 -22.82
CA ILE A 113 -8.13 22.87 -22.63
C ILE A 113 -7.39 22.09 -23.71
N HIS A 114 -8.01 21.05 -24.26
CA HIS A 114 -7.45 20.40 -25.43
C HIS A 114 -7.58 21.30 -26.64
N ALA A 115 -8.62 22.13 -26.68
CA ALA A 115 -8.76 23.19 -27.67
C ALA A 115 -8.09 24.49 -27.25
N LYS A 116 -7.25 24.44 -26.20
CA LYS A 116 -6.42 25.57 -25.74
C LYS A 116 -7.28 26.76 -25.31
N ARG A 117 -8.41 26.48 -24.64
CA ARG A 117 -9.37 27.51 -24.30
C ARG A 117 -9.79 27.39 -22.84
N VAL A 118 -10.26 28.51 -22.29
CA VAL A 118 -10.87 28.53 -20.98
C VAL A 118 -12.37 28.79 -21.05
N THR A 119 -12.87 29.27 -22.19
CA THR A 119 -14.29 29.51 -22.38
C THR A 119 -14.85 28.31 -23.12
N ILE A 120 -15.68 27.54 -22.44
CA ILE A 120 -16.33 26.40 -23.06
C ILE A 120 -17.44 26.89 -23.98
N MET A 121 -17.60 26.19 -25.10
CA MET A 121 -18.56 26.53 -26.14
C MET A 121 -19.23 25.23 -26.55
N PRO A 122 -20.44 25.31 -27.15
CA PRO A 122 -21.28 24.10 -27.32
C PRO A 122 -20.65 22.95 -28.08
N LYS A 123 -19.71 23.22 -28.99
CA LYS A 123 -19.04 22.15 -29.71
C LYS A 123 -18.23 21.25 -28.77
N ASP A 124 -17.78 21.78 -27.63
CA ASP A 124 -17.13 20.95 -26.61
C ASP A 124 -18.09 19.89 -26.09
N ILE A 125 -19.30 20.32 -25.73
CA ILE A 125 -20.30 19.40 -25.18
C ILE A 125 -20.74 18.42 -26.24
N GLN A 126 -20.92 18.89 -27.48
CA GLN A 126 -21.31 18.01 -28.57
C GLN A 126 -20.23 16.96 -28.84
N LEU A 127 -18.97 17.36 -28.77
CA LEU A 127 -17.86 16.42 -28.93
C LEU A 127 -17.87 15.39 -27.81
N ALA A 128 -18.08 15.84 -26.57
CA ALA A 128 -18.11 14.93 -25.43
C ALA A 128 -19.25 13.94 -25.55
N ARG A 129 -20.41 14.41 -25.97
CA ARG A 129 -21.57 13.55 -26.18
C ARG A 129 -21.30 12.52 -27.27
N ARG A 130 -20.80 12.99 -28.42
CA ARG A 130 -20.72 12.08 -29.56
C ARG A 130 -19.58 11.09 -29.42
N ILE A 131 -18.46 11.50 -28.81
CA ILE A 131 -17.39 10.57 -28.50
C ILE A 131 -17.83 9.61 -27.41
N ARG A 132 -18.59 10.10 -26.43
CA ARG A 132 -19.12 9.21 -25.40
C ARG A 132 -20.14 8.23 -25.98
N GLY A 133 -20.79 8.61 -27.08
CA GLY A 133 -21.74 7.72 -27.71
C GLY A 133 -23.16 8.21 -27.56
N GLU A 134 -23.35 9.53 -27.58
CA GLU A 134 -24.68 10.11 -27.46
C GLU A 134 -25.14 10.65 -28.81
N LYS B 21 -52.48 23.21 -12.65
CA LYS B 21 -52.02 21.83 -12.61
C LYS B 21 -51.07 21.56 -13.77
N VAL B 22 -51.38 22.14 -14.94
CA VAL B 22 -50.52 22.00 -16.11
C VAL B 22 -49.27 22.85 -15.91
N LEU B 23 -48.14 22.35 -16.42
CA LEU B 23 -46.85 23.00 -16.24
C LEU B 23 -46.25 23.24 -17.62
N ARG B 24 -45.70 24.44 -17.84
CA ARG B 24 -45.44 24.91 -19.19
C ARG B 24 -43.96 25.11 -19.50
N ASP B 25 -43.27 25.95 -18.73
CA ASP B 25 -41.94 26.42 -19.10
C ASP B 25 -40.97 26.28 -17.93
N ASN B 26 -40.96 25.10 -17.31
CA ASN B 26 -40.15 24.88 -16.13
C ASN B 26 -38.73 24.45 -16.47
N ILE B 27 -38.39 24.33 -17.75
CA ILE B 27 -37.00 24.09 -18.13
C ILE B 27 -36.13 25.29 -17.77
N GLN B 28 -36.69 26.50 -17.84
CA GLN B 28 -36.00 27.68 -17.36
C GLN B 28 -36.06 27.81 -15.85
N GLY B 29 -36.83 26.96 -15.18
CA GLY B 29 -36.79 26.91 -13.73
C GLY B 29 -35.45 26.47 -13.19
N ILE B 30 -34.73 25.66 -13.97
CA ILE B 30 -33.31 25.39 -13.69
C ILE B 30 -32.55 26.61 -14.18
N THR B 31 -32.15 27.48 -13.25
CA THR B 31 -31.69 28.80 -13.61
C THR B 31 -30.28 28.77 -14.19
N LYS B 32 -29.98 29.80 -14.99
CA LYS B 32 -28.63 30.01 -15.48
C LYS B 32 -27.59 30.13 -14.38
N PRO B 33 -27.78 30.88 -13.28
CA PRO B 33 -26.78 30.84 -12.20
C PRO B 33 -26.61 29.48 -11.55
N ALA B 34 -27.65 28.65 -11.52
CA ALA B 34 -27.49 27.28 -11.05
C ALA B 34 -26.55 26.51 -11.96
N ILE B 35 -26.66 26.74 -13.27
CA ILE B 35 -25.76 26.14 -14.23
C ILE B 35 -24.34 26.64 -14.01
N ARG B 36 -24.19 27.94 -13.70
CA ARG B 36 -22.86 28.47 -13.39
C ARG B 36 -22.29 27.84 -12.12
N ARG B 37 -23.14 27.61 -11.12
CA ARG B 37 -22.70 26.93 -9.89
C ARG B 37 -22.22 25.52 -10.20
N LEU B 38 -22.95 24.80 -11.04
CA LEU B 38 -22.54 23.45 -11.42
C LEU B 38 -21.23 23.47 -12.19
N ALA B 39 -21.05 24.47 -13.06
CA ALA B 39 -19.81 24.58 -13.83
C ALA B 39 -18.64 24.93 -12.92
N ARG B 40 -18.89 25.68 -11.84
CA ARG B 40 -17.88 25.85 -10.81
C ARG B 40 -17.56 24.52 -10.14
N ARG B 41 -18.59 23.73 -9.84
CA ARG B 41 -18.34 22.38 -9.35
C ARG B 41 -17.70 21.51 -10.42
N GLY B 42 -18.07 21.73 -11.67
CA GLY B 42 -17.34 21.11 -12.77
C GLY B 42 -16.01 21.74 -13.06
N GLY B 43 -15.68 22.85 -12.41
CA GLY B 43 -14.40 23.47 -12.57
C GLY B 43 -14.25 24.32 -13.82
N VAL B 44 -15.36 24.73 -14.42
CA VAL B 44 -15.31 25.54 -15.63
C VAL B 44 -14.97 26.97 -15.26
N LYS B 45 -13.96 27.54 -15.91
CA LYS B 45 -13.60 28.93 -15.68
C LYS B 45 -14.61 29.87 -16.32
N ARG B 46 -14.80 29.78 -17.62
CA ARG B 46 -15.61 30.75 -18.35
C ARG B 46 -16.72 30.01 -19.09
N ILE B 47 -17.95 30.48 -18.91
CA ILE B 47 -19.14 29.78 -19.34
C ILE B 47 -19.83 30.66 -20.37
N SER B 48 -19.87 30.19 -21.62
CA SER B 48 -20.50 30.98 -22.66
C SER B 48 -22.00 31.05 -22.48
N GLY B 49 -22.63 32.03 -23.11
CA GLY B 49 -24.06 32.20 -23.01
C GLY B 49 -24.84 31.11 -23.70
N LEU B 50 -24.24 30.49 -24.71
CA LEU B 50 -24.87 29.38 -25.41
C LEU B 50 -24.81 28.09 -24.61
N ILE B 51 -24.01 28.06 -23.54
CA ILE B 51 -23.82 26.84 -22.77
C ILE B 51 -25.10 26.47 -22.04
N TYR B 52 -25.81 27.48 -21.54
CA TYR B 52 -26.90 27.23 -20.59
C TYR B 52 -28.09 26.56 -21.26
N GLU B 53 -28.51 27.05 -22.43
CA GLU B 53 -29.69 26.48 -23.05
C GLU B 53 -29.38 25.14 -23.72
N GLU B 54 -28.17 24.99 -24.26
CA GLU B 54 -27.71 23.69 -24.73
C GLU B 54 -27.70 22.68 -23.60
N THR B 55 -27.22 23.10 -22.44
CA THR B 55 -27.21 22.27 -21.26
C THR B 55 -28.63 21.87 -20.87
N ARG B 56 -29.55 22.83 -20.96
CA ARG B 56 -30.96 22.55 -20.67
C ARG B 56 -31.51 21.48 -21.60
N GLY B 57 -31.21 21.59 -22.90
CA GLY B 57 -31.66 20.59 -23.84
C GLY B 57 -31.04 19.23 -23.60
N VAL B 58 -29.75 19.20 -23.26
CA VAL B 58 -29.05 17.95 -23.03
C VAL B 58 -29.61 17.24 -21.81
N LEU B 59 -29.79 17.98 -20.71
CA LEU B 59 -30.38 17.39 -19.53
C LEU B 59 -31.84 17.03 -19.77
N LYS B 60 -32.52 17.79 -20.63
CA LYS B 60 -33.89 17.46 -20.98
C LYS B 60 -33.97 16.08 -21.64
N VAL B 61 -33.12 15.85 -22.63
CA VAL B 61 -33.10 14.56 -23.33
C VAL B 61 -32.69 13.45 -22.39
N PHE B 62 -31.66 13.70 -21.57
CA PHE B 62 -31.16 12.70 -20.64
C PHE B 62 -32.22 12.30 -19.62
N LEU B 63 -32.81 13.28 -18.96
CA LEU B 63 -33.85 12.99 -17.98
C LEU B 63 -35.11 12.44 -18.62
N GLU B 64 -35.38 12.78 -19.88
CA GLU B 64 -36.48 12.13 -20.58
C GLU B 64 -36.25 10.65 -20.72
N ASN B 65 -35.01 10.27 -21.06
CA ASN B 65 -34.67 8.86 -21.13
C ASN B 65 -34.82 8.20 -19.76
N VAL B 66 -34.32 8.89 -18.73
CA VAL B 66 -34.34 8.36 -17.37
C VAL B 66 -35.77 8.15 -16.88
N ILE B 67 -36.62 9.15 -17.08
CA ILE B 67 -37.96 9.02 -16.53
C ILE B 67 -38.79 8.10 -17.40
N ARG B 68 -38.47 7.99 -18.68
CA ARG B 68 -39.14 7.00 -19.53
C ARG B 68 -38.92 5.61 -18.98
N ASP B 69 -37.66 5.32 -18.64
CA ASP B 69 -37.33 4.04 -18.03
C ASP B 69 -38.02 3.87 -16.67
N ALA B 70 -37.94 4.91 -15.84
CA ALA B 70 -38.44 4.80 -14.46
C ALA B 70 -39.96 4.71 -14.42
N VAL B 71 -40.64 5.46 -15.28
CA VAL B 71 -42.08 5.34 -15.38
C VAL B 71 -42.45 3.95 -15.89
N THR B 72 -41.77 3.48 -16.95
CA THR B 72 -42.02 2.15 -17.50
C THR B 72 -41.90 1.08 -16.42
N TYR B 73 -40.94 1.25 -15.52
CA TYR B 73 -40.89 0.47 -14.29
C TYR B 73 -42.17 0.66 -13.48
N THR B 74 -42.63 1.91 -13.35
CA THR B 74 -43.70 2.23 -12.39
C THR B 74 -45.05 1.66 -12.82
N GLU B 75 -45.45 1.86 -14.09
CA GLU B 75 -46.67 1.17 -14.51
C GLU B 75 -46.43 -0.32 -14.69
N HIS B 76 -45.18 -0.75 -14.92
CA HIS B 76 -44.96 -2.19 -14.89
C HIS B 76 -45.15 -2.77 -13.50
N ALA B 77 -44.95 -1.95 -12.47
CA ALA B 77 -45.25 -2.36 -11.10
C ALA B 77 -46.73 -2.18 -10.76
N LYS B 78 -47.56 -1.73 -11.71
CA LYS B 78 -48.94 -1.33 -11.47
C LYS B 78 -49.05 -0.28 -10.37
N ARG B 79 -48.08 0.64 -10.36
CA ARG B 79 -48.04 1.74 -9.40
C ARG B 79 -48.25 3.06 -10.12
N LYS B 80 -48.39 4.12 -9.33
CA LYS B 80 -48.60 5.45 -9.87
C LYS B 80 -47.59 6.47 -9.35
N THR B 81 -47.07 6.30 -8.14
CA THR B 81 -46.11 7.23 -7.58
C THR B 81 -44.70 6.80 -7.97
N VAL B 82 -43.92 7.74 -8.47
CA VAL B 82 -42.56 7.43 -8.90
C VAL B 82 -41.68 7.23 -7.67
N THR B 83 -41.11 6.04 -7.54
CA THR B 83 -40.26 5.71 -6.41
C THR B 83 -38.79 5.76 -6.79
N ALA B 84 -37.95 5.99 -5.77
CA ALA B 84 -36.53 6.19 -5.99
C ALA B 84 -35.81 4.89 -6.33
N MET B 85 -36.38 3.75 -5.95
CA MET B 85 -35.84 2.46 -6.35
C MET B 85 -35.88 2.29 -7.87
N ASP B 86 -36.97 2.74 -8.49
CA ASP B 86 -37.04 2.78 -9.95
C ASP B 86 -36.00 3.74 -10.51
N VAL B 87 -35.76 4.84 -9.81
CA VAL B 87 -34.74 5.81 -10.23
C VAL B 87 -33.37 5.17 -10.23
N VAL B 88 -33.06 4.37 -9.20
CA VAL B 88 -31.77 3.69 -9.12
C VAL B 88 -31.61 2.72 -10.27
N TYR B 89 -32.66 1.93 -10.56
CA TYR B 89 -32.58 1.01 -11.69
C TYR B 89 -32.42 1.75 -13.02
N ALA B 90 -33.13 2.86 -13.18
CA ALA B 90 -33.08 3.61 -14.43
C ALA B 90 -31.71 4.24 -14.65
N LEU B 91 -31.10 4.77 -13.59
CA LEU B 91 -29.73 5.29 -13.74
C LEU B 91 -28.72 4.17 -13.97
N LYS B 92 -28.88 3.03 -13.30
CA LYS B 92 -27.88 2.00 -13.45
C LYS B 92 -27.98 1.28 -14.78
N ARG B 93 -29.14 1.31 -15.43
CA ARG B 93 -29.21 0.76 -16.78
C ARG B 93 -28.58 1.69 -17.81
N GLN B 94 -28.33 2.94 -17.45
CA GLN B 94 -27.63 3.87 -18.32
C GLN B 94 -26.15 3.96 -17.97
N GLY B 95 -25.65 3.02 -17.17
CA GLY B 95 -24.27 3.06 -16.75
C GLY B 95 -23.98 4.20 -15.80
N ARG B 96 -24.96 4.59 -14.99
CA ARG B 96 -24.86 5.75 -14.11
C ARG B 96 -25.34 5.39 -12.72
N THR B 97 -24.83 4.27 -12.18
CA THR B 97 -25.35 3.70 -10.95
C THR B 97 -25.14 4.62 -9.76
N LEU B 98 -26.22 4.83 -8.99
CA LEU B 98 -26.24 5.71 -7.83
C LEU B 98 -26.36 4.90 -6.55
N TYR B 99 -25.62 5.33 -5.54
CA TYR B 99 -25.67 4.68 -4.24
C TYR B 99 -26.50 5.49 -3.25
N GLY B 100 -26.96 4.81 -2.21
CA GLY B 100 -27.61 5.45 -1.09
C GLY B 100 -29.11 5.51 -1.11
N PHE B 101 -29.77 4.70 -1.93
CA PHE B 101 -31.22 4.81 -2.07
C PHE B 101 -31.87 3.44 -2.10
N GLY B 102 -31.46 2.55 -1.20
CA GLY B 102 -32.08 1.24 -1.10
C GLY B 102 -31.74 0.29 -2.20
N GLY B 103 -30.75 0.60 -3.03
CA GLY B 103 -30.36 -0.26 -4.13
C GLY B 103 -29.46 -1.40 -3.70
N ALA C 28 -54.26 -42.62 -28.29
CA ALA C 28 -55.15 -41.63 -28.89
C ALA C 28 -54.54 -40.24 -28.82
N ARG C 29 -53.21 -40.17 -28.91
CA ARG C 29 -52.53 -38.89 -28.88
C ARG C 29 -52.76 -38.13 -30.18
N ALA C 30 -53.10 -36.86 -30.06
CA ALA C 30 -53.38 -36.03 -31.22
C ALA C 30 -52.09 -35.68 -31.94
N LYS C 31 -52.24 -35.09 -33.12
CA LYS C 31 -51.10 -34.65 -33.90
C LYS C 31 -50.41 -33.48 -33.22
N ALA C 32 -49.10 -33.61 -33.02
CA ALA C 32 -48.31 -32.56 -32.38
C ALA C 32 -47.90 -31.55 -33.43
N LYS C 33 -48.48 -30.36 -33.36
CA LYS C 33 -48.07 -29.26 -34.24
C LYS C 33 -46.94 -28.50 -33.56
N THR C 34 -46.55 -27.36 -34.12
CA THR C 34 -45.47 -26.58 -33.54
C THR C 34 -45.98 -25.20 -33.13
N ARG C 35 -45.46 -24.71 -32.01
CA ARG C 35 -45.92 -23.44 -31.46
C ARG C 35 -45.54 -22.26 -32.34
N SER C 36 -44.44 -22.38 -33.10
CA SER C 36 -44.12 -21.35 -34.07
C SER C 36 -45.17 -21.29 -35.17
N SER C 37 -45.60 -22.45 -35.68
CA SER C 37 -46.68 -22.47 -36.65
C SER C 37 -48.01 -22.09 -36.01
N ARG C 38 -48.19 -22.41 -34.72
CA ARG C 38 -49.39 -21.99 -34.01
C ARG C 38 -49.44 -20.48 -33.87
N ALA C 39 -48.29 -19.85 -33.72
CA ALA C 39 -48.19 -18.40 -33.80
C ALA C 39 -48.03 -17.92 -35.23
N GLY C 40 -47.98 -18.85 -36.20
CA GLY C 40 -47.74 -18.47 -37.58
C GLY C 40 -46.37 -17.92 -37.82
N LEU C 41 -45.41 -18.31 -36.99
CA LEU C 41 -44.08 -17.72 -36.98
C LEU C 41 -43.04 -18.78 -37.30
N GLN C 42 -41.80 -18.33 -37.45
CA GLN C 42 -40.73 -19.21 -37.91
C GLN C 42 -39.68 -19.53 -36.86
N PHE C 43 -39.42 -18.64 -35.92
CA PHE C 43 -38.45 -18.93 -34.89
C PHE C 43 -38.99 -19.98 -33.92
N PRO C 44 -38.17 -20.93 -33.48
CA PRO C 44 -38.67 -22.02 -32.64
C PRO C 44 -39.06 -21.55 -31.25
N VAL C 45 -40.37 -21.52 -31.02
CA VAL C 45 -40.91 -21.11 -29.73
C VAL C 45 -40.49 -22.10 -28.65
N GLY C 46 -40.50 -23.38 -28.98
CA GLY C 46 -40.06 -24.39 -28.03
C GLY C 46 -38.60 -24.24 -27.64
N ARG C 47 -37.74 -23.94 -28.61
CA ARG C 47 -36.33 -23.72 -28.30
C ARG C 47 -36.13 -22.48 -27.43
N VAL C 48 -36.86 -21.40 -27.72
CA VAL C 48 -36.70 -20.17 -26.95
C VAL C 48 -37.17 -20.38 -25.51
N HIS C 49 -38.31 -21.06 -25.34
CA HIS C 49 -38.82 -21.35 -23.99
C HIS C 49 -37.87 -22.27 -23.23
N ARG C 50 -37.30 -23.26 -23.92
CA ARG C 50 -36.32 -24.15 -23.31
C ARG C 50 -35.08 -23.38 -22.87
N LEU C 51 -34.58 -22.48 -23.73
CA LEU C 51 -33.38 -21.73 -23.42
C LEU C 51 -33.60 -20.73 -22.31
N LEU C 52 -34.81 -20.20 -22.19
CA LEU C 52 -35.09 -19.32 -21.06
C LEU C 52 -35.31 -20.11 -19.76
N ARG C 53 -35.91 -21.31 -19.85
CA ARG C 53 -36.06 -22.12 -18.65
C ARG C 53 -34.72 -22.61 -18.13
N LYS C 54 -33.79 -22.89 -19.03
CA LYS C 54 -32.46 -23.32 -18.64
C LYS C 54 -31.43 -22.20 -18.71
N GLY C 55 -31.83 -20.98 -19.09
CA GLY C 55 -30.97 -19.83 -18.96
C GLY C 55 -31.02 -19.14 -17.62
N ASN C 56 -31.94 -19.59 -16.76
CA ASN C 56 -32.04 -19.19 -15.35
C ASN C 56 -32.26 -17.68 -15.22
N TYR C 57 -33.42 -17.25 -15.69
CA TYR C 57 -33.85 -15.87 -15.54
C TYR C 57 -35.10 -15.71 -14.70
N SER C 58 -35.91 -16.76 -14.59
CA SER C 58 -37.02 -16.82 -13.66
C SER C 58 -37.32 -18.28 -13.38
N GLU C 59 -38.10 -18.53 -12.34
CA GLU C 59 -38.45 -19.91 -11.99
C GLU C 59 -39.46 -20.47 -12.97
N ARG C 60 -40.46 -19.68 -13.33
CA ARG C 60 -41.44 -20.01 -14.36
C ARG C 60 -41.35 -18.97 -15.46
N VAL C 61 -41.86 -19.32 -16.63
CA VAL C 61 -41.94 -18.38 -17.75
C VAL C 61 -43.40 -18.29 -18.14
N GLY C 62 -43.90 -17.05 -18.26
CA GLY C 62 -45.28 -16.86 -18.62
C GLY C 62 -45.58 -17.38 -20.01
N ALA C 63 -46.86 -17.67 -20.24
CA ALA C 63 -47.26 -18.36 -21.46
C ALA C 63 -46.99 -17.50 -22.69
N GLY C 64 -47.29 -16.21 -22.63
CA GLY C 64 -47.07 -15.36 -23.77
C GLY C 64 -45.67 -14.81 -23.90
N ALA C 65 -44.82 -15.03 -22.88
CA ALA C 65 -43.47 -14.46 -22.92
C ALA C 65 -42.60 -15.01 -24.04
N PRO C 66 -42.43 -16.34 -24.23
CA PRO C 66 -41.54 -16.76 -25.33
C PRO C 66 -42.12 -16.52 -26.70
N VAL C 67 -43.45 -16.60 -26.83
CA VAL C 67 -44.10 -16.30 -28.10
C VAL C 67 -43.88 -14.84 -28.47
N TYR C 68 -44.07 -13.95 -27.50
CA TYR C 68 -43.86 -12.52 -27.74
C TYR C 68 -42.40 -12.24 -28.06
N LEU C 69 -41.49 -12.87 -27.33
CA LEU C 69 -40.07 -12.67 -27.56
C LEU C 69 -39.66 -13.15 -28.95
N ALA C 70 -40.12 -14.33 -29.34
CA ALA C 70 -39.78 -14.86 -30.65
C ALA C 70 -40.40 -14.01 -31.75
N ALA C 71 -41.59 -13.45 -31.50
CA ALA C 71 -42.19 -12.52 -32.45
C ALA C 71 -41.32 -11.28 -32.61
N VAL C 72 -40.82 -10.75 -31.50
CA VAL C 72 -39.92 -9.60 -31.54
C VAL C 72 -38.66 -9.93 -32.31
N LEU C 73 -38.08 -11.09 -32.02
CA LEU C 73 -36.83 -11.48 -32.64
C LEU C 73 -37.00 -11.70 -34.14
N GLU C 74 -38.11 -12.34 -34.54
CA GLU C 74 -38.36 -12.54 -35.95
C GLU C 74 -38.65 -11.23 -36.67
N TYR C 75 -39.32 -10.29 -35.99
CA TYR C 75 -39.57 -9.00 -36.62
C TYR C 75 -38.26 -8.26 -36.84
N LEU C 76 -37.40 -8.17 -35.80
CA LEU C 76 -36.10 -7.52 -35.91
C LEU C 76 -35.25 -8.17 -36.98
N THR C 77 -35.26 -9.51 -37.00
CA THR C 77 -34.59 -10.27 -38.04
C THR C 77 -35.14 -9.93 -39.41
N ALA C 78 -36.45 -9.65 -39.49
CA ALA C 78 -37.06 -9.35 -40.77
C ALA C 78 -36.57 -8.02 -41.33
N GLU C 79 -36.53 -6.95 -40.51
CA GLU C 79 -36.07 -5.70 -41.14
C GLU C 79 -34.57 -5.76 -41.39
N ILE C 80 -33.80 -6.44 -40.54
CA ILE C 80 -32.36 -6.45 -40.80
C ILE C 80 -32.03 -7.31 -42.02
N LEU C 81 -32.80 -8.40 -42.26
CA LEU C 81 -32.57 -9.18 -43.45
C LEU C 81 -33.08 -8.48 -44.70
N GLU C 82 -34.19 -7.73 -44.57
CA GLU C 82 -34.67 -6.95 -45.70
C GLU C 82 -33.68 -5.88 -46.10
N LEU C 83 -33.10 -5.18 -45.12
CA LEU C 83 -32.09 -4.18 -45.42
C LEU C 83 -30.84 -4.83 -45.99
N ALA C 84 -30.49 -6.02 -45.51
CA ALA C 84 -29.35 -6.74 -46.05
C ALA C 84 -29.56 -7.11 -47.52
N GLY C 85 -30.74 -7.62 -47.85
CA GLY C 85 -31.04 -7.97 -49.23
C GLY C 85 -31.11 -6.75 -50.13
N ASN C 86 -31.68 -5.66 -49.62
CA ASN C 86 -31.74 -4.42 -50.38
C ASN C 86 -30.35 -3.86 -50.63
N ALA C 87 -29.46 -3.90 -49.62
CA ALA C 87 -28.11 -3.40 -49.80
C ALA C 87 -27.30 -4.28 -50.74
N ALA C 88 -27.53 -5.60 -50.68
CA ALA C 88 -26.88 -6.51 -51.61
C ALA C 88 -27.32 -6.25 -53.04
N ARG C 89 -28.62 -6.03 -53.24
CA ARG C 89 -29.13 -5.67 -54.55
C ARG C 89 -28.58 -4.33 -55.01
N ASP C 90 -28.46 -3.37 -54.09
CA ASP C 90 -27.86 -2.08 -54.41
C ASP C 90 -26.39 -2.23 -54.77
N ASN C 91 -25.69 -3.15 -54.12
CA ASN C 91 -24.33 -3.48 -54.48
C ASN C 91 -24.27 -4.56 -55.56
N LYS C 92 -25.39 -4.79 -56.26
CA LYS C 92 -25.55 -5.72 -57.39
C LYS C 92 -25.02 -7.13 -57.08
N LYS C 93 -25.16 -7.56 -55.84
CA LYS C 93 -24.79 -8.91 -55.44
C LYS C 93 -26.02 -9.65 -54.93
N THR C 94 -26.10 -10.93 -55.25
CA THR C 94 -27.25 -11.75 -54.88
C THR C 94 -27.02 -12.57 -53.64
N ARG C 95 -25.94 -12.34 -52.92
CA ARG C 95 -25.66 -13.09 -51.70
C ARG C 95 -25.23 -12.11 -50.61
N ILE C 96 -25.68 -12.37 -49.38
CA ILE C 96 -25.44 -11.44 -48.28
C ILE C 96 -24.00 -11.57 -47.81
N ILE C 97 -23.30 -10.46 -47.75
CA ILE C 97 -21.92 -10.42 -47.26
C ILE C 97 -21.91 -9.50 -46.04
N PRO C 98 -20.93 -9.66 -45.14
CA PRO C 98 -20.88 -8.80 -43.94
C PRO C 98 -20.70 -7.32 -44.23
N ARG C 99 -20.15 -6.94 -45.39
CA ARG C 99 -20.14 -5.53 -45.78
C ARG C 99 -21.55 -5.00 -45.91
N HIS C 100 -22.43 -5.76 -46.56
CA HIS C 100 -23.84 -5.38 -46.65
C HIS C 100 -24.48 -5.29 -45.27
N LEU C 101 -24.09 -6.19 -44.36
CA LEU C 101 -24.64 -6.17 -43.01
C LEU C 101 -24.24 -4.92 -42.26
N GLN C 102 -22.96 -4.53 -42.34
CA GLN C 102 -22.51 -3.33 -41.63
C GLN C 102 -23.15 -2.08 -42.23
N LEU C 103 -23.20 -2.01 -43.57
CA LEU C 103 -23.79 -0.85 -44.22
C LEU C 103 -25.28 -0.74 -43.94
N ALA C 104 -25.96 -1.87 -43.72
CA ALA C 104 -27.37 -1.82 -43.36
C ALA C 104 -27.56 -1.45 -41.89
N ILE C 105 -26.79 -2.06 -40.99
CA ILE C 105 -27.05 -1.90 -39.56
C ILE C 105 -26.64 -0.49 -39.10
N ARG C 106 -25.55 0.05 -39.64
CA ARG C 106 -25.09 1.35 -39.21
C ARG C 106 -25.91 2.49 -39.78
N ASN C 107 -26.68 2.25 -40.83
CA ASN C 107 -27.45 3.31 -41.47
C ASN C 107 -28.89 3.40 -40.97
N ASP C 108 -29.29 2.58 -40.01
CA ASP C 108 -30.54 2.79 -39.28
C ASP C 108 -30.20 3.37 -37.91
N GLU C 109 -30.78 4.53 -37.60
CA GLU C 109 -30.42 5.23 -36.37
C GLU C 109 -30.82 4.46 -35.12
N GLU C 110 -32.02 3.87 -35.11
CA GLU C 110 -32.44 3.13 -33.93
C GLU C 110 -31.67 1.83 -33.81
N LEU C 111 -31.34 1.18 -34.93
CA LEU C 111 -30.51 -0.01 -34.86
C LEU C 111 -29.06 0.33 -34.57
N ASN C 112 -28.60 1.52 -34.99
CA ASN C 112 -27.28 1.98 -34.57
C ASN C 112 -27.23 2.20 -33.07
N LYS C 113 -28.30 2.77 -32.51
CA LYS C 113 -28.38 2.90 -31.06
C LYS C 113 -28.54 1.55 -30.39
N LEU C 114 -29.09 0.57 -31.10
CA LEU C 114 -29.14 -0.78 -30.57
C LEU C 114 -27.77 -1.42 -30.52
N LEU C 115 -26.96 -1.23 -31.55
CA LEU C 115 -25.68 -1.92 -31.68
C LEU C 115 -24.53 -0.94 -31.87
N GLY C 116 -24.46 0.09 -31.03
CA GLY C 116 -23.36 1.04 -31.15
C GLY C 116 -22.01 0.46 -30.78
N ARG C 117 -21.96 -0.34 -29.72
CA ARG C 117 -20.72 -0.91 -29.22
C ARG C 117 -20.51 -2.35 -29.68
N VAL C 118 -21.04 -2.69 -30.85
CA VAL C 118 -21.05 -4.07 -31.34
C VAL C 118 -20.06 -4.19 -32.50
N THR C 119 -19.19 -5.19 -32.42
CA THR C 119 -18.15 -5.42 -33.43
C THR C 119 -18.65 -6.42 -34.47
N ILE C 120 -18.49 -6.06 -35.73
CA ILE C 120 -18.85 -6.93 -36.85
C ILE C 120 -17.56 -7.45 -37.47
N ALA C 121 -17.48 -8.76 -37.64
CA ALA C 121 -16.32 -9.37 -38.27
C ALA C 121 -16.42 -9.24 -39.79
N GLN C 122 -15.38 -8.64 -40.39
CA GLN C 122 -15.26 -8.45 -41.85
C GLN C 122 -16.41 -7.64 -42.44
N GLY C 123 -16.98 -6.73 -41.66
CA GLY C 123 -18.04 -5.89 -42.16
C GLY C 123 -17.56 -4.60 -42.78
N GLY C 124 -16.30 -4.24 -42.50
CA GLY C 124 -15.81 -2.94 -42.89
C GLY C 124 -16.38 -1.85 -42.01
N VAL C 125 -16.21 -0.61 -42.47
CA VAL C 125 -16.74 0.55 -41.77
C VAL C 125 -17.62 1.33 -42.74
N LEU C 126 -18.38 2.27 -42.20
CA LEU C 126 -19.14 3.16 -43.04
C LEU C 126 -18.21 4.02 -43.88
N PRO C 127 -18.61 4.36 -45.09
CA PRO C 127 -17.93 5.44 -45.80
C PRO C 127 -18.20 6.74 -45.06
N ASN C 128 -17.25 7.15 -44.25
CA ASN C 128 -17.47 8.27 -43.33
C ASN C 128 -16.23 9.16 -43.41
N ILE C 129 -16.36 10.25 -44.13
CA ILE C 129 -15.29 11.24 -44.26
C ILE C 129 -15.81 12.55 -43.70
N GLN C 130 -14.95 13.29 -43.02
CA GLN C 130 -15.41 14.55 -42.51
C GLN C 130 -15.24 15.63 -43.58
N ALA C 131 -16.01 16.71 -43.42
CA ALA C 131 -16.03 17.76 -44.42
C ALA C 131 -14.70 18.50 -44.49
N VAL C 132 -14.02 18.65 -43.35
CA VAL C 132 -12.69 19.26 -43.36
C VAL C 132 -11.68 18.33 -44.01
N LEU C 133 -11.94 17.02 -43.98
CA LEU C 133 -11.05 16.07 -44.63
C LEU C 133 -11.19 16.09 -46.15
N LEU C 134 -12.29 16.60 -46.67
CA LEU C 134 -12.42 16.69 -48.11
C LEU C 134 -11.86 18.02 -48.61
N PRO C 135 -11.20 18.02 -49.77
CA PRO C 135 -10.66 19.27 -50.32
C PRO C 135 -11.75 20.15 -50.91
N LYS C 136 -11.33 21.35 -51.31
CA LYS C 136 -12.24 22.31 -51.91
C LYS C 136 -12.60 21.91 -53.34
N LYS D 31 -20.75 -40.13 -36.66
CA LYS D 31 -21.23 -38.75 -36.61
C LYS D 31 -20.81 -38.07 -35.31
N ARG D 32 -21.40 -36.90 -35.06
CA ARG D 32 -21.18 -36.12 -33.86
C ARG D 32 -22.54 -35.73 -33.30
N SER D 33 -22.53 -35.16 -32.10
CA SER D 33 -23.76 -34.65 -31.49
C SER D 33 -24.22 -33.40 -32.22
N ARG D 34 -25.53 -33.18 -32.22
CA ARG D 34 -26.09 -32.05 -32.97
C ARG D 34 -25.87 -30.76 -32.20
N LYS D 35 -25.32 -29.75 -32.89
CA LYS D 35 -25.08 -28.44 -32.32
C LYS D 35 -26.16 -27.50 -32.84
N GLU D 36 -27.07 -27.08 -31.97
CA GLU D 36 -28.17 -26.25 -32.39
C GLU D 36 -27.70 -24.84 -32.74
N SER D 37 -28.27 -24.29 -33.81
CA SER D 37 -28.04 -22.91 -34.21
C SER D 37 -29.35 -22.38 -34.76
N TYR D 38 -29.30 -21.18 -35.29
CA TYR D 38 -30.51 -20.50 -35.76
C TYR D 38 -30.56 -20.47 -37.29
N SER D 39 -30.17 -21.59 -37.91
CA SER D 39 -29.91 -21.60 -39.34
C SER D 39 -31.20 -21.51 -40.15
N VAL D 40 -32.00 -22.58 -40.12
CA VAL D 40 -33.07 -22.75 -41.09
C VAL D 40 -34.14 -21.70 -40.91
N TYR D 41 -34.32 -21.20 -39.69
CA TYR D 41 -35.34 -20.20 -39.43
C TYR D 41 -34.96 -18.89 -40.07
N VAL D 42 -33.68 -18.54 -39.99
CA VAL D 42 -33.18 -17.33 -40.64
C VAL D 42 -33.27 -17.45 -42.15
N TYR D 43 -33.00 -18.63 -42.71
CA TYR D 43 -33.21 -18.75 -44.15
C TYR D 43 -34.69 -18.70 -44.54
N LYS D 44 -35.58 -19.25 -43.70
CA LYS D 44 -37.01 -19.12 -43.98
C LYS D 44 -37.45 -17.68 -43.98
N VAL D 45 -37.10 -16.92 -42.95
CA VAL D 45 -37.53 -15.52 -42.90
C VAL D 45 -36.79 -14.68 -43.94
N LEU D 46 -35.59 -15.10 -44.33
CA LEU D 46 -34.88 -14.46 -45.42
C LEU D 46 -35.65 -14.62 -46.73
N LYS D 47 -36.15 -15.83 -46.98
CA LYS D 47 -36.98 -16.04 -48.17
C LYS D 47 -38.33 -15.35 -48.02
N GLN D 48 -38.78 -15.15 -46.78
CA GLN D 48 -39.98 -14.33 -46.55
C GLN D 48 -39.74 -12.89 -46.98
N VAL D 49 -38.57 -12.33 -46.66
CA VAL D 49 -38.30 -10.95 -47.05
C VAL D 49 -37.64 -10.85 -48.42
N HIS D 50 -36.93 -11.90 -48.85
CA HIS D 50 -36.19 -11.87 -50.11
C HIS D 50 -36.11 -13.29 -50.65
N PRO D 51 -37.07 -13.68 -51.49
CA PRO D 51 -36.93 -14.97 -52.19
C PRO D 51 -35.77 -15.02 -53.15
N ASP D 52 -35.27 -13.87 -53.61
CA ASP D 52 -34.35 -13.82 -54.74
C ASP D 52 -32.89 -14.00 -54.35
N THR D 53 -32.51 -13.60 -53.14
CA THR D 53 -31.09 -13.46 -52.81
C THR D 53 -30.59 -14.68 -52.05
N GLY D 54 -29.25 -14.77 -51.97
CA GLY D 54 -28.59 -15.81 -51.22
C GLY D 54 -27.95 -15.26 -49.95
N ILE D 55 -27.28 -16.14 -49.23
CA ILE D 55 -26.73 -15.82 -47.92
C ILE D 55 -25.38 -16.51 -47.77
N SER D 56 -24.45 -15.86 -47.08
CA SER D 56 -23.16 -16.45 -46.75
C SER D 56 -23.16 -16.99 -45.32
N SER D 57 -22.27 -17.94 -45.07
CA SER D 57 -22.17 -18.54 -43.74
C SER D 57 -21.53 -17.57 -42.74
N LYS D 58 -20.67 -16.67 -43.20
CA LYS D 58 -20.10 -15.68 -42.29
C LYS D 58 -21.17 -14.69 -41.82
N ALA D 59 -21.99 -14.22 -42.76
CA ALA D 59 -23.16 -13.44 -42.41
C ALA D 59 -24.11 -14.23 -41.53
N MET D 60 -24.20 -15.54 -41.76
CA MET D 60 -25.04 -16.40 -40.93
C MET D 60 -24.55 -16.47 -39.48
N GLY D 61 -23.24 -16.59 -39.30
CA GLY D 61 -22.69 -16.56 -37.96
C GLY D 61 -22.87 -15.21 -37.30
N ILE D 62 -22.78 -14.14 -38.09
CA ILE D 62 -23.04 -12.80 -37.56
C ILE D 62 -24.48 -12.69 -37.08
N MET D 63 -25.43 -13.23 -37.85
CA MET D 63 -26.83 -13.22 -37.44
C MET D 63 -27.09 -14.12 -36.24
N ASN D 64 -26.40 -15.24 -36.14
CA ASN D 64 -26.51 -16.06 -34.93
C ASN D 64 -25.99 -15.32 -33.71
N SER D 65 -24.88 -14.60 -33.87
CA SER D 65 -24.37 -13.77 -32.79
C SER D 65 -25.36 -12.67 -32.43
N PHE D 66 -25.99 -12.08 -33.44
CA PHE D 66 -27.03 -11.07 -33.23
C PHE D 66 -28.20 -11.59 -32.41
N VAL D 67 -28.77 -12.72 -32.83
CA VAL D 67 -29.96 -13.23 -32.16
C VAL D 67 -29.61 -13.72 -30.75
N ASN D 68 -28.43 -14.31 -30.57
CA ASN D 68 -28.02 -14.73 -29.24
C ASN D 68 -27.77 -13.53 -28.34
N ASP D 69 -27.14 -12.48 -28.87
CA ASP D 69 -26.86 -11.27 -28.11
C ASP D 69 -28.15 -10.61 -27.63
N ILE D 70 -29.08 -10.38 -28.55
CA ILE D 70 -30.30 -9.67 -28.16
C ILE D 70 -31.17 -10.56 -27.28
N PHE D 71 -31.16 -11.88 -27.53
CA PHE D 71 -31.85 -12.83 -26.67
C PHE D 71 -31.36 -12.74 -25.24
N GLU D 72 -30.03 -12.69 -25.06
CA GLU D 72 -29.50 -12.63 -23.70
C GLU D 72 -29.68 -11.26 -23.07
N ARG D 73 -29.60 -10.18 -23.85
CA ARG D 73 -29.85 -8.84 -23.31
C ARG D 73 -31.26 -8.73 -22.76
N ILE D 74 -32.24 -9.10 -23.58
CA ILE D 74 -33.63 -8.96 -23.18
C ILE D 74 -33.98 -9.97 -22.09
N ALA D 75 -33.35 -11.16 -22.11
CA ALA D 75 -33.55 -12.13 -21.05
C ALA D 75 -33.04 -11.62 -19.71
N GLY D 76 -31.85 -11.00 -19.70
CA GLY D 76 -31.34 -10.44 -18.47
C GLY D 76 -32.16 -9.27 -17.98
N GLU D 77 -32.67 -8.44 -18.90
CA GLU D 77 -33.53 -7.34 -18.49
C GLU D 77 -34.84 -7.85 -17.91
N ALA D 78 -35.43 -8.89 -18.52
CA ALA D 78 -36.65 -9.46 -17.99
C ALA D 78 -36.42 -10.13 -16.64
N SER D 79 -35.25 -10.73 -16.45
CA SER D 79 -34.90 -11.27 -15.14
C SER D 79 -34.78 -10.15 -14.12
N ARG D 80 -34.23 -9.00 -14.53
CA ARG D 80 -34.17 -7.84 -13.65
C ARG D 80 -35.55 -7.34 -13.27
N LEU D 81 -36.47 -7.26 -14.23
CA LEU D 81 -37.83 -6.85 -13.92
C LEU D 81 -38.54 -7.85 -13.02
N ALA D 82 -38.32 -9.14 -13.23
CA ALA D 82 -38.88 -10.15 -12.33
C ALA D 82 -38.30 -10.01 -10.93
N HIS D 83 -37.04 -9.61 -10.84
CA HIS D 83 -36.45 -9.26 -9.54
C HIS D 83 -37.15 -8.06 -8.92
N TYR D 84 -37.37 -7.01 -9.70
CA TYR D 84 -37.80 -5.74 -9.12
C TYR D 84 -39.26 -5.79 -8.73
N ASN D 85 -40.03 -6.60 -9.45
CA ASN D 85 -41.43 -6.83 -9.15
C ASN D 85 -41.62 -8.08 -8.31
N LYS D 86 -40.52 -8.74 -7.93
CA LYS D 86 -40.51 -9.90 -7.03
C LYS D 86 -41.34 -11.03 -7.60
N ARG D 87 -41.21 -11.25 -8.90
CA ARG D 87 -42.09 -12.16 -9.62
C ARG D 87 -41.35 -13.46 -9.90
N SER D 88 -41.98 -14.57 -9.51
CA SER D 88 -41.42 -15.89 -9.79
C SER D 88 -41.54 -16.28 -11.26
N THR D 89 -42.26 -15.50 -12.06
CA THR D 89 -42.55 -15.83 -13.44
C THR D 89 -42.30 -14.61 -14.33
N ILE D 90 -41.61 -14.81 -15.44
CA ILE D 90 -41.49 -13.78 -16.46
C ILE D 90 -42.57 -14.05 -17.50
N THR D 91 -43.51 -13.12 -17.62
CA THR D 91 -44.66 -13.28 -18.50
C THR D 91 -44.58 -12.29 -19.66
N SER D 92 -45.69 -12.21 -20.39
CA SER D 92 -45.77 -11.30 -21.53
C SER D 92 -45.64 -9.85 -21.12
N ARG D 93 -46.13 -9.50 -19.93
CA ARG D 93 -45.96 -8.14 -19.43
C ARG D 93 -44.50 -7.83 -19.17
N GLU D 94 -43.77 -8.78 -18.57
CA GLU D 94 -42.36 -8.58 -18.28
C GLU D 94 -41.55 -8.45 -19.55
N ILE D 95 -41.78 -9.35 -20.51
CA ILE D 95 -40.99 -9.32 -21.74
C ILE D 95 -41.34 -8.09 -22.57
N GLN D 96 -42.61 -7.67 -22.54
CA GLN D 96 -43.00 -6.47 -23.27
C GLN D 96 -42.40 -5.23 -22.65
N THR D 97 -42.34 -5.20 -21.31
CA THR D 97 -41.69 -4.11 -20.62
C THR D 97 -40.21 -4.06 -20.97
N ALA D 98 -39.57 -5.23 -21.07
CA ALA D 98 -38.17 -5.27 -21.45
C ALA D 98 -37.96 -4.76 -22.87
N VAL D 99 -38.88 -5.11 -23.78
CA VAL D 99 -38.78 -4.64 -25.16
C VAL D 99 -38.90 -3.13 -25.22
N ARG D 100 -39.96 -2.59 -24.61
CA ARG D 100 -40.15 -1.14 -24.67
C ARG D 100 -39.10 -0.40 -23.86
N LEU D 101 -38.45 -1.09 -22.93
CA LEU D 101 -37.33 -0.52 -22.22
C LEU D 101 -36.12 -0.39 -23.14
N LEU D 102 -35.65 -1.50 -23.68
CA LEU D 102 -34.36 -1.48 -24.36
C LEU D 102 -34.51 -1.05 -25.80
N LEU D 103 -35.51 -1.58 -26.49
CA LEU D 103 -35.63 -1.30 -27.92
C LEU D 103 -36.10 0.13 -28.14
N PRO D 104 -35.50 0.86 -29.07
CA PRO D 104 -35.79 2.29 -29.20
C PRO D 104 -36.98 2.57 -30.12
N GLY D 105 -37.99 3.23 -29.57
CA GLY D 105 -38.93 4.02 -30.35
C GLY D 105 -39.84 3.25 -31.30
N GLU D 106 -39.76 3.64 -32.58
CA GLU D 106 -40.79 3.25 -33.53
C GLU D 106 -40.70 1.76 -33.87
N LEU D 107 -39.49 1.22 -33.99
CA LEU D 107 -39.37 -0.22 -34.16
C LEU D 107 -39.81 -0.96 -32.92
N ALA D 108 -39.61 -0.37 -31.74
CA ALA D 108 -40.07 -1.00 -30.51
C ALA D 108 -41.59 -1.11 -30.47
N LYS D 109 -42.29 -0.04 -30.83
CA LYS D 109 -43.75 -0.11 -30.85
C LYS D 109 -44.25 -0.97 -32.01
N HIS D 110 -43.50 -1.05 -33.11
CA HIS D 110 -43.86 -2.02 -34.14
C HIS D 110 -43.77 -3.42 -33.59
N ALA D 111 -42.61 -3.79 -33.02
CA ALA D 111 -42.40 -5.10 -32.42
C ALA D 111 -43.44 -5.41 -31.37
N VAL D 112 -43.90 -4.37 -30.66
CA VAL D 112 -45.09 -4.51 -29.83
C VAL D 112 -46.29 -4.94 -30.67
N SER D 113 -46.50 -4.27 -31.81
CA SER D 113 -47.71 -4.55 -32.59
C SER D 113 -47.70 -5.97 -33.16
N GLU D 114 -46.60 -6.38 -33.81
CA GLU D 114 -46.55 -7.77 -34.28
C GLU D 114 -46.50 -8.76 -33.12
N GLY D 115 -45.91 -8.41 -31.98
CA GLY D 115 -45.87 -9.35 -30.88
C GLY D 115 -47.22 -9.60 -30.26
N THR D 116 -48.00 -8.54 -30.04
CA THR D 116 -49.38 -8.73 -29.58
C THR D 116 -50.23 -9.43 -30.62
N LYS D 117 -50.06 -9.11 -31.89
CA LYS D 117 -50.81 -9.82 -32.93
C LYS D 117 -50.47 -11.30 -32.92
N ALA D 118 -49.18 -11.61 -32.75
CA ALA D 118 -48.72 -12.99 -32.69
C ALA D 118 -49.28 -13.72 -31.48
N VAL D 119 -49.28 -13.06 -30.32
CA VAL D 119 -49.74 -13.79 -29.13
C VAL D 119 -51.25 -13.90 -29.12
N THR D 120 -51.97 -13.00 -29.80
CA THR D 120 -53.40 -13.21 -29.97
C THR D 120 -53.70 -14.37 -30.91
N LYS D 121 -53.02 -14.42 -32.06
CA LYS D 121 -53.34 -15.50 -32.99
C LYS D 121 -52.75 -16.83 -32.55
N TYR D 122 -51.75 -16.81 -31.66
CA TYR D 122 -51.34 -18.01 -30.96
C TYR D 122 -52.30 -18.38 -29.84
N THR D 123 -52.86 -17.37 -29.17
CA THR D 123 -53.86 -17.61 -28.14
C THR D 123 -55.11 -18.24 -28.74
N SER D 124 -55.46 -17.83 -29.96
CA SER D 124 -56.52 -18.45 -30.72
C SER D 124 -56.06 -19.70 -31.47
N ALA D 125 -54.89 -20.24 -31.12
CA ALA D 125 -54.31 -21.45 -31.68
C ALA D 125 -54.17 -21.39 -33.20
N LYS E 38 8.47 14.45 -66.32
CA LYS E 38 8.00 14.51 -64.95
C LYS E 38 6.92 13.46 -64.69
N PRO E 39 7.21 12.52 -63.79
CA PRO E 39 6.19 11.53 -63.40
C PRO E 39 5.01 12.19 -62.71
N HIS E 40 3.83 11.63 -62.93
CA HIS E 40 2.61 12.17 -62.36
C HIS E 40 2.57 11.85 -60.87
N ARG E 41 2.65 12.89 -60.04
CA ARG E 41 2.76 12.74 -58.59
C ARG E 41 1.58 13.43 -57.93
N TYR E 42 0.92 12.73 -57.03
CA TYR E 42 -0.29 13.25 -56.41
C TYR E 42 0.06 14.14 -55.23
N ARG E 43 -0.81 15.11 -54.94
CA ARG E 43 -0.60 16.05 -53.86
C ARG E 43 -0.72 15.34 -52.50
N PRO E 44 -0.13 15.90 -51.44
CA PRO E 44 -0.21 15.22 -50.12
C PRO E 44 -1.63 15.11 -49.62
N GLY E 45 -2.01 13.89 -49.24
CA GLY E 45 -3.35 13.57 -48.85
C GLY E 45 -4.16 12.90 -49.93
N THR E 46 -3.85 13.16 -51.21
CA THR E 46 -4.64 12.63 -52.31
C THR E 46 -4.61 11.11 -52.34
N VAL E 47 -3.41 10.54 -52.27
CA VAL E 47 -3.30 9.09 -52.11
C VAL E 47 -3.78 8.67 -50.73
N ALA E 48 -3.61 9.53 -49.73
CA ALA E 48 -4.10 9.21 -48.39
C ALA E 48 -5.63 9.16 -48.37
N LEU E 49 -6.29 10.15 -48.97
CA LEU E 49 -7.74 10.10 -49.07
C LEU E 49 -8.23 8.98 -49.98
N ARG E 50 -7.47 8.65 -51.02
CA ARG E 50 -7.84 7.51 -51.86
C ARG E 50 -7.76 6.22 -51.07
N GLU E 51 -6.71 6.08 -50.25
CA GLU E 51 -6.60 4.94 -49.34
C GLU E 51 -7.72 4.95 -48.31
N ILE E 52 -8.12 6.13 -47.85
CA ILE E 52 -9.24 6.25 -46.92
C ILE E 52 -10.50 5.70 -47.53
N ARG E 53 -10.80 6.12 -48.76
CA ARG E 53 -11.99 5.65 -49.46
C ARG E 53 -11.91 4.16 -49.73
N ARG E 54 -10.71 3.66 -50.07
CA ARG E 54 -10.53 2.26 -50.37
C ARG E 54 -10.70 1.40 -49.13
N TYR E 55 -10.10 1.79 -48.02
CA TYR E 55 -10.14 0.95 -46.84
C TYR E 55 -11.43 1.10 -46.06
N GLN E 56 -12.11 2.24 -46.21
CA GLN E 56 -13.50 2.29 -45.78
C GLN E 56 -14.37 1.42 -46.66
N LYS E 57 -14.08 1.38 -47.97
CA LYS E 57 -14.75 0.44 -48.85
C LYS E 57 -14.38 -1.00 -48.50
N SER E 58 -13.10 -1.24 -48.21
CA SER E 58 -12.66 -2.60 -47.97
C SER E 58 -13.09 -3.06 -46.58
N THR E 59 -13.17 -4.37 -46.42
CA THR E 59 -13.53 -4.99 -45.15
C THR E 59 -12.46 -5.90 -44.58
N GLU E 60 -11.39 -6.16 -45.32
CA GLU E 60 -10.41 -7.16 -44.92
C GLU E 60 -9.50 -6.63 -43.82
N LEU E 61 -8.72 -7.56 -43.26
CA LEU E 61 -7.80 -7.24 -42.19
C LEU E 61 -6.56 -6.52 -42.74
N LEU E 62 -6.02 -5.62 -41.92
CA LEU E 62 -4.86 -4.83 -42.31
C LEU E 62 -3.59 -5.25 -41.58
N ILE E 63 -3.67 -6.23 -40.69
CA ILE E 63 -2.53 -6.71 -39.91
C ILE E 63 -2.08 -8.04 -40.49
N ARG E 64 -0.77 -8.24 -40.56
CA ARG E 64 -0.24 -9.57 -40.87
C ARG E 64 -0.62 -10.56 -39.78
N LYS E 65 -1.08 -11.73 -40.19
CA LYS E 65 -1.65 -12.67 -39.23
C LYS E 65 -0.57 -13.36 -38.40
N LEU E 66 0.59 -13.66 -38.99
CA LEU E 66 1.57 -14.47 -38.28
C LEU E 66 2.45 -13.66 -37.32
N PRO E 67 2.95 -12.46 -37.67
CA PRO E 67 3.57 -11.64 -36.61
C PRO E 67 2.61 -11.23 -35.51
N PHE E 68 1.34 -11.01 -35.85
CA PHE E 68 0.32 -10.79 -34.82
C PHE E 68 0.18 -12.02 -33.93
N GLN E 69 0.17 -13.21 -34.53
CA GLN E 69 0.09 -14.45 -33.78
C GLN E 69 1.32 -14.63 -32.89
N ARG E 70 2.49 -14.24 -33.41
CA ARG E 70 3.70 -14.26 -32.60
C ARG E 70 3.58 -13.33 -31.40
N LEU E 71 3.01 -12.15 -31.61
CA LEU E 71 2.83 -11.21 -30.49
C LEU E 71 1.82 -11.76 -29.49
N VAL E 72 0.77 -12.42 -29.98
CA VAL E 72 -0.23 -13.03 -29.10
C VAL E 72 0.40 -14.11 -28.24
N ARG E 73 1.19 -14.99 -28.86
CA ARG E 73 1.85 -16.05 -28.10
C ARG E 73 2.91 -15.48 -27.17
N GLU E 74 3.56 -14.39 -27.58
CA GLU E 74 4.56 -13.73 -26.76
C GLU E 74 3.96 -13.17 -25.48
N ILE E 75 2.86 -12.43 -25.61
CA ILE E 75 2.22 -11.89 -24.42
C ILE E 75 1.49 -12.98 -23.64
N ALA E 76 1.08 -14.06 -24.31
CA ALA E 76 0.47 -15.19 -23.62
C ALA E 76 1.47 -15.87 -22.69
N GLN E 77 2.68 -16.13 -23.19
CA GLN E 77 3.68 -16.74 -22.33
C GLN E 77 4.19 -15.78 -21.27
N ASP E 78 3.97 -14.48 -21.44
CA ASP E 78 4.24 -13.53 -20.37
C ASP E 78 3.28 -13.69 -19.20
N PHE E 79 2.12 -14.31 -19.41
CA PHE E 79 1.21 -14.62 -18.32
C PHE E 79 1.32 -16.08 -17.88
N LYS E 80 1.19 -17.01 -18.81
CA LYS E 80 1.48 -18.40 -18.52
C LYS E 80 2.15 -18.97 -19.75
N THR E 81 3.32 -19.57 -19.56
CA THR E 81 4.17 -19.96 -20.67
C THR E 81 3.58 -21.13 -21.44
N ASP E 82 3.66 -21.04 -22.78
CA ASP E 82 3.29 -22.12 -23.71
C ASP E 82 1.80 -22.42 -23.67
N LEU E 83 1.01 -21.50 -24.20
CA LEU E 83 -0.37 -21.78 -24.58
C LEU E 83 -0.44 -22.24 -26.03
N ARG E 84 -1.54 -22.91 -26.37
CA ARG E 84 -1.89 -23.18 -27.75
C ARG E 84 -3.03 -22.26 -28.16
N PHE E 85 -2.98 -21.78 -29.40
CA PHE E 85 -3.94 -20.81 -29.88
C PHE E 85 -4.59 -21.30 -31.16
N GLN E 86 -5.92 -21.29 -31.18
CA GLN E 86 -6.65 -21.45 -32.42
C GLN E 86 -6.37 -20.25 -33.31
N SER E 87 -6.16 -20.51 -34.59
CA SER E 87 -5.90 -19.43 -35.54
C SER E 87 -7.11 -18.50 -35.64
N SER E 88 -8.31 -19.08 -35.59
CA SER E 88 -9.53 -18.28 -35.62
C SER E 88 -9.59 -17.32 -34.44
N ALA E 89 -9.09 -17.75 -33.28
CA ALA E 89 -8.95 -16.83 -32.16
C ALA E 89 -7.98 -15.71 -32.47
N VAL E 90 -6.90 -16.02 -33.21
CA VAL E 90 -5.93 -15.00 -33.58
C VAL E 90 -6.55 -13.97 -34.52
N MET E 91 -7.30 -14.43 -35.52
CA MET E 91 -7.96 -13.45 -36.39
C MET E 91 -9.08 -12.71 -35.66
N ALA E 92 -9.73 -13.34 -34.68
CA ALA E 92 -10.73 -12.64 -33.89
C ALA E 92 -10.10 -11.51 -33.08
N LEU E 93 -8.95 -11.78 -32.46
CA LEU E 93 -8.18 -10.74 -31.80
C LEU E 93 -7.75 -9.67 -32.78
N GLN E 94 -7.34 -10.08 -33.97
CA GLN E 94 -6.93 -9.14 -35.01
C GLN E 94 -8.05 -8.16 -35.37
N GLU E 95 -9.23 -8.69 -35.66
CA GLU E 95 -10.32 -7.83 -36.09
C GLU E 95 -10.90 -7.01 -34.94
N ALA E 96 -10.88 -7.56 -33.72
CA ALA E 96 -11.30 -6.77 -32.57
C ALA E 96 -10.35 -5.61 -32.32
N SER E 97 -9.05 -5.87 -32.44
CA SER E 97 -8.06 -4.80 -32.32
C SER E 97 -8.24 -3.76 -33.40
N GLU E 98 -8.51 -4.21 -34.63
CA GLU E 98 -8.71 -3.27 -35.73
C GLU E 98 -9.94 -2.41 -35.51
N ALA E 99 -11.03 -3.01 -35.02
CA ALA E 99 -12.24 -2.25 -34.74
C ALA E 99 -12.00 -1.24 -33.62
N TYR E 100 -11.28 -1.65 -32.58
CA TYR E 100 -10.97 -0.75 -31.48
C TYR E 100 -10.11 0.41 -31.94
N LEU E 101 -9.12 0.13 -32.78
CA LEU E 101 -8.27 1.18 -33.33
C LEU E 101 -9.05 2.13 -34.23
N VAL E 102 -9.95 1.59 -35.05
CA VAL E 102 -10.78 2.41 -35.91
C VAL E 102 -11.66 3.34 -35.08
N GLY E 103 -12.28 2.80 -34.03
CA GLY E 103 -13.10 3.63 -33.17
C GLY E 103 -12.33 4.71 -32.45
N LEU E 104 -11.15 4.37 -31.94
CA LEU E 104 -10.41 5.37 -31.19
C LEU E 104 -9.74 6.38 -32.11
N PHE E 105 -9.38 6.01 -33.34
CA PHE E 105 -8.98 7.01 -34.31
C PHE E 105 -10.15 7.87 -34.79
N GLU E 106 -11.37 7.34 -34.80
CA GLU E 106 -12.50 8.19 -35.12
C GLU E 106 -12.69 9.25 -34.05
N ASP E 107 -12.61 8.83 -32.79
CA ASP E 107 -12.68 9.78 -31.68
C ASP E 107 -11.48 10.72 -31.69
N THR E 108 -10.31 10.21 -32.04
CA THR E 108 -9.09 10.99 -32.12
C THR E 108 -9.19 12.05 -33.22
N ASN E 109 -9.76 11.68 -34.36
CA ASN E 109 -9.97 12.62 -35.45
C ASN E 109 -10.98 13.68 -35.04
N LEU E 110 -12.04 13.28 -34.33
CA LEU E 110 -13.01 14.24 -33.83
C LEU E 110 -12.37 15.22 -32.87
N ALA E 111 -11.50 14.72 -31.99
CA ALA E 111 -10.80 15.59 -31.05
C ALA E 111 -9.82 16.51 -31.77
N ALA E 112 -9.09 15.99 -32.75
CA ALA E 112 -8.09 16.78 -33.45
C ALA E 112 -8.74 17.88 -34.29
N ILE E 113 -9.86 17.56 -34.94
CA ILE E 113 -10.69 18.60 -35.56
C ILE E 113 -11.14 19.59 -34.51
N HIS E 114 -11.58 19.08 -33.36
CA HIS E 114 -11.97 19.94 -32.26
C HIS E 114 -10.78 20.66 -31.67
N ALA E 115 -9.59 20.05 -31.73
CA ALA E 115 -8.35 20.72 -31.38
C ALA E 115 -7.76 21.50 -32.54
N LYS E 116 -8.57 21.77 -33.58
CA LYS E 116 -8.22 22.65 -34.69
C LYS E 116 -7.02 22.13 -35.48
N ARG E 117 -6.91 20.81 -35.57
CA ARG E 117 -5.82 20.15 -36.28
C ARG E 117 -6.36 19.12 -37.25
N VAL E 118 -5.51 18.72 -38.19
CA VAL E 118 -5.80 17.57 -39.05
C VAL E 118 -4.75 16.49 -38.93
N THR E 119 -3.52 16.81 -38.54
CA THR E 119 -2.56 15.81 -38.10
C THR E 119 -2.91 15.43 -36.67
N ILE E 120 -3.30 14.19 -36.45
CA ILE E 120 -3.65 13.76 -35.11
C ILE E 120 -2.39 13.57 -34.28
N MET E 121 -2.53 13.72 -32.98
CA MET E 121 -1.44 13.63 -32.03
C MET E 121 -1.79 12.69 -30.91
N PRO E 122 -0.79 12.12 -30.23
CA PRO E 122 -1.08 11.23 -29.09
C PRO E 122 -1.81 11.92 -27.95
N LYS E 123 -1.74 13.25 -27.86
CA LYS E 123 -2.55 13.97 -26.89
C LYS E 123 -4.04 13.79 -27.18
N ASP E 124 -4.41 13.72 -28.47
CA ASP E 124 -5.80 13.41 -28.83
C ASP E 124 -6.18 12.00 -28.39
N ILE E 125 -5.27 11.05 -28.58
CA ILE E 125 -5.53 9.66 -28.23
C ILE E 125 -5.67 9.51 -26.72
N GLN E 126 -4.81 10.18 -25.96
CA GLN E 126 -4.90 10.17 -24.51
C GLN E 126 -6.19 10.83 -24.04
N LEU E 127 -6.57 11.94 -24.66
CA LEU E 127 -7.80 12.63 -24.28
C LEU E 127 -9.02 11.75 -24.54
N ALA E 128 -9.06 11.12 -25.71
CA ALA E 128 -10.17 10.22 -26.03
C ALA E 128 -10.18 9.01 -25.11
N ARG E 129 -8.99 8.55 -24.71
CA ARG E 129 -8.89 7.46 -23.75
C ARG E 129 -9.46 7.87 -22.40
N ARG E 130 -9.21 9.12 -22.00
CA ARG E 130 -9.80 9.62 -20.76
C ARG E 130 -11.31 9.72 -20.87
N ILE E 131 -11.80 10.27 -21.99
CA ILE E 131 -13.23 10.53 -22.15
C ILE E 131 -14.01 9.23 -22.22
N ARG E 132 -13.45 8.22 -22.89
CA ARG E 132 -14.13 6.94 -23.03
C ARG E 132 -14.23 6.18 -21.72
N GLY E 133 -13.51 6.61 -20.68
CA GLY E 133 -13.70 6.05 -19.36
C GLY E 133 -12.69 4.98 -19.01
N GLU E 134 -11.44 5.17 -19.39
CA GLU E 134 -10.38 4.25 -19.01
C GLU E 134 -9.06 4.98 -18.84
N LYS F 21 12.14 -20.29 -28.71
CA LYS F 21 11.34 -20.51 -27.51
C LYS F 21 10.64 -19.23 -27.07
N VAL F 22 11.41 -18.28 -26.53
CA VAL F 22 10.83 -17.03 -26.06
C VAL F 22 10.76 -16.03 -27.22
N LEU F 23 9.92 -15.01 -27.04
CA LEU F 23 9.79 -13.92 -27.98
C LEU F 23 9.89 -12.61 -27.21
N ARG F 24 10.58 -11.64 -27.80
CA ARG F 24 10.88 -10.39 -27.13
C ARG F 24 10.31 -9.16 -27.81
N ASP F 25 10.20 -9.15 -29.14
CA ASP F 25 9.71 -7.97 -29.85
C ASP F 25 8.85 -8.42 -31.03
N ASN F 26 7.54 -8.45 -30.81
CA ASN F 26 6.59 -8.60 -31.90
C ASN F 26 5.52 -7.50 -31.87
N ILE F 27 5.61 -6.57 -30.92
CA ILE F 27 4.80 -5.36 -30.97
C ILE F 27 5.18 -4.52 -32.18
N GLN F 28 6.45 -4.52 -32.56
CA GLN F 28 6.87 -3.91 -33.81
C GLN F 28 6.49 -4.77 -35.02
N GLY F 29 6.09 -6.02 -34.79
CA GLY F 29 5.49 -6.82 -35.85
C GLY F 29 4.16 -6.29 -36.31
N ILE F 30 3.48 -5.51 -35.48
CA ILE F 30 2.35 -4.71 -35.91
C ILE F 30 2.93 -3.49 -36.58
N THR F 31 3.07 -3.55 -37.90
CA THR F 31 3.94 -2.62 -38.61
C THR F 31 3.29 -1.25 -38.75
N LYS F 32 4.15 -0.25 -38.97
CA LYS F 32 3.68 1.10 -39.22
C LYS F 32 2.77 1.25 -40.43
N PRO F 33 3.04 0.66 -41.62
CA PRO F 33 2.05 0.80 -42.71
C PRO F 33 0.70 0.17 -42.39
N ALA F 34 0.66 -0.87 -41.56
CA ALA F 34 -0.61 -1.40 -41.10
C ALA F 34 -1.38 -0.38 -40.29
N ILE F 35 -0.67 0.35 -39.42
CA ILE F 35 -1.26 1.45 -38.66
C ILE F 35 -1.76 2.54 -39.61
N ARG F 36 -0.99 2.82 -40.65
CA ARG F 36 -1.35 3.82 -41.65
C ARG F 36 -2.65 3.43 -42.35
N ARG F 37 -2.75 2.16 -42.74
CA ARG F 37 -3.95 1.66 -43.41
C ARG F 37 -5.15 1.67 -42.48
N LEU F 38 -4.94 1.34 -41.21
CA LEU F 38 -6.03 1.43 -40.23
C LEU F 38 -6.53 2.86 -40.07
N ALA F 39 -5.61 3.83 -40.07
CA ALA F 39 -6.01 5.22 -40.02
C ALA F 39 -6.74 5.64 -41.28
N ARG F 40 -6.40 5.02 -42.41
CA ARG F 40 -7.20 5.24 -43.62
C ARG F 40 -8.61 4.69 -43.43
N ARG F 41 -8.72 3.50 -42.85
CA ARG F 41 -10.03 2.99 -42.48
C ARG F 41 -10.63 3.82 -41.35
N GLY F 42 -9.78 4.31 -40.45
CA GLY F 42 -10.20 5.22 -39.41
C GLY F 42 -10.41 6.64 -39.85
N GLY F 43 -10.13 6.95 -41.11
CA GLY F 43 -10.38 8.27 -41.65
C GLY F 43 -9.28 9.28 -41.40
N VAL F 44 -8.17 8.88 -40.82
CA VAL F 44 -7.06 9.78 -40.54
C VAL F 44 -6.12 9.77 -41.74
N LYS F 45 -5.89 10.95 -42.31
CA LYS F 45 -4.98 11.06 -43.44
C LYS F 45 -3.55 11.37 -43.00
N ARG F 46 -3.36 12.20 -41.97
CA ARG F 46 -2.04 12.60 -41.54
C ARG F 46 -1.78 12.13 -40.13
N ILE F 47 -0.67 11.42 -39.96
CA ILE F 47 -0.42 10.58 -38.80
C ILE F 47 0.93 11.03 -38.26
N SER F 48 0.95 11.62 -37.08
CA SER F 48 2.20 12.15 -36.54
C SER F 48 3.20 11.04 -36.26
N GLY F 49 4.47 11.42 -36.16
CA GLY F 49 5.51 10.46 -35.88
C GLY F 49 5.38 9.87 -34.49
N LEU F 50 4.80 10.62 -33.56
CA LEU F 50 4.57 10.13 -32.22
C LEU F 50 3.34 9.25 -32.11
N ILE F 51 2.50 9.22 -33.15
CA ILE F 51 1.28 8.40 -33.14
C ILE F 51 1.61 6.93 -33.01
N TYR F 52 2.62 6.46 -33.77
CA TYR F 52 2.83 5.03 -33.95
C TYR F 52 3.16 4.33 -32.63
N GLU F 53 4.04 4.92 -31.82
CA GLU F 53 4.36 4.30 -30.55
C GLU F 53 3.24 4.44 -29.54
N GLU F 54 2.51 5.55 -29.58
CA GLU F 54 1.29 5.68 -28.78
C GLU F 54 0.29 4.59 -29.09
N THR F 55 0.05 4.33 -30.38
CA THR F 55 -0.89 3.30 -30.79
C THR F 55 -0.40 1.93 -30.38
N ARG F 56 0.90 1.67 -30.55
CA ARG F 56 1.46 0.39 -30.13
C ARG F 56 1.29 0.18 -28.63
N GLY F 57 1.53 1.22 -27.84
CA GLY F 57 1.35 1.11 -26.41
C GLY F 57 -0.09 0.90 -26.00
N VAL F 58 -1.03 1.61 -26.64
CA VAL F 58 -2.40 1.48 -26.20
C VAL F 58 -3.00 0.14 -26.66
N LEU F 59 -2.67 -0.32 -27.87
CA LEU F 59 -3.16 -1.62 -28.29
C LEU F 59 -2.48 -2.71 -27.48
N LYS F 60 -1.24 -2.44 -27.06
CA LYS F 60 -0.52 -3.32 -26.16
C LYS F 60 -1.31 -3.51 -24.87
N VAL F 61 -1.52 -2.42 -24.13
CA VAL F 61 -2.16 -2.51 -22.82
C VAL F 61 -3.56 -3.06 -22.94
N PHE F 62 -4.28 -2.69 -24.02
CA PHE F 62 -5.58 -3.28 -24.27
C PHE F 62 -5.50 -4.77 -24.54
N LEU F 63 -4.44 -5.23 -25.19
CA LEU F 63 -4.37 -6.65 -25.46
C LEU F 63 -4.00 -7.43 -24.21
N GLU F 64 -3.23 -6.84 -23.27
CA GLU F 64 -3.12 -7.58 -22.00
C GLU F 64 -4.45 -7.56 -21.24
N ASN F 65 -5.22 -6.46 -21.33
CA ASN F 65 -6.54 -6.47 -20.70
C ASN F 65 -7.45 -7.54 -21.31
N VAL F 66 -7.29 -7.81 -22.59
CA VAL F 66 -8.09 -8.85 -23.21
C VAL F 66 -7.57 -10.23 -22.83
N ILE F 67 -6.27 -10.47 -23.01
CA ILE F 67 -5.77 -11.84 -22.91
C ILE F 67 -5.69 -12.27 -21.45
N ARG F 68 -5.63 -11.33 -20.51
CA ARG F 68 -5.68 -11.69 -19.10
C ARG F 68 -7.03 -12.28 -18.75
N ASP F 69 -8.10 -11.64 -19.21
CA ASP F 69 -9.44 -12.17 -19.02
C ASP F 69 -9.59 -13.50 -19.76
N ALA F 70 -8.98 -13.57 -20.95
CA ALA F 70 -9.06 -14.78 -21.75
C ALA F 70 -8.37 -15.96 -21.08
N VAL F 71 -7.17 -15.75 -20.53
CA VAL F 71 -6.48 -16.84 -19.87
C VAL F 71 -7.18 -17.20 -18.57
N THR F 72 -7.77 -16.21 -17.90
CA THR F 72 -8.54 -16.49 -16.70
C THR F 72 -9.71 -17.41 -17.01
N TYR F 73 -10.39 -17.14 -18.13
CA TYR F 73 -11.36 -18.08 -18.68
C TYR F 73 -10.73 -19.43 -18.98
N THR F 74 -9.51 -19.42 -19.52
CA THR F 74 -8.93 -20.62 -20.13
C THR F 74 -8.58 -21.68 -19.09
N GLU F 75 -7.80 -21.32 -18.07
CA GLU F 75 -7.70 -22.33 -17.01
C GLU F 75 -8.83 -22.25 -15.99
N HIS F 76 -9.78 -21.34 -16.11
CA HIS F 76 -11.03 -21.64 -15.43
C HIS F 76 -11.81 -22.71 -16.17
N ALA F 77 -11.56 -22.85 -17.48
CA ALA F 77 -12.12 -23.96 -18.24
C ALA F 77 -11.27 -25.22 -18.15
N LYS F 78 -10.16 -25.18 -17.42
CA LYS F 78 -9.18 -26.28 -17.31
C LYS F 78 -8.65 -26.70 -18.68
N ARG F 79 -8.53 -25.77 -19.61
CA ARG F 79 -8.00 -26.06 -20.94
C ARG F 79 -6.61 -25.46 -21.09
N LYS F 80 -5.93 -25.90 -22.16
CA LYS F 80 -4.59 -25.42 -22.48
C LYS F 80 -4.53 -24.80 -23.87
N THR F 81 -5.54 -25.05 -24.71
CA THR F 81 -5.62 -24.47 -26.04
C THR F 81 -6.64 -23.33 -26.02
N VAL F 82 -6.21 -22.16 -26.46
CA VAL F 82 -7.05 -20.96 -26.37
C VAL F 82 -8.06 -20.94 -27.50
N THR F 83 -9.33 -20.78 -27.15
CA THR F 83 -10.42 -20.73 -28.12
C THR F 83 -10.89 -19.30 -28.36
N ALA F 84 -11.58 -19.11 -29.49
CA ALA F 84 -12.09 -17.79 -29.84
C ALA F 84 -13.32 -17.40 -29.00
N MET F 85 -14.08 -18.39 -28.53
CA MET F 85 -15.25 -18.11 -27.71
C MET F 85 -14.88 -17.51 -26.36
N ASP F 86 -13.69 -17.87 -25.84
CA ASP F 86 -13.14 -17.16 -24.69
C ASP F 86 -12.84 -15.71 -25.03
N VAL F 87 -12.30 -15.46 -26.23
CA VAL F 87 -12.03 -14.09 -26.69
C VAL F 87 -13.33 -13.30 -26.77
N VAL F 88 -14.40 -13.95 -27.23
CA VAL F 88 -15.70 -13.30 -27.32
C VAL F 88 -16.20 -12.89 -25.94
N TYR F 89 -16.07 -13.80 -24.96
CA TYR F 89 -16.51 -13.49 -23.61
C TYR F 89 -15.71 -12.34 -23.01
N ALA F 90 -14.38 -12.38 -23.21
CA ALA F 90 -13.51 -11.35 -22.66
C ALA F 90 -13.78 -10.00 -23.30
N LEU F 91 -14.12 -9.99 -24.59
CA LEU F 91 -14.41 -8.73 -25.25
C LEU F 91 -15.75 -8.15 -24.78
N LYS F 92 -16.82 -8.94 -24.81
CA LYS F 92 -18.11 -8.38 -24.45
C LYS F 92 -18.23 -8.15 -22.94
N ARG F 93 -17.33 -8.73 -22.14
CA ARG F 93 -17.13 -8.22 -20.78
C ARG F 93 -16.67 -6.76 -20.81
N GLN F 94 -15.74 -6.44 -21.71
CA GLN F 94 -15.19 -5.10 -21.83
C GLN F 94 -16.03 -4.19 -22.72
N GLY F 95 -17.32 -4.48 -22.87
CA GLY F 95 -18.17 -3.69 -23.74
C GLY F 95 -17.83 -3.82 -25.21
N ARG F 96 -17.37 -4.99 -25.63
CA ARG F 96 -16.97 -5.22 -27.01
C ARG F 96 -17.72 -6.40 -27.61
N THR F 97 -19.05 -6.34 -27.61
CA THR F 97 -19.86 -7.41 -28.16
C THR F 97 -19.51 -7.68 -29.61
N LEU F 98 -19.17 -8.92 -29.90
CA LEU F 98 -18.60 -9.31 -31.18
C LEU F 98 -19.62 -10.10 -31.97
N TYR F 99 -19.76 -9.79 -33.24
CA TYR F 99 -20.59 -10.57 -34.15
C TYR F 99 -19.70 -11.20 -35.20
N GLY F 100 -19.76 -12.53 -35.30
CA GLY F 100 -19.01 -13.23 -36.33
C GLY F 100 -18.22 -14.43 -35.87
N PHE F 101 -18.17 -14.67 -34.56
CA PHE F 101 -17.45 -15.85 -34.08
C PHE F 101 -18.16 -16.53 -32.92
N GLY F 102 -19.41 -16.19 -32.65
CA GLY F 102 -20.10 -16.75 -31.50
C GLY F 102 -20.49 -18.20 -31.72
N GLY F 103 -20.48 -18.97 -30.64
CA GLY F 103 -20.85 -20.37 -30.68
C GLY F 103 -19.74 -21.26 -31.21
N ALA G 28 -29.78 -33.55 22.50
CA ALA G 28 -30.87 -33.54 21.53
C ALA G 28 -30.42 -32.92 20.21
N ARG G 29 -29.71 -31.80 20.31
CA ARG G 29 -29.22 -31.08 19.15
C ARG G 29 -27.89 -30.42 19.50
N ALA G 30 -26.96 -30.43 18.53
CA ALA G 30 -25.70 -29.72 18.70
C ALA G 30 -25.96 -28.22 18.67
N LYS G 31 -25.28 -27.49 19.56
CA LYS G 31 -25.51 -26.06 19.66
C LYS G 31 -24.80 -25.40 18.49
N ALA G 32 -25.52 -24.54 17.78
CA ALA G 32 -25.09 -24.07 16.48
C ALA G 32 -24.23 -22.83 16.57
N LYS G 33 -23.25 -22.75 15.68
CA LYS G 33 -22.50 -21.54 15.37
C LYS G 33 -22.96 -21.04 14.01
N THR G 34 -22.87 -19.73 13.79
CA THR G 34 -23.11 -19.25 12.44
C THR G 34 -21.93 -19.67 11.57
N ARG G 35 -22.22 -19.88 10.29
CA ARG G 35 -21.14 -20.12 9.34
C ARG G 35 -20.28 -18.88 9.14
N SER G 36 -20.82 -17.70 9.46
CA SER G 36 -19.99 -16.50 9.59
C SER G 36 -18.99 -16.66 10.73
N SER G 37 -19.44 -17.18 11.87
CA SER G 37 -18.53 -17.45 12.97
C SER G 37 -17.60 -18.62 12.65
N ARG G 38 -18.08 -19.59 11.87
CA ARG G 38 -17.20 -20.68 11.44
C ARG G 38 -16.09 -20.18 10.54
N ALA G 39 -16.41 -19.25 9.65
CA ALA G 39 -15.35 -18.50 8.97
C ALA G 39 -14.67 -17.53 9.91
N GLY G 40 -15.34 -17.12 10.99
CA GLY G 40 -14.82 -16.05 11.81
C GLY G 40 -14.87 -14.73 11.10
N LEU G 41 -15.81 -14.56 10.19
CA LEU G 41 -15.99 -13.31 9.46
C LEU G 41 -17.34 -12.72 9.83
N GLN G 42 -17.43 -11.40 9.72
CA GLN G 42 -18.60 -10.70 10.28
C GLN G 42 -19.79 -10.70 9.31
N PHE G 43 -19.53 -10.80 8.01
CA PHE G 43 -20.62 -10.77 7.04
C PHE G 43 -21.49 -12.02 7.16
N PRO G 44 -22.80 -11.88 7.03
CA PRO G 44 -23.69 -13.05 7.20
C PRO G 44 -23.58 -14.05 6.06
N VAL G 45 -22.95 -15.19 6.34
CA VAL G 45 -22.78 -16.23 5.34
C VAL G 45 -24.12 -16.81 4.93
N GLY G 46 -25.04 -16.98 5.89
CA GLY G 46 -26.37 -17.44 5.56
C GLY G 46 -27.11 -16.48 4.65
N ARG G 47 -27.00 -15.19 4.93
CA ARG G 47 -27.70 -14.18 4.11
C ARG G 47 -27.11 -14.10 2.71
N VAL G 48 -25.77 -14.12 2.60
CA VAL G 48 -25.14 -14.06 1.29
C VAL G 48 -25.48 -15.31 0.48
N HIS G 49 -25.48 -16.48 1.13
CA HIS G 49 -25.81 -17.71 0.43
C HIS G 49 -27.26 -17.73 -0.04
N ARG G 50 -28.19 -17.27 0.80
CA ARG G 50 -29.59 -17.28 0.37
C ARG G 50 -29.87 -16.22 -0.68
N LEU G 51 -29.16 -15.09 -0.64
CA LEU G 51 -29.33 -14.11 -1.71
C LEU G 51 -28.68 -14.59 -3.00
N LEU G 52 -27.67 -15.44 -2.92
CA LEU G 52 -27.13 -16.06 -4.12
C LEU G 52 -28.09 -17.10 -4.67
N ARG G 53 -28.64 -17.96 -3.82
CA ARG G 53 -29.51 -19.03 -4.30
C ARG G 53 -30.85 -18.51 -4.81
N LYS G 54 -31.31 -17.37 -4.28
CA LYS G 54 -32.56 -16.79 -4.73
C LYS G 54 -32.36 -15.65 -5.71
N GLY G 55 -31.14 -15.39 -6.13
CA GLY G 55 -30.86 -14.36 -7.12
C GLY G 55 -30.86 -14.81 -8.56
N ASN G 56 -31.16 -16.08 -8.84
CA ASN G 56 -31.20 -16.66 -10.18
C ASN G 56 -29.84 -16.53 -10.89
N TYR G 57 -28.85 -17.21 -10.34
CA TYR G 57 -27.52 -17.34 -10.95
C TYR G 57 -27.12 -18.79 -11.17
N SER G 58 -27.42 -19.66 -10.20
CA SER G 58 -27.42 -21.11 -10.38
C SER G 58 -28.33 -21.69 -9.32
N GLU G 59 -29.02 -22.77 -9.68
CA GLU G 59 -29.88 -23.45 -8.72
C GLU G 59 -29.07 -24.12 -7.62
N ARG G 60 -27.83 -24.48 -7.91
CA ARG G 60 -26.96 -25.18 -6.98
C ARG G 60 -25.68 -24.38 -6.84
N VAL G 61 -25.19 -24.22 -5.62
CA VAL G 61 -24.05 -23.35 -5.34
C VAL G 61 -23.03 -24.12 -4.51
N GLY G 62 -21.78 -24.16 -4.97
CA GLY G 62 -20.72 -24.80 -4.22
C GLY G 62 -20.46 -24.10 -2.90
N ALA G 63 -19.95 -24.87 -1.93
CA ALA G 63 -19.85 -24.40 -0.56
C ALA G 63 -18.86 -23.27 -0.41
N GLY G 64 -17.77 -23.31 -1.17
CA GLY G 64 -16.77 -22.26 -1.05
C GLY G 64 -17.16 -20.94 -1.67
N ALA G 65 -18.17 -20.96 -2.55
CA ALA G 65 -18.57 -19.73 -3.24
C ALA G 65 -19.08 -18.63 -2.32
N PRO G 66 -20.08 -18.85 -1.44
CA PRO G 66 -20.57 -17.70 -0.67
C PRO G 66 -19.60 -17.27 0.42
N VAL G 67 -18.85 -18.19 1.02
CA VAL G 67 -17.88 -17.81 2.02
C VAL G 67 -16.71 -17.07 1.38
N TYR G 68 -16.30 -17.47 0.18
CA TYR G 68 -15.25 -16.76 -0.54
C TYR G 68 -15.71 -15.36 -0.90
N LEU G 69 -16.95 -15.27 -1.41
CA LEU G 69 -17.52 -13.97 -1.76
C LEU G 69 -17.62 -13.07 -0.54
N ALA G 70 -18.08 -13.60 0.58
CA ALA G 70 -18.25 -12.80 1.79
C ALA G 70 -16.90 -12.35 2.34
N ALA G 71 -15.88 -13.20 2.24
CA ALA G 71 -14.54 -12.81 2.66
C ALA G 71 -14.01 -11.68 1.80
N VAL G 72 -14.21 -11.78 0.48
CA VAL G 72 -13.78 -10.73 -0.44
C VAL G 72 -14.50 -9.42 -0.11
N LEU G 73 -15.81 -9.50 0.07
CA LEU G 73 -16.61 -8.32 0.35
C LEU G 73 -16.21 -7.69 1.67
N GLU G 74 -16.00 -8.50 2.72
CA GLU G 74 -15.63 -7.95 4.01
C GLU G 74 -14.27 -7.30 3.95
N TYR G 75 -13.34 -7.86 3.17
CA TYR G 75 -12.05 -7.22 2.99
C TYR G 75 -12.16 -5.87 2.29
N LEU G 76 -12.95 -5.80 1.21
CA LEU G 76 -13.06 -4.53 0.49
C LEU G 76 -13.79 -3.48 1.32
N THR G 77 -14.86 -3.86 2.01
CA THR G 77 -15.52 -2.93 2.92
C THR G 77 -14.62 -2.51 4.06
N ALA G 78 -13.82 -3.43 4.60
CA ALA G 78 -12.89 -3.05 5.67
C ALA G 78 -11.84 -2.07 5.16
N GLU G 79 -11.35 -2.28 3.94
CA GLU G 79 -10.33 -1.41 3.37
C GLU G 79 -10.89 -0.01 3.12
N ILE G 80 -12.09 0.05 2.54
CA ILE G 80 -12.68 1.35 2.27
C ILE G 80 -13.11 2.03 3.57
N LEU G 81 -13.46 1.25 4.60
CA LEU G 81 -13.79 1.86 5.89
C LEU G 81 -12.55 2.38 6.60
N GLU G 82 -11.40 1.71 6.42
CA GLU G 82 -10.15 2.28 6.90
C GLU G 82 -9.83 3.59 6.20
N LEU G 83 -10.06 3.64 4.88
CA LEU G 83 -9.89 4.91 4.17
C LEU G 83 -10.86 5.97 4.66
N ALA G 84 -12.10 5.58 4.95
CA ALA G 84 -13.07 6.52 5.47
C ALA G 84 -12.66 7.04 6.84
N GLY G 85 -12.16 6.14 7.69
CA GLY G 85 -11.74 6.55 9.02
C GLY G 85 -10.56 7.49 9.02
N ASN G 86 -9.51 7.18 8.26
CA ASN G 86 -8.35 8.07 8.30
C ASN G 86 -8.59 9.36 7.52
N ALA G 87 -9.45 9.32 6.49
CA ALA G 87 -9.86 10.56 5.84
C ALA G 87 -10.68 11.43 6.78
N ALA G 88 -11.52 10.81 7.62
CA ALA G 88 -12.28 11.57 8.61
C ALA G 88 -11.36 12.17 9.66
N ARG G 89 -10.33 11.43 10.06
CA ARG G 89 -9.37 11.95 11.02
C ARG G 89 -8.53 13.07 10.42
N ASP G 90 -8.33 13.05 9.09
CA ASP G 90 -7.66 14.16 8.43
C ASP G 90 -8.47 15.45 8.52
N ASN G 91 -9.78 15.35 8.39
CA ASN G 91 -10.66 16.50 8.43
C ASN G 91 -11.11 16.87 9.84
N LYS G 92 -10.49 16.24 10.85
CA LYS G 92 -10.76 16.49 12.28
C LYS G 92 -12.20 16.16 12.63
N LYS G 93 -12.79 15.20 11.93
CA LYS G 93 -14.16 14.78 12.15
C LYS G 93 -14.16 13.34 12.66
N THR G 94 -14.89 13.11 13.75
CA THR G 94 -14.89 11.78 14.35
C THR G 94 -15.70 10.80 13.51
N ARG G 95 -16.65 11.28 12.73
CA ARG G 95 -17.62 10.43 12.07
C ARG G 95 -17.46 10.52 10.56
N ILE G 96 -17.80 9.42 9.88
CA ILE G 96 -17.64 9.36 8.44
C ILE G 96 -18.69 10.21 7.74
N ILE G 97 -18.33 10.76 6.60
CA ILE G 97 -19.27 11.47 5.74
C ILE G 97 -19.02 10.99 4.32
N PRO G 98 -20.04 11.00 3.46
CA PRO G 98 -19.79 10.65 2.05
C PRO G 98 -18.90 11.61 1.29
N ARG G 99 -18.59 12.79 1.82
CA ARG G 99 -17.47 13.54 1.27
C ARG G 99 -16.17 12.76 1.45
N HIS G 100 -15.99 12.15 2.63
CA HIS G 100 -14.82 11.30 2.83
C HIS G 100 -14.86 10.08 1.93
N LEU G 101 -16.06 9.54 1.69
CA LEU G 101 -16.19 8.41 0.78
C LEU G 101 -15.84 8.81 -0.66
N GLN G 102 -16.26 10.00 -1.08
CA GLN G 102 -15.89 10.52 -2.40
C GLN G 102 -14.38 10.69 -2.52
N LEU G 103 -13.76 11.23 -1.48
CA LEU G 103 -12.32 11.42 -1.49
C LEU G 103 -11.61 10.06 -1.48
N ALA G 104 -12.18 9.08 -0.80
CA ALA G 104 -11.53 7.78 -0.68
C ALA G 104 -11.63 6.98 -1.99
N ILE G 105 -12.81 6.99 -2.62
CA ILE G 105 -12.96 6.29 -3.90
C ILE G 105 -12.16 6.99 -4.99
N ARG G 106 -12.28 8.30 -5.09
CA ARG G 106 -11.66 9.01 -6.21
C ARG G 106 -10.15 9.14 -6.09
N ASN G 107 -9.57 8.91 -4.91
CA ASN G 107 -8.12 8.96 -4.75
C ASN G 107 -7.47 7.58 -4.70
N ASP G 108 -8.22 6.52 -4.96
CA ASP G 108 -7.67 5.19 -5.15
C ASP G 108 -7.82 4.80 -6.61
N GLU G 109 -6.72 4.35 -7.22
CA GLU G 109 -6.77 3.96 -8.62
C GLU G 109 -7.63 2.72 -8.83
N GLU G 110 -7.43 1.69 -8.01
CA GLU G 110 -8.13 0.43 -8.24
C GLU G 110 -9.60 0.53 -7.87
N LEU G 111 -9.94 1.30 -6.84
CA LEU G 111 -11.34 1.53 -6.54
C LEU G 111 -12.01 2.42 -7.57
N ASN G 112 -11.26 3.35 -8.16
CA ASN G 112 -11.78 4.12 -9.29
C ASN G 112 -12.07 3.20 -10.47
N LYS G 113 -11.17 2.25 -10.71
CA LYS G 113 -11.39 1.24 -11.74
C LYS G 113 -12.61 0.38 -11.39
N LEU G 114 -12.85 0.15 -10.10
CA LEU G 114 -14.04 -0.57 -9.68
C LEU G 114 -15.31 0.27 -9.90
N LEU G 115 -15.22 1.57 -9.64
CA LEU G 115 -16.41 2.42 -9.56
C LEU G 115 -16.26 3.66 -10.44
N GLY G 116 -15.85 3.45 -11.70
CA GLY G 116 -15.68 4.59 -12.61
C GLY G 116 -16.99 5.24 -13.00
N ARG G 117 -18.03 4.44 -13.20
CA ARG G 117 -19.33 4.92 -13.66
C ARG G 117 -20.33 5.06 -12.52
N VAL G 118 -19.86 5.03 -11.27
CA VAL G 118 -20.73 4.92 -10.11
C VAL G 118 -20.94 6.31 -9.52
N THR G 119 -22.19 6.68 -9.31
CA THR G 119 -22.55 7.98 -8.79
C THR G 119 -22.79 7.88 -7.29
N ILE G 120 -22.31 8.87 -6.55
CA ILE G 120 -22.36 8.87 -5.09
C ILE G 120 -23.24 10.02 -4.62
N ALA G 121 -24.20 9.71 -3.75
CA ALA G 121 -25.12 10.72 -3.24
C ALA G 121 -24.40 11.68 -2.30
N GLN G 122 -24.52 12.98 -2.60
CA GLN G 122 -24.00 14.08 -1.77
C GLN G 122 -22.50 13.97 -1.50
N GLY G 123 -21.75 13.48 -2.48
CA GLY G 123 -20.34 13.26 -2.27
C GLY G 123 -19.43 14.41 -2.68
N GLY G 124 -19.90 15.22 -3.64
CA GLY G 124 -19.02 16.21 -4.21
C GLY G 124 -18.08 15.58 -5.22
N VAL G 125 -16.94 16.23 -5.43
CA VAL G 125 -15.91 15.79 -6.34
C VAL G 125 -14.56 15.93 -5.65
N LEU G 126 -13.51 15.54 -6.36
CA LEU G 126 -12.17 15.88 -5.94
C LEU G 126 -11.93 17.38 -6.02
N PRO G 127 -11.14 17.92 -5.13
CA PRO G 127 -10.51 19.21 -5.41
C PRO G 127 -9.54 19.01 -6.55
N ASN G 128 -9.90 19.51 -7.73
CA ASN G 128 -9.10 19.27 -8.92
C ASN G 128 -9.20 20.50 -9.80
N ILE G 129 -8.15 21.30 -9.82
CA ILE G 129 -8.08 22.50 -10.65
C ILE G 129 -7.00 22.29 -11.68
N GLN G 130 -7.32 22.55 -12.94
CA GLN G 130 -6.35 22.36 -14.00
C GLN G 130 -5.28 23.44 -13.93
N ALA G 131 -4.12 23.11 -14.50
CA ALA G 131 -2.96 24.00 -14.41
C ALA G 131 -3.19 25.30 -15.15
N VAL G 132 -3.92 25.24 -16.26
CA VAL G 132 -4.23 26.47 -17.00
C VAL G 132 -5.24 27.31 -16.25
N LEU G 133 -6.03 26.69 -15.36
CA LEU G 133 -7.00 27.47 -14.59
C LEU G 133 -6.32 28.29 -13.51
N LEU G 134 -5.19 27.84 -13.00
CA LEU G 134 -4.49 28.55 -11.94
C LEU G 134 -3.77 29.79 -12.47
N PRO G 135 -3.71 30.85 -11.68
CA PRO G 135 -3.00 32.07 -12.12
C PRO G 135 -1.51 31.85 -12.17
N LYS G 136 -0.86 32.67 -13.02
CA LYS G 136 0.59 32.66 -13.25
C LYS G 136 1.12 31.28 -13.65
N LYS H 31 -48.24 -1.90 13.47
CA LYS H 31 -47.84 -3.13 12.78
C LYS H 31 -47.05 -2.80 11.52
N ARG H 32 -45.80 -3.28 11.48
CA ARG H 32 -44.91 -3.01 10.36
C ARG H 32 -44.19 -4.29 9.99
N SER H 33 -43.46 -4.24 8.87
CA SER H 33 -42.70 -5.37 8.36
C SER H 33 -41.21 -5.05 8.36
N ARG H 34 -40.39 -6.06 8.63
CA ARG H 34 -38.95 -5.88 8.72
C ARG H 34 -38.35 -5.58 7.35
N LYS H 35 -37.38 -4.67 7.32
CA LYS H 35 -36.58 -4.39 6.14
C LYS H 35 -35.12 -4.68 6.49
N GLU H 36 -34.48 -5.52 5.68
CA GLU H 36 -33.12 -5.93 5.96
C GLU H 36 -32.10 -4.98 5.35
N SER H 37 -30.96 -4.85 6.02
CA SER H 37 -29.85 -4.06 5.55
C SER H 37 -28.56 -4.73 6.00
N TYR H 38 -27.43 -4.15 5.63
CA TYR H 38 -26.12 -4.65 6.01
C TYR H 38 -25.52 -3.85 7.16
N SER H 39 -26.38 -3.43 8.09
CA SER H 39 -26.00 -2.41 9.07
C SER H 39 -24.93 -2.90 10.03
N VAL H 40 -25.25 -3.91 10.83
CA VAL H 40 -24.42 -4.24 11.98
C VAL H 40 -23.09 -4.83 11.54
N TYR H 41 -23.03 -5.44 10.35
CA TYR H 41 -21.80 -6.08 9.91
C TYR H 41 -20.76 -5.04 9.52
N VAL H 42 -21.20 -4.03 8.76
CA VAL H 42 -20.34 -2.90 8.43
C VAL H 42 -19.97 -2.13 9.69
N TYR H 43 -20.90 -2.05 10.64
CA TYR H 43 -20.61 -1.40 11.91
C TYR H 43 -19.50 -2.14 12.66
N LYS H 44 -19.59 -3.48 12.67
CA LYS H 44 -18.59 -4.33 13.31
C LYS H 44 -17.22 -4.14 12.67
N VAL H 45 -17.15 -4.17 11.35
CA VAL H 45 -15.84 -4.14 10.71
C VAL H 45 -15.25 -2.73 10.75
N LEU H 46 -16.09 -1.69 10.71
CA LEU H 46 -15.59 -0.34 10.95
C LEU H 46 -15.04 -0.20 12.36
N LYS H 47 -15.74 -0.73 13.36
CA LYS H 47 -15.20 -0.66 14.71
C LYS H 47 -14.00 -1.59 14.88
N GLN H 48 -13.84 -2.56 13.99
CA GLN H 48 -12.61 -3.35 13.96
C GLN H 48 -11.44 -2.54 13.42
N VAL H 49 -11.66 -1.78 12.34
CA VAL H 49 -10.57 -0.99 11.77
C VAL H 49 -10.47 0.39 12.40
N HIS H 50 -11.54 0.90 12.99
CA HIS H 50 -11.55 2.23 13.59
C HIS H 50 -12.53 2.19 14.74
N PRO H 51 -12.08 1.83 15.95
CA PRO H 51 -13.00 1.69 17.08
C PRO H 51 -13.65 2.99 17.52
N ASP H 52 -13.06 4.13 17.19
CA ASP H 52 -13.51 5.43 17.68
C ASP H 52 -14.20 6.27 16.62
N THR H 53 -14.47 5.72 15.45
CA THR H 53 -14.97 6.49 14.33
C THR H 53 -16.48 6.30 14.19
N GLY H 54 -17.21 7.41 14.06
CA GLY H 54 -18.65 7.38 13.97
C GLY H 54 -19.15 7.21 12.56
N ILE H 55 -20.47 7.09 12.45
CA ILE H 55 -21.14 6.73 11.21
C ILE H 55 -22.26 7.73 10.94
N SER H 56 -22.28 8.29 9.73
CA SER H 56 -23.47 8.97 9.24
C SER H 56 -24.32 7.97 8.45
N SER H 57 -25.63 8.10 8.58
CA SER H 57 -26.54 7.04 8.15
C SER H 57 -26.64 6.95 6.64
N LYS H 58 -26.54 8.07 5.93
CA LYS H 58 -26.63 8.01 4.47
C LYS H 58 -25.31 7.58 3.85
N ALA H 59 -24.19 7.74 4.57
CA ALA H 59 -22.99 6.99 4.22
C ALA H 59 -23.23 5.50 4.34
N MET H 60 -23.97 5.08 5.36
CA MET H 60 -24.33 3.67 5.50
C MET H 60 -25.26 3.20 4.40
N GLY H 61 -26.14 4.09 3.92
CA GLY H 61 -26.93 3.75 2.74
C GLY H 61 -26.09 3.56 1.50
N ILE H 62 -25.06 4.39 1.33
CA ILE H 62 -24.10 4.19 0.26
C ILE H 62 -23.35 2.87 0.44
N MET H 63 -23.05 2.51 1.68
CA MET H 63 -22.41 1.22 1.95
C MET H 63 -23.31 0.05 1.57
N ASN H 64 -24.59 0.12 1.93
CA ASN H 64 -25.52 -0.95 1.56
C ASN H 64 -25.65 -1.06 0.06
N SER H 65 -25.76 0.08 -0.63
CA SER H 65 -25.89 0.07 -2.08
C SER H 65 -24.62 -0.45 -2.75
N PHE H 66 -23.46 -0.10 -2.21
CA PHE H 66 -22.21 -0.66 -2.69
C PHE H 66 -22.14 -2.17 -2.51
N VAL H 67 -22.58 -2.65 -1.35
CA VAL H 67 -22.55 -4.09 -1.07
C VAL H 67 -23.44 -4.82 -2.05
N ASN H 68 -24.67 -4.32 -2.25
CA ASN H 68 -25.58 -4.98 -3.19
C ASN H 68 -25.08 -4.88 -4.63
N ASP H 69 -24.47 -3.74 -4.99
CA ASP H 69 -23.95 -3.54 -6.34
C ASP H 69 -22.84 -4.54 -6.67
N ILE H 70 -21.84 -4.63 -5.79
CA ILE H 70 -20.71 -5.50 -6.06
C ILE H 70 -21.13 -6.96 -5.93
N PHE H 71 -22.05 -7.25 -5.00
CA PHE H 71 -22.60 -8.60 -4.88
C PHE H 71 -23.30 -9.03 -6.16
N GLU H 72 -24.08 -8.12 -6.77
CA GLU H 72 -24.79 -8.48 -7.98
C GLU H 72 -23.84 -8.60 -9.17
N ARG H 73 -22.80 -7.75 -9.23
CA ARG H 73 -21.80 -7.86 -10.28
C ARG H 73 -21.11 -9.22 -10.24
N ILE H 74 -20.64 -9.61 -9.07
CA ILE H 74 -19.92 -10.87 -8.93
C ILE H 74 -20.87 -12.04 -9.13
N ALA H 75 -22.12 -11.91 -8.70
CA ALA H 75 -23.08 -12.99 -8.86
C ALA H 75 -23.45 -13.19 -10.33
N GLY H 76 -23.62 -12.11 -11.08
CA GLY H 76 -23.82 -12.23 -12.52
C GLY H 76 -22.60 -12.78 -13.22
N GLU H 77 -21.42 -12.42 -12.75
CA GLU H 77 -20.19 -12.99 -13.31
C GLU H 77 -20.13 -14.48 -13.03
N ALA H 78 -20.53 -14.89 -11.84
CA ALA H 78 -20.58 -16.31 -11.52
C ALA H 78 -21.59 -17.04 -12.39
N SER H 79 -22.73 -16.39 -12.66
CA SER H 79 -23.74 -16.99 -13.53
C SER H 79 -23.22 -17.17 -14.96
N ARG H 80 -22.57 -16.15 -15.52
CA ARG H 80 -22.04 -16.29 -16.88
C ARG H 80 -20.91 -17.31 -16.97
N LEU H 81 -20.00 -17.34 -15.98
CA LEU H 81 -19.00 -18.40 -15.95
C LEU H 81 -19.61 -19.79 -15.78
N ALA H 82 -20.67 -19.89 -14.98
CA ALA H 82 -21.35 -21.17 -14.82
C ALA H 82 -21.96 -21.63 -16.14
N HIS H 83 -22.52 -20.69 -16.90
CA HIS H 83 -23.01 -21.02 -18.23
C HIS H 83 -21.89 -21.45 -19.16
N TYR H 84 -20.76 -20.75 -19.12
CA TYR H 84 -19.73 -20.97 -20.13
C TYR H 84 -18.97 -22.26 -19.87
N ASN H 85 -18.84 -22.65 -18.61
CA ASN H 85 -18.27 -23.94 -18.25
C ASN H 85 -19.31 -25.03 -18.21
N LYS H 86 -20.58 -24.69 -18.48
CA LYS H 86 -21.72 -25.61 -18.44
C LYS H 86 -21.87 -26.23 -17.06
N ARG H 87 -21.45 -25.49 -16.05
CA ARG H 87 -21.51 -25.94 -14.67
C ARG H 87 -22.76 -25.39 -14.03
N SER H 88 -23.61 -26.27 -13.51
CA SER H 88 -24.81 -25.80 -12.83
C SER H 88 -24.56 -25.55 -11.35
N THR H 89 -23.33 -25.75 -10.88
CA THR H 89 -22.96 -25.48 -9.51
C THR H 89 -21.83 -24.46 -9.50
N ILE H 90 -22.00 -23.39 -8.73
CA ILE H 90 -21.02 -22.33 -8.64
C ILE H 90 -20.29 -22.51 -7.32
N THR H 91 -19.01 -22.85 -7.39
CA THR H 91 -18.17 -23.05 -6.23
C THR H 91 -17.23 -21.87 -6.06
N SER H 92 -16.25 -22.02 -5.16
CA SER H 92 -15.27 -20.98 -4.92
C SER H 92 -14.37 -20.73 -6.11
N ARG H 93 -14.22 -21.71 -7.01
CA ARG H 93 -13.41 -21.52 -8.21
C ARG H 93 -14.03 -20.46 -9.11
N GLU H 94 -15.35 -20.50 -9.27
CA GLU H 94 -16.06 -19.50 -10.06
C GLU H 94 -15.89 -18.11 -9.47
N ILE H 95 -16.03 -18.00 -8.15
CA ILE H 95 -15.98 -16.71 -7.50
C ILE H 95 -14.55 -16.16 -7.54
N GLN H 96 -13.58 -17.06 -7.39
CA GLN H 96 -12.17 -16.67 -7.53
C GLN H 96 -11.88 -16.16 -8.92
N THR H 97 -12.44 -16.83 -9.92
CA THR H 97 -12.34 -16.36 -11.29
C THR H 97 -12.98 -14.99 -11.44
N ALA H 98 -14.13 -14.78 -10.80
CA ALA H 98 -14.82 -13.49 -10.90
C ALA H 98 -14.01 -12.38 -10.26
N VAL H 99 -13.38 -12.66 -9.12
CA VAL H 99 -12.50 -11.69 -8.48
C VAL H 99 -11.31 -11.39 -9.37
N ARG H 100 -10.77 -12.42 -10.02
CA ARG H 100 -9.69 -12.22 -10.98
C ARG H 100 -10.12 -11.35 -12.15
N LEU H 101 -11.37 -11.50 -12.59
CA LEU H 101 -11.84 -10.72 -13.74
C LEU H 101 -12.11 -9.27 -13.37
N LEU H 102 -13.03 -9.04 -12.42
CA LEU H 102 -13.49 -7.67 -12.17
C LEU H 102 -12.43 -6.84 -11.47
N LEU H 103 -11.92 -7.33 -10.34
CA LEU H 103 -11.02 -6.54 -9.54
C LEU H 103 -9.60 -6.66 -10.07
N PRO H 104 -8.94 -5.54 -10.43
CA PRO H 104 -7.64 -5.61 -11.11
C PRO H 104 -6.46 -5.73 -10.16
N GLY H 105 -5.77 -6.87 -10.22
CA GLY H 105 -4.49 -7.00 -9.56
C GLY H 105 -4.43 -7.06 -8.04
N GLU H 106 -4.01 -5.96 -7.41
CA GLU H 106 -3.47 -6.00 -6.05
C GLU H 106 -4.52 -6.41 -5.04
N LEU H 107 -5.68 -5.74 -5.03
CA LEU H 107 -6.73 -6.13 -4.10
C LEU H 107 -7.32 -7.48 -4.47
N ALA H 108 -7.25 -7.85 -5.76
CA ALA H 108 -7.71 -9.17 -6.16
C ALA H 108 -6.82 -10.27 -5.58
N LYS H 109 -5.49 -10.10 -5.62
CA LYS H 109 -4.63 -11.12 -5.04
C LYS H 109 -4.71 -11.10 -3.52
N HIS H 110 -4.91 -9.92 -2.92
CA HIS H 110 -5.23 -9.91 -1.49
C HIS H 110 -6.50 -10.68 -1.21
N ALA H 111 -7.53 -10.50 -2.03
CA ALA H 111 -8.81 -11.17 -1.86
C ALA H 111 -8.65 -12.68 -1.97
N VAL H 112 -7.80 -13.11 -2.90
CA VAL H 112 -7.42 -14.51 -2.99
C VAL H 112 -6.76 -14.96 -1.70
N SER H 113 -5.95 -14.09 -1.10
CA SER H 113 -5.25 -14.47 0.12
C SER H 113 -6.21 -14.70 1.29
N GLU H 114 -7.12 -13.75 1.56
CA GLU H 114 -7.98 -14.02 2.72
C GLU H 114 -9.01 -15.06 2.36
N GLY H 115 -9.39 -15.19 1.08
CA GLY H 115 -10.36 -16.19 0.72
C GLY H 115 -9.80 -17.59 0.83
N THR H 116 -8.54 -17.76 0.44
CA THR H 116 -7.86 -19.04 0.63
C THR H 116 -7.72 -19.34 2.11
N LYS H 117 -7.34 -18.34 2.90
CA LYS H 117 -7.25 -18.56 4.34
C LYS H 117 -8.63 -18.84 4.95
N ALA H 118 -9.66 -18.21 4.40
CA ALA H 118 -11.01 -18.37 4.93
C ALA H 118 -11.59 -19.72 4.59
N VAL H 119 -11.38 -20.19 3.36
CA VAL H 119 -11.85 -21.53 3.04
C VAL H 119 -11.01 -22.56 3.76
N THR H 120 -9.73 -22.26 4.01
CA THR H 120 -8.88 -23.15 4.76
C THR H 120 -9.38 -23.30 6.20
N LYS H 121 -9.68 -22.16 6.84
CA LYS H 121 -10.15 -22.19 8.21
C LYS H 121 -11.58 -22.68 8.32
N TYR H 122 -12.38 -22.52 7.26
CA TYR H 122 -13.75 -23.02 7.28
C TYR H 122 -13.78 -24.53 7.09
N THR H 123 -12.92 -25.06 6.22
CA THR H 123 -12.76 -26.51 6.13
C THR H 123 -12.13 -27.08 7.40
N SER H 124 -11.28 -26.30 8.08
CA SER H 124 -10.82 -26.75 9.39
C SER H 124 -11.88 -26.57 10.47
N ALA H 125 -12.94 -25.82 10.20
CA ALA H 125 -14.03 -25.66 11.16
C ALA H 125 -15.30 -26.35 10.67
N SER K 35 -10.95 48.52 -62.59
CA SER K 35 -9.54 48.90 -62.51
C SER K 35 -9.28 49.73 -61.25
N GLY K 36 -9.21 51.05 -61.42
CA GLY K 36 -8.97 51.93 -60.31
C GLY K 36 -7.51 51.95 -59.90
N PRO K 37 -7.21 52.58 -58.77
CA PRO K 37 -5.84 52.62 -58.28
C PRO K 37 -5.43 51.28 -57.68
N PRO K 38 -4.14 51.01 -57.59
CA PRO K 38 -3.69 49.80 -56.88
C PRO K 38 -3.98 49.88 -55.39
N VAL K 39 -4.06 48.71 -54.77
CA VAL K 39 -4.53 48.61 -53.38
C VAL K 39 -3.48 48.98 -52.35
N SER K 40 -2.25 49.29 -52.78
CA SER K 40 -1.25 49.79 -51.84
C SER K 40 -1.67 51.12 -51.25
N GLU K 41 -2.23 52.00 -52.08
CA GLU K 41 -2.74 53.29 -51.60
C GLU K 41 -3.91 53.09 -50.65
N LEU K 42 -4.79 52.13 -50.96
CA LEU K 42 -5.92 51.81 -50.09
C LEU K 42 -5.45 51.28 -48.73
N ILE K 43 -4.44 50.41 -48.74
CA ILE K 43 -3.93 49.86 -47.49
C ILE K 43 -3.22 50.94 -46.67
N THR K 44 -2.52 51.87 -47.33
CA THR K 44 -1.90 52.98 -46.61
C THR K 44 -2.95 53.89 -45.98
N LYS K 45 -4.06 54.15 -46.68
CA LYS K 45 -5.14 54.92 -46.06
C LYS K 45 -5.75 54.17 -44.88
N ALA K 46 -5.92 52.85 -45.02
CA ALA K 46 -6.48 52.04 -43.94
C ALA K 46 -5.60 52.05 -42.71
N VAL K 47 -4.28 52.02 -42.89
CA VAL K 47 -3.39 51.99 -41.74
C VAL K 47 -3.17 53.41 -41.18
N ALA K 48 -3.28 54.44 -42.01
CA ALA K 48 -3.10 55.81 -41.54
C ALA K 48 -4.38 56.41 -40.98
N ALA K 49 -5.52 55.71 -41.10
CA ALA K 49 -6.77 56.22 -40.55
C ALA K 49 -6.73 56.33 -39.03
N SER K 50 -6.10 55.38 -38.34
CA SER K 50 -6.20 55.29 -36.89
C SER K 50 -4.89 55.63 -36.18
N LYS K 51 -3.80 54.94 -36.49
CA LYS K 51 -2.48 55.10 -35.88
C LYS K 51 -2.54 54.96 -34.35
N GLU K 52 -2.98 53.78 -33.92
CA GLU K 52 -3.03 53.46 -32.49
C GLU K 52 -1.61 53.18 -31.98
N ARG K 53 -1.43 53.38 -30.67
CA ARG K 53 -0.14 53.08 -30.04
C ARG K 53 0.19 51.61 -30.13
N SER K 54 -0.79 50.73 -29.87
CA SER K 54 -0.66 49.32 -30.22
C SER K 54 -1.24 49.15 -31.61
N GLY K 55 -0.42 48.68 -32.54
CA GLY K 55 -0.74 48.81 -33.95
C GLY K 55 -1.91 47.95 -34.41
N VAL K 56 -2.34 48.25 -35.63
CA VAL K 56 -3.55 47.64 -36.19
C VAL K 56 -3.30 46.16 -36.45
N SER K 57 -4.30 45.34 -36.15
CA SER K 57 -4.20 43.94 -36.53
C SER K 57 -4.43 43.81 -38.03
N LEU K 58 -4.05 42.65 -38.55
CA LEU K 58 -4.51 42.24 -39.86
C LEU K 58 -6.03 42.16 -39.91
N ALA K 59 -6.66 41.72 -38.81
CA ALA K 59 -8.11 41.66 -38.74
C ALA K 59 -8.73 43.06 -38.84
N ALA K 60 -8.25 43.99 -38.03
CA ALA K 60 -8.83 45.32 -38.02
C ALA K 60 -8.56 46.07 -39.32
N LEU K 61 -7.40 45.86 -39.94
CA LEU K 61 -7.14 46.54 -41.20
C LEU K 61 -7.98 45.95 -42.33
N LYS K 62 -8.23 44.62 -42.33
CA LYS K 62 -9.08 44.12 -43.39
C LYS K 62 -10.54 44.49 -43.16
N LYS K 63 -10.94 44.66 -41.88
CA LYS K 63 -12.27 45.19 -41.61
C LYS K 63 -12.39 46.64 -42.06
N ALA K 64 -11.31 47.42 -41.92
CA ALA K 64 -11.31 48.79 -42.44
C ALA K 64 -11.38 48.80 -43.96
N LEU K 65 -10.66 47.89 -44.63
CA LEU K 65 -10.73 47.82 -46.09
C LEU K 65 -12.09 47.35 -46.58
N ALA K 66 -12.74 46.44 -45.84
CA ALA K 66 -14.09 46.01 -46.20
C ALA K 66 -15.11 47.12 -45.95
N ALA K 67 -14.90 47.93 -44.90
CA ALA K 67 -15.73 49.11 -44.69
C ALA K 67 -15.53 50.12 -45.80
N ALA K 68 -14.30 50.23 -46.32
CA ALA K 68 -14.03 51.07 -47.48
C ALA K 68 -14.70 50.51 -48.73
N GLY K 69 -14.79 49.19 -48.83
CA GLY K 69 -15.43 48.52 -49.95
C GLY K 69 -14.51 47.64 -50.77
N TYR K 70 -13.22 47.60 -50.47
CA TYR K 70 -12.30 46.75 -51.21
C TYR K 70 -12.47 45.29 -50.79
N ASP K 71 -12.44 44.40 -51.77
CA ASP K 71 -12.58 42.97 -51.52
C ASP K 71 -11.39 42.45 -50.70
N VAL K 72 -11.70 41.71 -49.64
CA VAL K 72 -10.69 41.13 -48.78
C VAL K 72 -10.77 39.61 -48.71
N GLU K 73 -11.68 38.99 -49.47
CA GLU K 73 -11.91 37.55 -49.40
C GLU K 73 -11.24 36.78 -50.54
N LYS K 74 -11.34 37.26 -51.78
CA LYS K 74 -10.63 36.59 -52.86
C LYS K 74 -9.27 37.20 -53.12
N ASN K 75 -9.10 38.48 -52.81
CA ASN K 75 -7.81 39.14 -52.92
C ASN K 75 -6.98 39.04 -51.65
N ASN K 76 -7.36 38.16 -50.72
CA ASN K 76 -6.60 37.99 -49.50
C ASN K 76 -5.20 37.42 -49.75
N SER K 77 -4.97 36.77 -50.89
CA SER K 77 -3.61 36.44 -51.29
C SER K 77 -2.85 37.70 -51.70
N ARG K 78 -3.52 38.60 -52.42
CA ARG K 78 -2.91 39.87 -52.80
C ARG K 78 -2.60 40.73 -51.57
N ILE K 79 -3.53 40.80 -50.61
CA ILE K 79 -3.25 41.49 -49.36
C ILE K 79 -2.20 40.73 -48.55
N LYS K 80 -2.20 39.40 -48.64
CA LYS K 80 -1.23 38.58 -47.92
C LYS K 80 0.19 38.89 -48.35
N LEU K 81 0.40 39.02 -49.66
CA LEU K 81 1.71 39.41 -50.16
C LEU K 81 1.99 40.90 -49.97
N GLY K 82 0.95 41.74 -50.04
CA GLY K 82 1.15 43.17 -49.89
C GLY K 82 1.55 43.58 -48.49
N LEU K 83 0.99 42.92 -47.47
CA LEU K 83 1.26 43.28 -46.08
C LEU K 83 2.62 42.81 -45.61
N LYS K 84 3.35 42.02 -46.40
CA LYS K 84 4.75 41.78 -46.15
C LYS K 84 5.65 42.54 -47.10
N SER K 85 5.15 42.88 -48.29
CA SER K 85 5.92 43.73 -49.20
C SER K 85 6.07 45.14 -48.64
N LEU K 86 5.04 45.65 -47.96
CA LEU K 86 5.11 46.98 -47.37
C LEU K 86 6.00 47.01 -46.13
N VAL K 87 6.03 45.92 -45.36
CA VAL K 87 7.00 45.82 -44.28
C VAL K 87 8.40 45.75 -44.86
N SER K 88 8.56 45.08 -46.02
CA SER K 88 9.90 44.92 -46.59
C SER K 88 10.45 46.20 -47.19
N LYS K 89 9.60 47.04 -47.81
CA LYS K 89 10.15 48.20 -48.52
C LYS K 89 10.44 49.37 -47.59
N GLY K 90 9.98 49.32 -46.34
CA GLY K 90 10.41 50.27 -45.34
C GLY K 90 9.52 51.48 -45.15
N THR K 91 8.49 51.66 -45.99
CA THR K 91 7.54 52.74 -45.76
C THR K 91 6.79 52.53 -44.45
N LEU K 92 6.41 51.29 -44.16
CA LEU K 92 5.79 50.94 -42.90
C LEU K 92 6.68 49.93 -42.17
N VAL K 93 6.70 50.02 -40.84
CA VAL K 93 7.48 49.11 -40.01
C VAL K 93 6.53 48.34 -39.10
N GLN K 94 6.87 47.08 -38.86
CA GLN K 94 6.03 46.21 -38.05
C GLN K 94 6.40 46.36 -36.58
N THR K 95 5.37 46.60 -35.74
CA THR K 95 5.62 46.97 -34.35
C THR K 95 5.94 45.75 -33.50
N LYS K 96 4.99 44.83 -33.39
CA LYS K 96 5.11 43.72 -32.47
C LYS K 96 4.96 42.35 -33.12
N GLY K 97 4.14 42.22 -34.15
CA GLY K 97 3.97 40.95 -34.82
C GLY K 97 5.10 40.66 -35.80
N THR K 98 4.92 39.56 -36.55
CA THR K 98 5.87 39.12 -37.55
C THR K 98 5.16 39.02 -38.89
N GLY K 99 5.81 39.51 -39.94
CA GLY K 99 5.27 39.47 -41.29
C GLY K 99 4.03 40.32 -41.46
N ALA K 100 2.88 39.69 -41.61
CA ALA K 100 1.59 40.38 -41.64
C ALA K 100 0.80 40.19 -40.36
N SER K 101 1.38 39.58 -39.35
CA SER K 101 0.70 39.36 -38.08
C SER K 101 0.94 40.54 -37.13
N GLY K 102 0.05 40.67 -36.16
CA GLY K 102 0.31 41.53 -35.02
C GLY K 102 0.08 43.00 -35.31
N SER K 103 1.00 43.84 -34.84
CA SER K 103 0.88 45.28 -34.86
C SER K 103 1.72 45.90 -35.96
N PHE K 104 1.36 47.13 -36.34
CA PHE K 104 2.01 47.87 -37.41
C PHE K 104 2.00 49.36 -37.08
N LYS K 105 3.07 50.06 -37.43
CA LYS K 105 3.14 51.51 -37.24
C LYS K 105 3.90 52.16 -38.39
N LEU K 106 3.75 53.48 -38.48
CA LEU K 106 4.41 54.25 -39.51
C LEU K 106 5.89 54.43 -39.21
N ASN K 107 6.65 54.79 -40.24
CA ASN K 107 8.07 55.07 -40.13
C ASN K 107 8.29 56.35 -39.31
N LYS K 108 9.51 56.50 -38.77
CA LYS K 108 9.84 57.64 -37.92
C LYS K 108 9.74 58.96 -38.68
N LYS K 109 10.23 59.00 -39.91
CA LYS K 109 10.12 60.21 -40.74
C LYS K 109 9.27 59.93 -41.98
N LYS L 38 50.24 -3.77 -26.26
CA LYS L 38 50.27 -3.58 -24.81
C LYS L 38 49.22 -4.46 -24.12
N PRO L 39 49.57 -4.99 -22.95
CA PRO L 39 48.56 -5.71 -22.15
C PRO L 39 47.50 -4.76 -21.63
N HIS L 40 46.29 -5.28 -21.46
CA HIS L 40 45.18 -4.47 -21.02
C HIS L 40 45.31 -4.19 -19.53
N ARG L 41 45.24 -2.92 -19.16
CA ARG L 41 45.43 -2.49 -17.77
C ARG L 41 44.32 -1.52 -17.41
N TYR L 42 43.54 -1.90 -16.39
CA TYR L 42 42.46 -1.04 -15.91
C TYR L 42 43.04 0.04 -15.00
N ARG L 43 42.33 1.17 -14.93
CA ARG L 43 42.76 2.26 -14.07
C ARG L 43 42.58 1.88 -12.60
N PRO L 44 43.39 2.44 -11.70
CA PRO L 44 43.29 2.09 -10.27
C PRO L 44 41.93 2.45 -9.68
N GLY L 45 41.29 1.44 -9.09
CA GLY L 45 39.95 1.57 -8.55
C GLY L 45 38.89 0.86 -9.35
N THR L 46 39.13 0.62 -10.64
CA THR L 46 38.17 -0.09 -11.48
C THR L 46 38.05 -1.55 -11.03
N VAL L 47 39.17 -2.24 -10.89
CA VAL L 47 39.17 -3.61 -10.39
C VAL L 47 38.74 -3.62 -8.93
N ALA L 48 39.04 -2.56 -8.18
CA ALA L 48 38.55 -2.42 -6.81
C ALA L 48 37.03 -2.39 -6.78
N LEU L 49 36.41 -1.61 -7.66
CA LEU L 49 34.95 -1.56 -7.71
C LEU L 49 34.34 -2.85 -8.24
N ARG L 50 35.05 -3.52 -9.15
CA ARG L 50 34.62 -4.85 -9.59
C ARG L 50 34.62 -5.82 -8.42
N GLU L 51 35.63 -5.71 -7.55
CA GLU L 51 35.64 -6.48 -6.33
C GLU L 51 34.51 -6.07 -5.39
N ILE L 52 34.19 -4.77 -5.33
CA ILE L 52 33.06 -4.30 -4.51
C ILE L 52 31.77 -4.99 -4.94
N ARG L 53 31.45 -4.93 -6.22
CA ARG L 53 30.20 -5.53 -6.68
C ARG L 53 30.26 -7.05 -6.58
N ARG L 54 31.42 -7.64 -6.83
CA ARG L 54 31.57 -9.09 -6.85
C ARG L 54 31.46 -9.68 -5.45
N TYR L 55 31.91 -8.96 -4.45
CA TYR L 55 31.80 -9.47 -3.09
C TYR L 55 30.59 -8.96 -2.34
N GLN L 56 29.87 -7.95 -2.85
CA GLN L 56 28.54 -7.75 -2.29
C GLN L 56 27.55 -8.77 -2.86
N LYS L 57 27.69 -9.14 -4.14
CA LYS L 57 26.78 -10.16 -4.66
C LYS L 57 27.12 -11.53 -4.11
N SER L 58 28.35 -11.73 -3.65
CA SER L 58 28.74 -13.00 -3.08
C SER L 58 28.09 -13.18 -1.70
N THR L 59 27.90 -14.43 -1.33
CA THR L 59 27.46 -14.79 0.01
C THR L 59 28.46 -15.68 0.74
N GLU L 60 29.47 -16.20 0.06
CA GLU L 60 30.40 -17.18 0.60
C GLU L 60 31.41 -16.53 1.55
N LEU L 61 32.09 -17.38 2.31
CA LEU L 61 33.09 -16.93 3.26
C LEU L 61 34.35 -16.43 2.56
N LEU L 62 34.96 -15.39 3.14
CA LEU L 62 36.15 -14.77 2.59
C LEU L 62 37.41 -15.17 3.35
N ILE L 63 37.32 -16.15 4.25
CA ILE L 63 38.45 -16.61 5.05
C ILE L 63 38.72 -18.06 4.71
N ARG L 64 39.99 -18.42 4.59
CA ARG L 64 40.38 -19.81 4.51
C ARG L 64 40.03 -20.54 5.80
N LYS L 65 39.48 -21.75 5.64
CA LYS L 65 38.82 -22.42 6.76
C LYS L 65 39.85 -22.98 7.75
N LEU L 66 40.88 -23.64 7.22
CA LEU L 66 41.86 -24.31 8.08
C LEU L 66 42.71 -23.34 8.91
N PRO L 67 43.28 -22.25 8.38
CA PRO L 67 44.02 -21.35 9.28
C PRO L 67 43.13 -20.59 10.25
N PHE L 68 41.86 -20.33 9.91
CA PHE L 68 40.96 -19.75 10.89
C PHE L 68 40.67 -20.74 12.03
N GLN L 69 40.47 -22.02 11.69
CA GLN L 69 40.30 -23.04 12.71
C GLN L 69 41.56 -23.17 13.56
N ARG L 70 42.72 -23.10 12.91
CA ARG L 70 43.98 -23.15 13.63
C ARG L 70 44.13 -21.95 14.55
N LEU L 71 43.68 -20.79 14.11
CA LEU L 71 43.77 -19.59 14.94
C LEU L 71 42.84 -19.66 16.13
N VAL L 72 41.62 -20.16 15.95
CA VAL L 72 40.70 -20.23 17.08
C VAL L 72 41.18 -21.28 18.08
N ARG L 73 41.73 -22.40 17.60
CA ARG L 73 42.34 -23.37 18.51
C ARG L 73 43.55 -22.77 19.22
N GLU L 74 44.32 -21.96 18.49
CA GLU L 74 45.49 -21.29 19.04
C GLU L 74 45.13 -20.34 20.17
N ILE L 75 44.16 -19.47 19.93
CA ILE L 75 43.81 -18.47 20.93
C ILE L 75 43.10 -19.14 22.11
N ALA L 76 42.22 -20.11 21.83
CA ALA L 76 41.49 -20.76 22.90
C ALA L 76 42.36 -21.68 23.74
N GLN L 77 43.46 -22.19 23.18
CA GLN L 77 44.41 -22.98 23.95
C GLN L 77 45.05 -22.14 25.06
N ASP L 78 45.20 -20.83 24.81
CA ASP L 78 45.70 -19.92 25.83
C ASP L 78 44.76 -19.86 27.02
N PHE L 79 43.46 -19.89 26.76
CA PHE L 79 42.47 -19.75 27.83
C PHE L 79 42.12 -21.07 28.47
N LYS L 80 42.12 -22.16 27.71
CA LYS L 80 41.84 -23.48 28.25
C LYS L 80 42.51 -24.52 27.36
N THR L 81 43.16 -25.49 27.98
CA THR L 81 44.00 -26.43 27.24
C THR L 81 43.17 -27.50 26.56
N ASP L 82 43.71 -28.02 25.45
CA ASP L 82 43.19 -29.18 24.71
C ASP L 82 41.76 -28.97 24.24
N LEU L 83 41.41 -27.74 23.89
CA LEU L 83 40.04 -27.46 23.48
C LEU L 83 39.75 -28.00 22.10
N ARG L 84 38.60 -28.65 21.97
CA ARG L 84 38.14 -29.19 20.70
C ARG L 84 36.96 -28.38 20.18
N PHE L 85 36.88 -28.29 18.87
CA PHE L 85 35.97 -27.38 18.21
C PHE L 85 35.08 -28.13 17.24
N GLN L 86 33.77 -27.97 17.40
CA GLN L 86 32.86 -28.33 16.34
C GLN L 86 33.18 -27.48 15.12
N SER L 87 33.30 -28.12 13.96
CA SER L 87 33.62 -27.39 12.74
C SER L 87 32.50 -26.42 12.39
N SER L 88 31.26 -26.77 12.72
CA SER L 88 30.14 -25.85 12.60
C SER L 88 30.32 -24.64 13.50
N ALA L 89 30.83 -24.85 14.72
CA ALA L 89 31.11 -23.72 15.59
C ALA L 89 32.22 -22.84 15.03
N VAL L 90 33.23 -23.45 14.41
CA VAL L 90 34.27 -22.69 13.74
C VAL L 90 33.70 -21.86 12.60
N MET L 91 32.77 -22.45 11.84
CA MET L 91 32.17 -21.71 10.74
C MET L 91 31.26 -20.60 11.26
N ALA L 92 30.62 -20.81 12.41
CA ALA L 92 29.80 -19.77 13.01
C ALA L 92 30.65 -18.60 13.47
N LEU L 93 31.78 -18.91 14.12
CA LEU L 93 32.77 -17.89 14.47
C LEU L 93 33.26 -17.15 13.24
N GLN L 94 33.48 -17.90 12.15
CA GLN L 94 33.91 -17.29 10.90
C GLN L 94 32.90 -16.30 10.37
N GLU L 95 31.63 -16.72 10.28
CA GLU L 95 30.61 -15.85 9.69
C GLU L 95 30.33 -14.64 10.58
N ALA L 96 30.28 -14.86 11.90
CA ALA L 96 30.04 -13.75 12.81
C ALA L 96 31.19 -12.75 12.78
N SER L 97 32.43 -13.26 12.72
CA SER L 97 33.58 -12.39 12.65
C SER L 97 33.61 -11.62 11.34
N GLU L 98 33.31 -12.29 10.24
CA GLU L 98 33.28 -11.65 8.94
C GLU L 98 32.25 -10.53 8.92
N ALA L 99 31.04 -10.81 9.39
CA ALA L 99 30.00 -9.79 9.39
C ALA L 99 30.29 -8.68 10.39
N TYR L 100 30.92 -9.00 11.52
CA TYR L 100 31.28 -7.97 12.49
C TYR L 100 32.29 -7.02 11.92
N LEU L 101 33.32 -7.54 11.26
CA LEU L 101 34.28 -6.68 10.57
C LEU L 101 33.64 -5.93 9.41
N VAL L 102 32.66 -6.53 8.74
CA VAL L 102 31.95 -5.79 7.69
C VAL L 102 31.22 -4.59 8.28
N GLY L 103 30.42 -4.81 9.33
CA GLY L 103 29.68 -3.71 9.95
C GLY L 103 30.61 -2.63 10.48
N LEU L 104 31.74 -3.06 11.03
CA LEU L 104 32.82 -2.13 11.38
C LEU L 104 33.30 -1.36 10.16
N PHE L 105 33.29 -2.00 8.98
CA PHE L 105 33.76 -1.31 7.78
C PHE L 105 32.73 -0.35 7.19
N GLU L 106 31.43 -0.61 7.29
CA GLU L 106 30.50 0.48 6.92
C GLU L 106 30.63 1.64 7.89
N ASP L 107 30.83 1.34 9.18
CA ASP L 107 31.12 2.42 10.12
C ASP L 107 32.40 3.17 9.72
N THR L 108 33.39 2.41 9.27
CA THR L 108 34.69 2.97 8.90
C THR L 108 34.58 3.86 7.68
N ASN L 109 33.91 3.40 6.62
CA ASN L 109 33.88 4.22 5.43
C ASN L 109 32.83 5.33 5.51
N LEU L 110 31.83 5.20 6.38
CA LEU L 110 31.03 6.39 6.73
C LEU L 110 31.89 7.43 7.42
N ALA L 111 32.79 7.00 8.31
CA ALA L 111 33.73 7.95 8.89
C ALA L 111 34.70 8.49 7.84
N ALA L 112 35.05 7.67 6.84
CA ALA L 112 36.01 8.09 5.83
C ALA L 112 35.42 9.10 4.86
N ILE L 113 34.18 8.88 4.42
CA ILE L 113 33.48 9.87 3.61
C ILE L 113 33.14 11.08 4.47
N HIS L 114 32.97 10.87 5.77
CA HIS L 114 32.87 12.00 6.69
C HIS L 114 34.20 12.75 6.78
N ALA L 115 35.30 12.02 6.80
CA ALA L 115 36.64 12.61 6.78
C ALA L 115 37.14 12.86 5.36
N LYS L 116 36.28 12.68 4.36
CA LYS L 116 36.53 13.06 2.97
C LYS L 116 37.70 12.28 2.36
N ARG L 117 37.86 11.03 2.80
CA ARG L 117 38.92 10.15 2.34
C ARG L 117 38.32 8.85 1.83
N VAL L 118 39.07 8.15 0.98
CA VAL L 118 38.64 6.84 0.50
C VAL L 118 39.67 5.81 0.94
N THR L 119 40.91 6.24 1.13
CA THR L 119 41.93 5.39 1.72
C THR L 119 41.70 5.41 3.23
N ILE L 120 40.96 4.41 3.71
CA ILE L 120 40.69 4.33 5.14
C ILE L 120 41.98 4.02 5.87
N MET L 121 42.12 4.62 7.05
CA MET L 121 43.29 4.46 7.91
C MET L 121 42.79 4.15 9.31
N PRO L 122 43.57 3.41 10.12
CA PRO L 122 43.01 2.75 11.32
C PRO L 122 42.44 3.69 12.38
N LYS L 123 42.73 4.99 12.30
CA LYS L 123 42.04 5.94 13.15
C LYS L 123 40.54 5.96 12.87
N ASP L 124 40.13 5.66 11.63
CA ASP L 124 38.71 5.55 11.31
C ASP L 124 38.07 4.40 12.08
N ILE L 125 38.73 3.25 12.10
CA ILE L 125 38.24 2.09 12.82
C ILE L 125 38.20 2.37 14.32
N GLN L 126 39.24 3.02 14.84
CA GLN L 126 39.24 3.33 16.27
C GLN L 126 38.17 4.36 16.62
N LEU L 127 37.90 5.30 15.71
CA LEU L 127 36.79 6.23 15.90
C LEU L 127 35.47 5.49 15.96
N ALA L 128 35.26 4.56 15.03
CA ALA L 128 34.02 3.78 15.02
C ALA L 128 33.88 2.94 16.28
N ARG L 129 34.97 2.35 16.74
CA ARG L 129 34.96 1.56 17.97
C ARG L 129 34.64 2.43 19.17
N ARG L 130 35.32 3.57 19.31
CA ARG L 130 35.20 4.37 20.52
C ARG L 130 33.88 5.13 20.57
N ILE L 131 33.36 5.55 19.41
CA ILE L 131 32.00 6.10 19.37
C ILE L 131 30.98 5.00 19.65
N ARG L 132 31.23 3.79 19.12
CA ARG L 132 30.44 2.63 19.49
C ARG L 132 30.57 2.28 20.96
N GLY L 133 31.68 2.64 21.59
CA GLY L 133 31.87 2.36 23.00
C GLY L 133 32.87 1.27 23.25
N GLU L 134 33.95 1.27 22.47
CA GLU L 134 34.99 0.26 22.63
C GLU L 134 36.31 0.92 23.04
N LYS M 21 52.18 -29.43 19.02
CA LYS M 21 50.79 -29.13 18.72
C LYS M 21 50.40 -27.74 19.19
N VAL M 22 51.37 -27.01 19.74
CA VAL M 22 51.15 -25.60 20.05
C VAL M 22 51.16 -24.79 18.75
N LEU M 23 50.34 -23.74 18.73
CA LEU M 23 50.22 -22.87 17.57
C LEU M 23 50.61 -21.45 17.97
N ARG M 24 51.26 -20.74 17.07
CA ARG M 24 51.95 -19.51 17.45
C ARG M 24 51.53 -18.29 16.64
N ASP M 25 51.38 -18.44 15.33
CA ASP M 25 51.26 -17.28 14.44
C ASP M 25 50.12 -17.46 13.44
N ASN M 26 48.98 -17.93 13.92
CA ASN M 26 47.85 -18.15 13.04
C ASN M 26 46.92 -16.95 12.93
N ILE M 27 47.25 -15.84 13.62
CA ILE M 27 46.58 -14.59 13.34
C ILE M 27 46.96 -14.10 11.94
N GLN M 28 48.19 -14.41 11.51
CA GLN M 28 48.57 -14.19 10.12
C GLN M 28 47.97 -15.24 9.20
N GLY M 29 47.41 -16.33 9.76
CA GLY M 29 46.65 -17.27 8.96
C GLY M 29 45.38 -16.68 8.38
N ILE M 30 44.87 -15.61 8.99
CA ILE M 30 43.83 -14.79 8.37
C ILE M 30 44.55 -13.86 7.41
N THR M 31 44.52 -14.19 6.12
CA THR M 31 45.47 -13.63 5.19
C THR M 31 45.12 -12.19 4.83
N LYS M 32 46.13 -11.47 4.35
CA LYS M 32 45.97 -10.15 3.75
C LYS M 32 44.94 -10.10 2.62
N PRO M 33 44.93 -11.01 1.62
CA PRO M 33 43.84 -10.96 0.64
C PRO M 33 42.48 -11.28 1.23
N ALA M 34 42.42 -12.06 2.30
CA ALA M 34 41.15 -12.27 2.99
C ALA M 34 40.62 -10.98 3.58
N ILE M 35 41.52 -10.16 4.14
CA ILE M 35 41.17 -8.84 4.64
C ILE M 35 40.68 -7.95 3.51
N ARG M 36 41.36 -8.01 2.35
CA ARG M 36 40.91 -7.25 1.19
C ARG M 36 39.52 -7.70 0.75
N ARG M 37 39.27 -9.01 0.71
CA ARG M 37 37.97 -9.55 0.33
C ARG M 37 36.88 -9.07 1.27
N LEU M 38 37.15 -9.08 2.57
CA LEU M 38 36.18 -8.62 3.55
C LEU M 38 35.88 -7.13 3.38
N ALA M 39 36.90 -6.33 3.11
CA ALA M 39 36.65 -4.91 2.89
C ALA M 39 35.91 -4.66 1.59
N ARG M 40 36.07 -5.55 0.61
CA ARG M 40 35.25 -5.44 -0.60
C ARG M 40 33.80 -5.79 -0.30
N ARG M 41 33.58 -6.79 0.56
CA ARG M 41 32.23 -7.03 1.08
C ARG M 41 31.76 -5.86 1.93
N GLY M 42 32.68 -5.23 2.67
CA GLY M 42 32.35 -4.04 3.42
C GLY M 42 32.27 -2.77 2.60
N GLY M 43 32.57 -2.85 1.31
CA GLY M 43 32.46 -1.69 0.45
C GLY M 43 33.57 -0.69 0.58
N VAL M 44 34.76 -1.12 0.99
CA VAL M 44 35.92 -0.25 1.09
C VAL M 44 36.71 -0.34 -0.21
N LYS M 45 36.93 0.80 -0.85
CA LYS M 45 37.70 0.80 -2.10
C LYS M 45 39.19 0.72 -1.82
N ARG M 46 39.73 1.74 -1.17
CA ARG M 46 41.17 1.87 -0.98
C ARG M 46 41.51 1.66 0.48
N ILE M 47 42.54 0.86 0.71
CA ILE M 47 42.85 0.34 2.04
C ILE M 47 44.29 0.71 2.32
N SER M 48 44.54 1.38 3.44
CA SER M 48 45.92 1.75 3.76
C SER M 48 46.71 0.52 4.19
N GLY M 49 48.03 0.68 4.20
CA GLY M 49 48.91 -0.40 4.62
C GLY M 49 48.84 -0.64 6.11
N LEU M 50 48.44 0.37 6.87
CA LEU M 50 48.32 0.25 8.32
C LEU M 50 47.10 -0.53 8.75
N ILE M 51 46.20 -0.83 7.81
CA ILE M 51 44.87 -1.32 8.16
C ILE M 51 44.93 -2.75 8.69
N TYR M 52 45.69 -3.62 8.00
CA TYR M 52 45.53 -5.07 8.10
C TYR M 52 45.88 -5.58 9.50
N GLU M 53 46.98 -5.09 10.08
CA GLU M 53 47.35 -5.51 11.42
C GLU M 53 46.38 -4.97 12.47
N GLU M 54 45.82 -3.79 12.25
CA GLU M 54 44.83 -3.25 13.17
C GLU M 54 43.55 -4.08 13.13
N THR M 55 43.15 -4.50 11.94
CA THR M 55 42.01 -5.40 11.81
C THR M 55 42.29 -6.73 12.50
N ARG M 56 43.51 -7.25 12.34
CA ARG M 56 43.91 -8.48 13.01
C ARG M 56 43.82 -8.33 14.53
N GLY M 57 44.28 -7.20 15.06
CA GLY M 57 44.21 -6.97 16.49
C GLY M 57 42.78 -6.84 17.01
N VAL M 58 41.94 -6.09 16.30
CA VAL M 58 40.58 -5.90 16.80
C VAL M 58 39.76 -7.17 16.66
N LEU M 59 39.99 -7.95 15.60
CA LEU M 59 39.31 -9.24 15.51
C LEU M 59 39.83 -10.20 16.55
N LYS M 60 41.13 -10.11 16.88
CA LYS M 60 41.68 -10.92 17.95
C LYS M 60 41.00 -10.61 19.28
N VAL M 61 40.82 -9.31 19.57
CA VAL M 61 40.16 -8.92 20.82
C VAL M 61 38.71 -9.39 20.83
N PHE M 62 38.01 -9.22 19.71
CA PHE M 62 36.62 -9.62 19.62
C PHE M 62 36.45 -11.13 19.79
N LEU M 63 37.28 -11.90 19.08
CA LEU M 63 37.27 -13.35 19.23
C LEU M 63 37.64 -13.77 20.64
N GLU M 64 38.61 -13.10 21.26
CA GLU M 64 38.99 -13.43 22.62
C GLU M 64 37.84 -13.24 23.58
N ASN M 65 37.08 -12.16 23.39
CA ASN M 65 35.90 -11.93 24.23
C ASN M 65 34.87 -13.03 24.01
N VAL M 66 34.57 -13.33 22.75
CA VAL M 66 33.51 -14.29 22.43
C VAL M 66 33.88 -15.68 22.93
N ILE M 67 35.11 -16.12 22.68
CA ILE M 67 35.45 -17.46 23.09
C ILE M 67 35.79 -17.51 24.56
N ARG M 68 36.09 -16.38 25.20
CA ARG M 68 36.18 -16.36 26.65
C ARG M 68 34.84 -16.69 27.25
N ASP M 69 33.79 -16.08 26.70
CA ASP M 69 32.43 -16.42 27.12
C ASP M 69 32.11 -17.87 26.80
N ALA M 70 32.54 -18.34 25.62
CA ALA M 70 32.26 -19.70 25.21
C ALA M 70 32.98 -20.72 26.09
N VAL M 71 34.23 -20.44 26.44
CA VAL M 71 34.99 -21.28 27.34
C VAL M 71 34.34 -21.29 28.72
N THR M 72 33.86 -20.13 29.17
CA THR M 72 33.15 -20.05 30.43
C THR M 72 31.90 -20.92 30.41
N TYR M 73 31.17 -20.88 29.29
CA TYR M 73 30.01 -21.74 29.10
C TYR M 73 30.40 -23.21 29.13
N THR M 74 31.48 -23.57 28.44
CA THR M 74 31.86 -24.96 28.28
C THR M 74 32.34 -25.57 29.58
N GLU M 75 33.15 -24.82 30.34
CA GLU M 75 33.56 -25.30 31.65
C GLU M 75 32.39 -25.33 32.61
N HIS M 76 31.44 -24.40 32.47
CA HIS M 76 30.27 -24.46 33.32
C HIS M 76 29.35 -25.59 32.88
N ALA M 77 29.42 -25.97 31.60
CA ALA M 77 28.74 -27.16 31.11
C ALA M 77 29.54 -28.43 31.33
N LYS M 78 30.74 -28.32 31.90
CA LYS M 78 31.64 -29.45 32.18
C LYS M 78 31.97 -30.24 30.92
N ARG M 79 32.07 -29.54 29.79
CA ARG M 79 32.33 -30.17 28.51
C ARG M 79 33.76 -29.87 28.05
N LYS M 80 34.15 -30.51 26.96
CA LYS M 80 35.44 -30.25 26.34
C LYS M 80 35.33 -29.75 24.91
N THR M 81 34.31 -30.16 24.18
CA THR M 81 34.13 -29.74 22.80
C THR M 81 33.37 -28.42 22.76
N VAL M 82 33.93 -27.44 22.05
CA VAL M 82 33.28 -26.16 21.90
C VAL M 82 32.11 -26.30 20.93
N THR M 83 30.91 -25.93 21.38
CA THR M 83 29.70 -26.04 20.59
C THR M 83 29.24 -24.67 20.11
N ALA M 84 28.51 -24.67 19.00
CA ALA M 84 28.07 -23.43 18.39
C ALA M 84 26.96 -22.74 19.18
N MET M 85 26.25 -23.48 20.04
CA MET M 85 25.25 -22.86 20.89
C MET M 85 25.89 -21.88 21.87
N ASP M 86 27.06 -22.26 22.39
CA ASP M 86 27.82 -21.35 23.24
C ASP M 86 28.27 -20.12 22.47
N VAL M 87 28.65 -20.30 21.20
CA VAL M 87 28.96 -19.19 20.32
C VAL M 87 27.76 -18.27 20.17
N VAL M 88 26.57 -18.86 20.01
CA VAL M 88 25.34 -18.09 19.86
C VAL M 88 25.07 -17.27 21.10
N TYR M 89 25.20 -17.90 22.28
CA TYR M 89 24.90 -17.20 23.52
C TYR M 89 25.92 -16.10 23.79
N ALA M 90 27.19 -16.36 23.47
CA ALA M 90 28.24 -15.36 23.64
C ALA M 90 28.01 -14.16 22.74
N LEU M 91 27.61 -14.40 21.49
CA LEU M 91 27.31 -13.30 20.58
C LEU M 91 26.06 -12.55 21.02
N LYS M 92 25.10 -13.26 21.63
CA LYS M 92 23.94 -12.60 22.22
C LYS M 92 24.37 -11.68 23.34
N ARG M 93 25.32 -12.10 24.16
CA ARG M 93 25.74 -11.27 25.28
C ARG M 93 26.55 -10.07 24.85
N GLN M 94 27.11 -10.07 23.64
CA GLN M 94 27.82 -8.94 23.10
C GLN M 94 26.96 -8.09 22.18
N GLY M 95 25.65 -8.37 22.14
CA GLY M 95 24.75 -7.66 21.27
C GLY M 95 25.01 -7.92 19.80
N ARG M 96 25.46 -9.12 19.45
CA ARG M 96 25.82 -9.49 18.10
C ARG M 96 25.15 -10.80 17.72
N THR M 97 23.85 -10.89 17.99
CA THR M 97 23.10 -12.14 17.85
C THR M 97 23.10 -12.64 16.41
N LEU M 98 23.41 -13.92 16.25
CA LEU M 98 23.55 -14.55 14.94
C LEU M 98 22.39 -15.50 14.69
N TYR M 99 21.84 -15.43 13.48
CA TYR M 99 20.82 -16.38 13.06
C TYR M 99 21.44 -17.45 12.19
N GLY M 100 20.95 -18.67 12.34
CA GLY M 100 21.29 -19.74 11.43
C GLY M 100 22.18 -20.85 11.95
N PHE M 101 22.28 -21.04 13.26
CA PHE M 101 23.08 -22.14 13.80
C PHE M 101 22.32 -22.85 14.92
N GLY M 102 21.08 -23.22 14.62
CA GLY M 102 20.28 -23.98 15.56
C GLY M 102 19.70 -23.16 16.69
N GLY M 103 19.78 -21.84 16.62
CA GLY M 103 19.21 -20.97 17.63
C GLY M 103 17.70 -20.98 17.62
N ALA N 28 11.54 -24.50 71.93
CA ALA N 28 12.87 -24.93 72.36
C ALA N 28 13.91 -24.60 71.30
N ARG N 29 13.58 -23.69 70.40
CA ARG N 29 14.48 -23.29 69.34
C ARG N 29 15.63 -22.46 69.91
N ALA N 30 16.80 -22.61 69.31
CA ALA N 30 17.97 -21.81 69.67
C ALA N 30 17.82 -20.38 69.13
N LYS N 31 18.91 -19.63 69.23
CA LYS N 31 18.93 -18.24 68.78
C LYS N 31 18.73 -18.14 67.27
N ALA N 32 17.74 -17.36 66.86
CA ALA N 32 17.50 -17.10 65.45
C ALA N 32 18.58 -16.14 64.95
N LYS N 33 19.63 -16.69 64.36
CA LYS N 33 20.78 -15.92 63.93
C LYS N 33 20.59 -15.47 62.49
N THR N 34 21.22 -14.35 62.13
CA THR N 34 21.06 -13.77 60.82
C THR N 34 22.08 -14.38 59.86
N ARG N 35 21.62 -14.68 58.65
CA ARG N 35 22.48 -15.38 57.69
C ARG N 35 23.55 -14.47 57.13
N SER N 36 23.32 -13.15 57.14
CA SER N 36 24.36 -12.21 56.73
C SER N 36 25.54 -12.27 57.68
N SER N 37 25.27 -12.30 58.98
CA SER N 37 26.35 -12.43 59.95
C SER N 37 26.93 -13.85 59.96
N ARG N 38 26.14 -14.85 59.54
CA ARG N 38 26.69 -16.17 59.32
C ARG N 38 27.71 -16.16 58.19
N ALA N 39 27.44 -15.38 57.15
CA ALA N 39 28.44 -15.11 56.14
C ALA N 39 29.44 -14.05 56.59
N GLY N 40 29.27 -13.50 57.79
CA GLY N 40 30.12 -12.41 58.24
C GLY N 40 29.88 -11.12 57.49
N LEU N 41 28.71 -10.96 56.91
CA LEU N 41 28.45 -9.92 55.94
C LEU N 41 27.31 -9.03 56.40
N GLN N 42 27.09 -7.96 55.64
CA GLN N 42 26.08 -6.98 55.97
C GLN N 42 24.84 -7.09 55.11
N PHE N 43 24.98 -7.58 53.88
CA PHE N 43 23.88 -7.56 52.93
C PHE N 43 22.84 -8.62 53.29
N PRO N 44 21.55 -8.30 53.16
CA PRO N 44 20.52 -9.23 53.62
C PRO N 44 20.41 -10.48 52.76
N VAL N 45 20.81 -11.60 53.35
CA VAL N 45 20.71 -12.88 52.66
C VAL N 45 19.25 -13.26 52.45
N GLY N 46 18.42 -13.00 53.46
CA GLY N 46 17.00 -13.30 53.34
C GLY N 46 16.32 -12.52 52.24
N ARG N 47 16.65 -11.24 52.10
CA ARG N 47 16.06 -10.40 51.06
C ARG N 47 16.47 -10.87 49.67
N VAL N 48 17.76 -11.15 49.48
CA VAL N 48 18.25 -11.57 48.18
C VAL N 48 17.67 -12.92 47.80
N HIS N 49 17.63 -13.86 48.75
CA HIS N 49 17.08 -15.19 48.47
C HIS N 49 15.58 -15.12 48.18
N ARG N 50 14.86 -14.28 48.92
CA ARG N 50 13.44 -14.09 48.67
C ARG N 50 13.17 -13.45 47.32
N LEU N 51 13.98 -12.45 46.94
CA LEU N 51 13.82 -11.79 45.65
C LEU N 51 14.13 -12.73 44.50
N LEU N 52 15.13 -13.60 44.67
CA LEU N 52 15.40 -14.60 43.64
C LEU N 52 14.30 -15.64 43.57
N ARG N 53 13.70 -16.00 44.71
CA ARG N 53 12.56 -16.90 44.67
C ARG N 53 11.34 -16.24 44.03
N LYS N 54 11.23 -14.92 44.10
CA LYS N 54 10.10 -14.20 43.54
C LYS N 54 10.45 -13.45 42.26
N GLY N 55 11.68 -13.54 41.78
CA GLY N 55 12.08 -12.84 40.58
C GLY N 55 11.98 -13.61 39.29
N ASN N 56 11.55 -14.88 39.34
CA ASN N 56 11.36 -15.76 38.19
C ASN N 56 12.66 -15.94 37.40
N TYR N 57 13.60 -16.60 38.03
CA TYR N 57 14.85 -16.98 37.39
C TYR N 57 15.09 -18.47 37.47
N SER N 58 14.85 -19.06 38.63
CA SER N 58 14.76 -20.49 38.83
C SER N 58 13.92 -20.70 40.09
N GLU N 59 13.07 -21.72 40.07
CA GLU N 59 12.19 -21.94 41.21
C GLU N 59 12.95 -22.38 42.45
N ARG N 60 14.03 -23.15 42.27
CA ARG N 60 14.99 -23.39 43.35
C ARG N 60 16.25 -22.58 43.10
N VAL N 61 16.81 -22.04 44.17
CA VAL N 61 18.06 -21.30 44.11
C VAL N 61 19.04 -22.00 45.04
N GLY N 62 20.23 -22.31 44.53
CA GLY N 62 21.22 -23.02 45.33
C GLY N 62 21.61 -22.23 46.57
N ALA N 63 21.98 -22.97 47.62
CA ALA N 63 22.13 -22.35 48.95
C ALA N 63 23.27 -21.33 48.96
N GLY N 64 24.37 -21.64 48.29
CA GLY N 64 25.43 -20.68 48.19
C GLY N 64 25.21 -19.59 47.18
N ALA N 65 24.16 -19.69 46.36
CA ALA N 65 23.92 -18.68 45.33
C ALA N 65 23.59 -17.30 45.90
N PRO N 66 22.63 -17.11 46.82
CA PRO N 66 22.39 -15.73 47.29
C PRO N 66 23.48 -15.24 48.21
N VAL N 67 24.13 -16.13 48.96
CA VAL N 67 25.26 -15.73 49.80
C VAL N 67 26.40 -15.24 48.93
N TYR N 68 26.70 -15.98 47.86
CA TYR N 68 27.75 -15.61 46.93
C TYR N 68 27.40 -14.30 46.22
N LEU N 69 26.14 -14.18 45.80
CA LEU N 69 25.68 -12.99 45.10
C LEU N 69 25.75 -11.75 45.98
N ALA N 70 25.29 -11.88 47.22
CA ALA N 70 25.35 -10.77 48.16
C ALA N 70 26.77 -10.44 48.54
N ALA N 71 27.65 -11.44 48.59
CA ALA N 71 29.07 -11.18 48.81
C ALA N 71 29.67 -10.37 47.68
N VAL N 72 29.30 -10.72 46.44
CA VAL N 72 29.73 -9.95 45.28
C VAL N 72 29.20 -8.53 45.36
N LEU N 73 27.93 -8.39 45.72
CA LEU N 73 27.30 -7.09 45.84
C LEU N 73 27.98 -6.24 46.89
N GLU N 74 28.31 -6.84 48.04
CA GLU N 74 28.95 -6.10 49.11
C GLU N 74 30.39 -5.74 48.75
N TYR N 75 31.08 -6.61 48.02
CA TYR N 75 32.44 -6.29 47.61
C TYR N 75 32.45 -5.11 46.65
N LEU N 76 31.57 -5.14 45.65
CA LEU N 76 31.47 -4.01 44.72
C LEU N 76 30.99 -2.76 45.43
N THR N 77 30.02 -2.90 46.34
CA THR N 77 29.50 -1.76 47.06
C THR N 77 30.56 -1.16 47.95
N ALA N 78 31.37 -2.00 48.60
CA ALA N 78 32.42 -1.54 49.49
C ALA N 78 33.49 -0.79 48.72
N GLU N 79 33.90 -1.32 47.57
CA GLU N 79 34.93 -0.62 46.81
C GLU N 79 34.39 0.68 46.21
N ILE N 80 33.13 0.71 45.78
CA ILE N 80 32.53 1.95 45.29
C ILE N 80 32.43 2.98 46.41
N LEU N 81 32.00 2.56 47.59
CA LEU N 81 31.90 3.48 48.72
C LEU N 81 33.26 3.96 49.17
N GLU N 82 34.29 3.11 49.07
CA GLU N 82 35.64 3.53 49.38
C GLU N 82 36.12 4.59 48.41
N LEU N 83 35.88 4.37 47.11
CA LEU N 83 36.24 5.36 46.10
C LEU N 83 35.49 6.66 46.30
N ALA N 84 34.21 6.56 46.67
CA ALA N 84 33.40 7.75 46.90
C ALA N 84 33.89 8.54 48.11
N GLY N 85 34.24 7.84 49.19
CA GLY N 85 34.79 8.53 50.35
C GLY N 85 36.13 9.18 50.06
N ASN N 86 36.98 8.49 49.30
CA ASN N 86 38.27 9.06 48.93
C ASN N 86 38.11 10.26 48.00
N ALA N 87 37.12 10.22 47.11
CA ALA N 87 36.88 11.36 46.23
C ALA N 87 36.27 12.53 46.98
N ALA N 88 35.42 12.25 47.98
CA ALA N 88 34.88 13.32 48.82
C ALA N 88 35.99 13.97 49.63
N ARG N 89 36.91 13.16 50.16
CA ARG N 89 38.09 13.69 50.83
C ARG N 89 38.98 14.46 49.87
N ASP N 90 39.01 14.05 48.60
CA ASP N 90 39.79 14.74 47.59
C ASP N 90 39.27 16.16 47.37
N ASN N 91 37.95 16.31 47.31
CA ASN N 91 37.35 17.63 47.19
C ASN N 91 36.99 18.23 48.55
N LYS N 92 37.65 17.76 49.62
CA LYS N 92 37.48 18.20 51.02
C LYS N 92 36.02 18.27 51.46
N LYS N 93 35.25 17.26 51.09
CA LYS N 93 33.90 17.09 51.60
C LYS N 93 33.79 15.81 52.42
N THR N 94 32.88 15.83 53.39
CA THR N 94 32.69 14.72 54.32
C THR N 94 31.39 13.97 54.06
N ARG N 95 30.75 14.19 52.92
CA ARG N 95 29.48 13.53 52.63
C ARG N 95 29.53 13.00 51.20
N ILE N 96 28.93 11.82 50.99
CA ILE N 96 28.96 11.19 49.67
C ILE N 96 28.03 11.94 48.73
N ILE N 97 28.55 12.31 47.57
CA ILE N 97 27.83 13.15 46.60
C ILE N 97 27.70 12.35 45.31
N PRO N 98 26.59 12.48 44.57
CA PRO N 98 26.52 11.87 43.23
C PRO N 98 27.59 12.36 42.27
N ARG N 99 28.07 13.59 42.42
CA ARG N 99 29.26 14.02 41.70
C ARG N 99 30.46 13.15 42.04
N HIS N 100 30.63 12.83 43.32
CA HIS N 100 31.73 11.94 43.72
C HIS N 100 31.52 10.54 43.16
N LEU N 101 30.26 10.10 43.06
CA LEU N 101 29.98 8.81 42.45
C LEU N 101 30.36 8.78 40.97
N GLN N 102 30.03 9.86 40.24
CA GLN N 102 30.42 9.98 38.84
C GLN N 102 31.95 9.96 38.70
N LEU N 103 32.61 10.81 39.48
CA LEU N 103 34.06 10.97 39.37
C LEU N 103 34.82 9.74 39.86
N ALA N 104 34.18 8.88 40.66
CA ALA N 104 34.82 7.65 41.11
C ALA N 104 34.56 6.49 40.16
N ILE N 105 33.29 6.20 39.86
CA ILE N 105 32.94 5.03 39.06
C ILE N 105 33.38 5.23 37.61
N ARG N 106 33.14 6.43 37.06
CA ARG N 106 33.58 6.70 35.69
C ARG N 106 35.09 6.75 35.53
N ASN N 107 35.85 6.83 36.62
CA ASN N 107 37.30 6.78 36.54
C ASN N 107 37.87 5.40 36.88
N ASP N 108 37.01 4.40 37.11
CA ASP N 108 37.45 3.01 37.16
C ASP N 108 36.99 2.34 35.86
N GLU N 109 37.97 1.93 35.04
CA GLU N 109 37.67 1.47 33.69
C GLU N 109 36.89 0.14 33.69
N GLU N 110 37.09 -0.72 34.68
CA GLU N 110 36.28 -1.92 34.75
C GLU N 110 34.90 -1.62 35.29
N LEU N 111 34.78 -0.67 36.22
CA LEU N 111 33.46 -0.16 36.55
C LEU N 111 32.86 0.65 35.42
N ASN N 112 33.70 1.33 34.63
CA ASN N 112 33.20 2.10 33.49
C ASN N 112 32.60 1.20 32.44
N LYS N 113 33.32 0.17 32.02
CA LYS N 113 32.78 -0.77 31.04
C LYS N 113 31.78 -1.74 31.67
N LEU N 114 31.75 -1.83 33.01
CA LEU N 114 30.66 -2.54 33.66
C LEU N 114 29.38 -1.72 33.60
N LEU N 115 29.49 -0.40 33.60
CA LEU N 115 28.36 0.52 33.65
C LEU N 115 28.45 1.56 32.55
N GLY N 116 28.70 1.14 31.31
CA GLY N 116 28.91 2.09 30.23
C GLY N 116 27.67 2.88 29.85
N ARG N 117 26.52 2.22 29.86
CA ARG N 117 25.27 2.85 29.45
C ARG N 117 24.42 3.27 30.64
N VAL N 118 25.06 3.58 31.77
CA VAL N 118 24.37 3.88 33.03
C VAL N 118 24.48 5.37 33.28
N THR N 119 23.34 6.01 33.57
CA THR N 119 23.30 7.43 33.85
C THR N 119 23.19 7.66 35.35
N ILE N 120 23.98 8.60 35.86
CA ILE N 120 23.88 9.06 37.24
C ILE N 120 23.17 10.40 37.23
N ALA N 121 22.07 10.47 37.99
CA ALA N 121 21.32 11.73 38.05
C ALA N 121 22.08 12.76 38.86
N GLN N 122 22.25 13.95 38.28
CA GLN N 122 22.99 15.08 38.87
C GLN N 122 24.44 14.71 39.22
N GLY N 123 25.03 13.81 38.44
CA GLY N 123 26.44 13.50 38.60
C GLY N 123 27.36 14.38 37.79
N GLY N 124 26.82 15.13 36.84
CA GLY N 124 27.68 15.87 35.95
C GLY N 124 28.36 14.92 34.98
N VAL N 125 29.49 15.37 34.46
CA VAL N 125 30.30 14.57 33.56
C VAL N 125 31.73 14.57 34.07
N LEU N 126 32.51 13.63 33.55
CA LEU N 126 33.94 13.67 33.80
C LEU N 126 34.54 14.93 33.18
N PRO N 127 35.51 15.55 33.83
CA PRO N 127 36.25 16.62 33.16
C PRO N 127 37.09 16.03 32.05
N ASN N 128 36.64 16.25 30.81
CA ASN N 128 37.27 15.64 29.64
C ASN N 128 37.35 16.71 28.56
N ILE N 129 38.49 17.37 28.47
CA ILE N 129 38.78 18.29 27.40
C ILE N 129 39.76 17.60 26.46
N GLN N 130 39.48 17.69 25.16
CA GLN N 130 40.38 17.06 24.20
C GLN N 130 41.64 17.89 24.07
N ALA N 131 42.76 17.21 23.83
CA ALA N 131 44.05 17.89 23.73
C ALA N 131 44.09 18.82 22.51
N VAL N 132 43.35 18.48 21.46
CA VAL N 132 43.23 19.37 20.32
C VAL N 132 42.42 20.62 20.65
N LEU N 133 41.54 20.55 21.65
CA LEU N 133 40.76 21.72 22.05
C LEU N 133 41.56 22.66 22.94
N LEU N 134 42.61 22.17 23.60
CA LEU N 134 43.43 23.02 24.44
C LEU N 134 44.37 23.87 23.57
N PRO N 135 44.62 25.11 23.96
CA PRO N 135 45.48 25.99 23.16
C PRO N 135 46.95 25.63 23.30
N LYS N 136 47.76 26.28 22.46
CA LYS N 136 49.21 26.08 22.46
C LYS N 136 49.83 26.73 23.69
N LYS O 31 0.39 5.25 59.56
CA LYS O 31 1.64 5.09 58.83
C LYS O 31 1.39 4.76 57.36
N ARG O 32 2.47 4.46 56.65
CA ARG O 32 2.44 3.98 55.27
C ARG O 32 3.06 2.59 55.22
N SER O 33 3.02 1.99 54.04
CA SER O 33 3.57 0.66 53.86
C SER O 33 5.09 0.70 53.90
N ARG O 34 5.69 -0.27 54.59
CA ARG O 34 7.14 -0.39 54.61
C ARG O 34 7.64 -0.82 53.23
N LYS O 35 8.51 0.00 52.65
CA LYS O 35 9.14 -0.29 51.37
C LYS O 35 10.59 -0.65 51.61
N GLU O 36 11.06 -1.70 50.95
CA GLU O 36 12.43 -2.13 51.15
C GLU O 36 13.41 -1.24 50.41
N SER O 37 14.44 -0.81 51.11
CA SER O 37 15.56 -0.09 50.52
C SER O 37 16.84 -0.67 51.10
N TYR O 38 17.95 -0.25 50.53
CA TYR O 38 19.26 -0.77 50.90
C TYR O 38 20.06 0.27 51.66
N SER O 39 19.35 1.16 52.35
CA SER O 39 19.99 2.26 53.06
C SER O 39 20.86 1.75 54.21
N VAL O 40 20.31 0.83 55.01
CA VAL O 40 21.01 0.41 56.22
C VAL O 40 22.21 -0.45 55.89
N TYR O 41 22.15 -1.28 54.84
CA TYR O 41 23.26 -2.14 54.51
C TYR O 41 24.37 -1.34 53.84
N VAL O 42 24.00 -0.38 52.99
CA VAL O 42 24.97 0.55 52.43
C VAL O 42 25.62 1.36 53.56
N TYR O 43 24.84 1.72 54.58
CA TYR O 43 25.42 2.50 55.67
C TYR O 43 26.37 1.66 56.53
N LYS O 44 26.01 0.41 56.80
CA LYS O 44 26.90 -0.48 57.54
C LYS O 44 28.19 -0.74 56.78
N VAL O 45 28.09 -0.99 55.47
CA VAL O 45 29.26 -1.23 54.65
C VAL O 45 30.09 0.04 54.53
N LEU O 46 29.42 1.20 54.48
CA LEU O 46 30.11 2.47 54.45
C LEU O 46 30.91 2.70 55.71
N LYS O 47 30.32 2.40 56.88
CA LYS O 47 31.06 2.53 58.11
C LYS O 47 32.15 1.48 58.24
N GLN O 48 32.01 0.35 57.53
CA GLN O 48 33.14 -0.57 57.39
C GLN O 48 34.27 0.08 56.60
N VAL O 49 33.95 0.79 55.52
CA VAL O 49 35.00 1.32 54.65
C VAL O 49 35.34 2.78 54.96
N HIS O 50 34.41 3.55 55.49
CA HIS O 50 34.66 4.96 55.83
C HIS O 50 33.81 5.30 57.03
N PRO O 51 34.34 5.10 58.25
CA PRO O 51 33.58 5.49 59.45
C PRO O 51 33.35 6.98 59.57
N ASP O 52 34.15 7.81 58.90
CA ASP O 52 34.18 9.24 59.17
C ASP O 52 33.25 10.07 58.31
N THR O 53 32.75 9.53 57.19
CA THR O 53 32.05 10.36 56.23
C THR O 53 30.54 10.24 56.38
N GLY O 54 29.83 11.19 55.77
CA GLY O 54 28.40 11.14 55.63
C GLY O 54 28.02 10.69 54.22
N ILE O 55 26.71 10.69 53.98
CA ILE O 55 26.18 10.26 52.69
C ILE O 55 24.93 11.08 52.40
N SER O 56 24.77 11.47 51.13
CA SER O 56 23.53 12.10 50.70
C SER O 56 22.50 11.03 50.37
N SER O 57 21.23 11.36 50.62
CA SER O 57 20.16 10.42 50.32
C SER O 57 20.00 10.22 48.82
N LYS O 58 20.40 11.21 48.02
CA LYS O 58 20.45 11.04 46.57
C LYS O 58 21.46 9.97 46.19
N ALA O 59 22.66 10.01 46.78
CA ALA O 59 23.64 8.96 46.56
C ALA O 59 23.15 7.61 47.07
N MET O 60 22.41 7.62 48.20
CA MET O 60 21.82 6.40 48.72
C MET O 60 20.84 5.79 47.74
N GLY O 61 19.98 6.62 47.14
CA GLY O 61 19.06 6.13 46.13
C GLY O 61 19.75 5.67 44.87
N ILE O 62 20.83 6.35 44.46
CA ILE O 62 21.61 5.92 43.31
C ILE O 62 22.24 4.55 43.58
N MET O 63 22.74 4.34 44.79
CA MET O 63 23.30 3.03 45.13
C MET O 63 22.23 1.97 45.27
N ASN O 64 21.02 2.36 45.70
CA ASN O 64 19.90 1.42 45.71
C ASN O 64 19.56 1.00 44.28
N SER O 65 19.55 1.95 43.36
CA SER O 65 19.34 1.65 41.94
C SER O 65 20.46 0.77 41.41
N PHE O 66 21.70 1.03 41.85
CA PHE O 66 22.84 0.22 41.47
C PHE O 66 22.68 -1.23 41.91
N VAL O 67 22.40 -1.44 43.19
CA VAL O 67 22.34 -2.80 43.71
C VAL O 67 21.16 -3.55 43.11
N ASN O 68 20.03 -2.86 42.87
CA ASN O 68 18.91 -3.51 42.21
C ASN O 68 19.24 -3.85 40.76
N ASP O 69 19.91 -2.93 40.06
CA ASP O 69 20.23 -3.14 38.64
C ASP O 69 21.21 -4.28 38.46
N ILE O 70 22.28 -4.30 39.24
CA ILE O 70 23.27 -5.36 39.12
C ILE O 70 22.68 -6.68 39.61
N PHE O 71 21.81 -6.63 40.62
CA PHE O 71 21.08 -7.82 41.05
C PHE O 71 20.26 -8.40 39.91
N GLU O 72 19.55 -7.54 39.17
CA GLU O 72 18.74 -8.04 38.06
C GLU O 72 19.61 -8.53 36.91
N ARG O 73 20.75 -7.87 36.66
CA ARG O 73 21.68 -8.31 35.62
C ARG O 73 22.18 -9.72 35.91
N ILE O 74 22.71 -9.93 37.11
CA ILE O 74 23.27 -11.22 37.47
C ILE O 74 22.18 -12.27 37.58
N ALA O 75 21.01 -11.90 38.10
CA ALA O 75 19.91 -12.85 38.23
C ALA O 75 19.40 -13.30 36.87
N GLY O 76 19.25 -12.36 35.93
CA GLY O 76 18.84 -12.72 34.59
C GLY O 76 19.89 -13.56 33.87
N GLU O 77 21.17 -13.27 34.09
CA GLU O 77 22.21 -14.05 33.43
C GLU O 77 22.27 -15.46 34.02
N ALA O 78 22.09 -15.58 35.33
CA ALA O 78 22.03 -16.89 35.97
C ALA O 78 20.83 -17.68 35.46
N SER O 79 19.71 -16.99 35.23
CA SER O 79 18.56 -17.65 34.63
C SER O 79 18.86 -18.10 33.20
N ARG O 80 19.59 -17.26 32.44
CA ARG O 80 20.01 -17.62 31.09
C ARG O 80 20.83 -18.88 31.08
N LEU O 81 21.83 -18.97 31.96
CA LEU O 81 22.66 -20.16 32.01
C LEU O 81 21.92 -21.35 32.59
N ALA O 82 20.94 -21.11 33.46
CA ALA O 82 20.10 -22.20 33.95
C ALA O 82 19.29 -22.81 32.84
N HIS O 83 18.81 -21.99 31.89
CA HIS O 83 18.19 -22.55 30.69
C HIS O 83 19.23 -23.18 29.77
N TYR O 84 20.43 -22.59 29.67
CA TYR O 84 21.43 -23.11 28.75
C TYR O 84 21.92 -24.47 29.20
N ASN O 85 22.07 -24.66 30.50
CA ASN O 85 22.45 -25.93 31.07
C ASN O 85 21.25 -26.76 31.50
N LYS O 86 20.03 -26.27 31.22
CA LYS O 86 18.78 -26.96 31.53
C LYS O 86 18.68 -27.26 33.03
N ARG O 87 19.12 -26.31 33.84
CA ARG O 87 19.18 -26.47 35.28
C ARG O 87 17.96 -25.81 35.90
N SER O 88 17.18 -26.60 36.63
CA SER O 88 16.03 -26.10 37.37
C SER O 88 16.43 -25.33 38.62
N THR O 89 17.72 -25.35 39.00
CA THR O 89 18.21 -24.68 40.18
C THR O 89 19.42 -23.84 39.82
N ILE O 90 19.43 -22.58 40.27
CA ILE O 90 20.60 -21.73 40.11
C ILE O 90 21.40 -21.80 41.41
N THR O 91 22.63 -22.30 41.31
CA THR O 91 23.51 -22.41 42.45
C THR O 91 24.63 -21.38 42.34
N SER O 92 25.54 -21.42 43.33
CA SER O 92 26.66 -20.50 43.34
C SER O 92 27.63 -20.74 42.19
N ARG O 93 27.63 -21.95 41.61
CA ARG O 93 28.37 -22.20 40.39
C ARG O 93 27.83 -21.34 39.26
N GLU O 94 26.51 -21.27 39.13
CA GLU O 94 25.86 -20.44 38.12
C GLU O 94 26.15 -18.97 38.36
N ILE O 95 26.10 -18.54 39.62
CA ILE O 95 26.34 -17.14 39.96
C ILE O 95 27.78 -16.76 39.67
N GLN O 96 28.72 -17.66 40.01
CA GLN O 96 30.12 -17.41 39.74
C GLN O 96 30.38 -17.35 38.24
N THR O 97 29.70 -18.20 37.48
CA THR O 97 29.77 -18.13 36.02
C THR O 97 29.28 -16.79 35.52
N ALA O 98 28.17 -16.31 36.04
CA ALA O 98 27.61 -15.04 35.60
C ALA O 98 28.53 -13.87 35.98
N VAL O 99 29.17 -13.95 37.14
CA VAL O 99 30.12 -12.93 37.55
C VAL O 99 31.31 -12.92 36.60
N ARG O 100 31.83 -14.11 36.29
CA ARG O 100 32.95 -14.23 35.36
C ARG O 100 32.58 -13.75 33.97
N LEU O 101 31.30 -13.85 33.62
CA LEU O 101 30.84 -13.26 32.37
C LEU O 101 30.82 -11.74 32.46
N LEU O 102 30.04 -11.20 33.38
CA LEU O 102 29.75 -9.77 33.37
C LEU O 102 30.88 -8.97 33.97
N LEU O 103 31.31 -9.34 35.16
CA LEU O 103 32.24 -8.49 35.86
C LEU O 103 33.65 -8.68 35.29
N PRO O 104 34.37 -7.59 35.01
CA PRO O 104 35.67 -7.72 34.34
C PRO O 104 36.86 -7.98 35.26
N GLY O 105 37.64 -8.99 34.88
CA GLY O 105 39.02 -9.18 35.32
C GLY O 105 39.32 -9.31 36.81
N GLU O 106 40.11 -8.36 37.32
CA GLU O 106 40.52 -8.42 38.71
C GLU O 106 39.34 -8.22 39.65
N LEU O 107 38.36 -7.42 39.24
CA LEU O 107 37.13 -7.32 40.01
C LEU O 107 36.43 -8.68 40.06
N ALA O 108 36.42 -9.39 38.94
CA ALA O 108 35.80 -10.72 38.90
C ALA O 108 36.52 -11.70 39.81
N LYS O 109 37.85 -11.72 39.77
CA LYS O 109 38.56 -12.72 40.56
C LYS O 109 38.59 -12.38 42.05
N HIS O 110 38.64 -11.09 42.42
CA HIS O 110 38.52 -10.79 43.84
C HIS O 110 37.09 -10.95 44.32
N ALA O 111 36.10 -10.78 43.44
CA ALA O 111 34.73 -11.12 43.81
C ALA O 111 34.60 -12.63 44.02
N VAL O 112 35.30 -13.41 43.19
CA VAL O 112 35.35 -14.85 43.38
C VAL O 112 35.97 -15.17 44.72
N SER O 113 37.06 -14.49 45.07
CA SER O 113 37.72 -14.71 46.35
C SER O 113 36.81 -14.34 47.52
N GLU O 114 36.13 -13.19 47.42
CA GLU O 114 35.27 -12.73 48.48
C GLU O 114 34.07 -13.65 48.66
N GLY O 115 33.41 -14.02 47.57
CA GLY O 115 32.28 -14.91 47.66
C GLY O 115 32.66 -16.32 48.08
N THR O 116 33.84 -16.78 47.67
CA THR O 116 34.31 -18.09 48.11
C THR O 116 34.60 -18.08 49.60
N LYS O 117 35.24 -17.02 50.09
CA LYS O 117 35.49 -16.88 51.52
C LYS O 117 34.18 -16.81 52.30
N ALA O 118 33.21 -16.06 51.77
CA ALA O 118 31.92 -15.93 52.43
C ALA O 118 31.16 -17.24 52.45
N VAL O 119 31.21 -18.01 51.36
CA VAL O 119 30.48 -19.26 51.32
C VAL O 119 31.19 -20.35 52.12
N THR O 120 32.51 -20.23 52.32
CA THR O 120 33.18 -21.14 53.24
C THR O 120 32.81 -20.80 54.68
N LYS O 121 32.70 -19.50 55.00
CA LYS O 121 32.30 -19.13 56.35
C LYS O 121 30.85 -19.52 56.64
N TYR O 122 29.96 -19.33 55.66
CA TYR O 122 28.57 -19.71 55.85
C TYR O 122 28.39 -21.22 55.83
N THR O 123 29.19 -21.93 55.02
CA THR O 123 29.16 -23.38 55.03
C THR O 123 29.66 -23.90 56.38
N SER O 124 30.64 -23.23 56.96
CA SER O 124 31.07 -23.49 58.32
C SER O 124 30.26 -22.70 59.35
N ALA O 125 29.17 -22.04 58.91
CA ALA O 125 28.26 -21.26 59.74
C ALA O 125 28.97 -20.18 60.55
N LYS P 38 39.26 50.93 27.77
CA LYS P 38 38.73 49.85 26.96
C LYS P 38 38.09 48.77 27.83
N PRO P 39 36.81 48.48 27.57
CA PRO P 39 36.16 47.37 28.26
C PRO P 39 36.81 46.03 27.90
N HIS P 40 36.81 45.12 28.86
CA HIS P 40 37.52 43.86 28.69
C HIS P 40 36.70 42.91 27.82
N ARG P 41 37.39 42.23 26.90
CA ARG P 41 36.77 41.28 26.00
C ARG P 41 37.72 40.10 25.82
N TYR P 42 37.17 38.90 25.90
CA TYR P 42 37.95 37.68 25.74
C TYR P 42 37.97 37.25 24.28
N ARG P 43 39.04 36.57 23.90
CA ARG P 43 39.16 36.01 22.55
C ARG P 43 38.17 34.85 22.39
N PRO P 44 37.72 34.56 21.15
CA PRO P 44 36.75 33.49 20.95
C PRO P 44 37.27 32.12 21.38
N GLY P 45 36.41 31.36 22.03
CA GLY P 45 36.75 30.09 22.61
C GLY P 45 37.12 30.15 24.08
N THR P 46 37.59 31.30 24.56
CA THR P 46 38.00 31.43 25.96
C THR P 46 36.82 31.28 26.90
N VAL P 47 35.75 32.04 26.68
CA VAL P 47 34.56 31.89 27.50
C VAL P 47 33.93 30.52 27.23
N ALA P 48 34.04 30.03 25.99
CA ALA P 48 33.57 28.68 25.68
C ALA P 48 34.34 27.63 26.46
N LEU P 49 35.67 27.77 26.54
CA LEU P 49 36.46 26.80 27.29
C LEU P 49 36.21 26.91 28.79
N ARG P 50 36.00 28.14 29.28
CA ARG P 50 35.65 28.34 30.69
C ARG P 50 34.31 27.69 31.01
N GLU P 51 33.34 27.84 30.10
CA GLU P 51 32.06 27.17 30.23
C GLU P 51 32.22 25.66 30.20
N ILE P 52 33.08 25.16 29.30
CA ILE P 52 33.35 23.73 29.21
C ILE P 52 33.88 23.22 30.54
N ARG P 53 34.87 23.92 31.10
CA ARG P 53 35.45 23.54 32.38
C ARG P 53 34.41 23.60 33.50
N ARG P 54 33.55 24.62 33.46
CA ARG P 54 32.62 24.84 34.55
C ARG P 54 31.48 23.81 34.53
N TYR P 55 30.89 23.54 33.37
CA TYR P 55 29.83 22.54 33.36
C TYR P 55 30.35 21.11 33.28
N GLN P 56 31.64 20.90 33.00
CA GLN P 56 32.21 19.62 33.36
C GLN P 56 32.41 19.53 34.86
N LYS P 57 32.76 20.64 35.49
CA LYS P 57 32.82 20.68 36.95
C LYS P 57 31.42 20.61 37.55
N SER P 58 30.49 21.41 37.06
CA SER P 58 29.16 21.47 37.65
C SER P 58 28.32 20.31 37.15
N THR P 59 27.25 20.03 37.89
CA THR P 59 26.37 18.89 37.62
C THR P 59 24.92 19.26 37.35
N GLU P 60 24.57 20.53 37.41
CA GLU P 60 23.18 20.94 37.40
C GLU P 60 22.59 20.89 35.99
N LEU P 61 21.26 20.97 35.94
CA LEU P 61 20.53 21.05 34.68
C LEU P 61 20.77 22.38 33.99
N LEU P 62 20.91 22.33 32.67
CA LEU P 62 21.19 23.52 31.86
C LEU P 62 19.99 23.98 31.05
N ILE P 63 18.86 23.27 31.12
CA ILE P 63 17.63 23.64 30.44
C ILE P 63 16.62 24.06 31.50
N ARG P 64 15.82 25.08 31.17
CA ARG P 64 14.73 25.51 32.02
C ARG P 64 13.72 24.38 32.22
N LYS P 65 13.29 24.19 33.47
CA LYS P 65 12.47 23.02 33.81
C LYS P 65 11.03 23.16 33.35
N LEU P 66 10.47 24.37 33.37
CA LEU P 66 9.05 24.53 33.12
C LEU P 66 8.69 24.57 31.63
N PRO P 67 9.44 25.24 30.73
CA PRO P 67 9.21 24.98 29.31
C PRO P 67 9.47 23.56 28.89
N PHE P 68 10.45 22.90 29.52
CA PHE P 68 10.64 21.47 29.35
C PHE P 68 9.40 20.70 29.77
N GLN P 69 8.81 21.07 30.90
CA GLN P 69 7.60 20.42 31.39
C GLN P 69 6.43 20.63 30.44
N ARG P 70 6.30 21.85 29.91
CA ARG P 70 5.24 22.13 28.94
C ARG P 70 5.46 21.35 27.65
N LEU P 71 6.71 21.18 27.23
CA LEU P 71 7.01 20.34 26.08
C LEU P 71 6.62 18.89 26.33
N VAL P 72 6.91 18.40 27.54
CA VAL P 72 6.51 17.06 27.95
C VAL P 72 4.99 16.91 27.85
N ARG P 73 4.26 17.90 28.33
CA ARG P 73 2.80 17.80 28.31
C ARG P 73 2.24 17.92 26.90
N GLU P 74 2.82 18.80 26.06
CA GLU P 74 2.27 18.97 24.72
C GLU P 74 2.62 17.81 23.81
N ILE P 75 3.67 17.06 24.13
CA ILE P 75 3.92 15.85 23.37
C ILE P 75 3.17 14.67 23.98
N ALA P 76 2.84 14.75 25.26
CA ALA P 76 1.97 13.76 25.88
C ALA P 76 0.59 13.79 25.24
N GLN P 77 0.02 14.99 25.10
CA GLN P 77 -1.29 15.11 24.46
C GLN P 77 -1.24 14.75 22.98
N ASP P 78 -0.05 14.75 22.37
CA ASP P 78 0.10 14.19 21.03
C ASP P 78 -0.09 12.69 21.02
N PHE P 79 0.11 12.02 22.15
CA PHE P 79 -0.18 10.59 22.30
C PHE P 79 -1.46 10.35 23.08
N LYS P 80 -1.62 11.02 24.21
CA LYS P 80 -2.82 10.87 25.03
C LYS P 80 -3.08 12.19 25.73
N THR P 81 -4.25 12.78 25.48
CA THR P 81 -4.51 14.12 25.99
C THR P 81 -4.77 14.09 27.49
N ASP P 82 -4.57 15.26 28.11
CA ASP P 82 -4.92 15.54 29.50
C ASP P 82 -4.19 14.63 30.49
N LEU P 83 -2.95 14.29 30.17
CA LEU P 83 -2.12 13.54 31.10
C LEU P 83 -1.52 14.47 32.15
N ARG P 84 -1.40 13.94 33.36
CA ARG P 84 -0.73 14.64 34.45
C ARG P 84 0.63 14.00 34.67
N PHE P 85 1.57 14.81 35.15
CA PHE P 85 2.95 14.38 35.29
C PHE P 85 3.46 14.70 36.68
N GLN P 86 4.05 13.70 37.33
CA GLN P 86 4.83 13.96 38.53
C GLN P 86 6.02 14.82 38.16
N SER P 87 6.34 15.78 39.04
CA SER P 87 7.52 16.60 38.84
C SER P 87 8.78 15.76 38.86
N SER P 88 8.76 14.67 39.65
CA SER P 88 9.85 13.70 39.63
C SER P 88 9.99 13.05 38.27
N ALA P 89 8.86 12.73 37.61
CA ALA P 89 8.92 12.16 36.28
C ALA P 89 9.50 13.14 35.28
N VAL P 90 9.11 14.41 35.41
CA VAL P 90 9.64 15.46 34.54
C VAL P 90 11.14 15.60 34.73
N MET P 91 11.61 15.56 35.98
CA MET P 91 13.03 15.72 36.22
C MET P 91 13.82 14.50 35.76
N ALA P 92 13.29 13.29 35.99
CA ALA P 92 13.99 12.08 35.55
C ALA P 92 14.11 12.05 34.04
N LEU P 93 13.03 12.42 33.35
CA LEU P 93 13.08 12.67 31.92
C LEU P 93 14.10 13.74 31.56
N GLN P 94 14.27 14.75 32.42
CA GLN P 94 15.23 15.81 32.11
C GLN P 94 16.66 15.27 32.10
N GLU P 95 17.18 14.81 33.25
CA GLU P 95 18.56 14.30 33.24
C GLU P 95 18.76 13.12 32.29
N ALA P 96 17.71 12.35 31.97
CA ALA P 96 17.80 11.44 30.84
C ALA P 96 18.08 12.19 29.55
N SER P 97 17.37 13.30 29.32
CA SER P 97 17.53 14.05 28.08
C SER P 97 18.91 14.68 27.98
N GLU P 98 19.35 15.39 29.02
CA GLU P 98 20.67 16.02 28.94
C GLU P 98 21.79 14.98 28.91
N ALA P 99 21.65 13.83 29.58
CA ALA P 99 22.68 12.81 29.50
C ALA P 99 22.77 12.24 28.10
N TYR P 100 21.62 11.96 27.48
CA TYR P 100 21.60 11.49 26.10
C TYR P 100 22.23 12.51 25.17
N LEU P 101 21.91 13.80 25.38
CA LEU P 101 22.47 14.87 24.58
C LEU P 101 23.98 14.95 24.71
N VAL P 102 24.50 14.90 25.94
CA VAL P 102 25.93 15.00 26.17
C VAL P 102 26.67 13.80 25.57
N GLY P 103 26.05 12.62 25.61
CA GLY P 103 26.63 11.49 24.91
C GLY P 103 26.73 11.72 23.41
N LEU P 104 25.66 12.27 22.82
CA LEU P 104 25.71 12.60 21.40
C LEU P 104 26.74 13.67 21.08
N PHE P 105 26.90 14.66 21.96
CA PHE P 105 27.88 15.69 21.67
C PHE P 105 29.31 15.20 21.85
N GLU P 106 29.55 14.26 22.77
CA GLU P 106 30.88 13.65 22.85
C GLU P 106 31.19 12.88 21.58
N ASP P 107 30.21 12.10 21.08
CA ASP P 107 30.41 11.42 19.80
C ASP P 107 30.58 12.42 18.65
N THR P 108 29.87 13.54 18.73
CA THR P 108 29.96 14.59 17.72
C THR P 108 31.34 15.24 17.72
N ASN P 109 31.90 15.48 18.91
CA ASN P 109 33.25 15.99 19.01
C ASN P 109 34.26 14.99 18.46
N LEU P 110 34.04 13.70 18.72
CA LEU P 110 34.92 12.67 18.17
C LEU P 110 34.89 12.68 16.65
N ALA P 111 33.69 12.78 16.07
CA ALA P 111 33.58 12.85 14.62
C ALA P 111 34.21 14.14 14.07
N ALA P 112 34.02 15.26 14.76
CA ALA P 112 34.50 16.54 14.27
C ALA P 112 36.02 16.61 14.29
N ILE P 113 36.65 16.12 15.36
CA ILE P 113 38.11 16.09 15.36
C ILE P 113 38.60 15.00 14.41
N HIS P 114 37.78 13.99 14.17
CA HIS P 114 38.09 13.04 13.12
C HIS P 114 37.92 13.67 11.74
N ALA P 115 37.01 14.62 11.62
CA ALA P 115 36.92 15.46 10.43
C ALA P 115 37.87 16.65 10.49
N LYS P 116 38.86 16.60 11.40
CA LYS P 116 39.91 17.61 11.53
C LYS P 116 39.34 18.98 11.88
N ARG P 117 38.23 19.02 12.62
CA ARG P 117 37.49 20.24 12.83
C ARG P 117 37.30 20.52 14.32
N VAL P 118 37.05 21.80 14.62
CA VAL P 118 36.66 22.21 15.96
C VAL P 118 35.21 22.69 16.03
N THR P 119 34.62 23.06 14.91
CA THR P 119 33.20 23.41 14.85
C THR P 119 32.42 22.23 14.30
N ILE P 120 31.35 21.90 14.98
CA ILE P 120 30.51 20.80 14.56
C ILE P 120 29.44 21.32 13.61
N MET P 121 29.13 20.53 12.60
CA MET P 121 28.02 20.72 11.69
C MET P 121 27.14 19.49 11.72
N PRO P 122 25.83 19.60 11.39
CA PRO P 122 24.88 18.52 11.68
C PRO P 122 25.19 17.17 11.05
N LYS P 123 26.00 17.15 9.98
CA LYS P 123 26.46 15.90 9.40
C LYS P 123 27.24 15.07 10.43
N ASP P 124 27.93 15.72 11.37
CA ASP P 124 28.61 15.01 12.45
C ASP P 124 27.60 14.26 13.32
N ILE P 125 26.50 14.92 13.68
CA ILE P 125 25.52 14.34 14.58
C ILE P 125 24.75 13.22 13.88
N GLN P 126 24.39 13.42 12.61
CA GLN P 126 23.71 12.36 11.87
C GLN P 126 24.63 11.17 11.66
N LEU P 127 25.93 11.42 11.41
CA LEU P 127 26.89 10.34 11.29
C LEU P 127 26.98 9.53 12.58
N ALA P 128 27.12 10.21 13.71
CA ALA P 128 27.23 9.52 15.00
C ALA P 128 25.94 8.78 15.33
N ARG P 129 24.80 9.35 14.91
CA ARG P 129 23.52 8.68 15.07
C ARG P 129 23.47 7.38 14.28
N ARG P 130 24.03 7.38 13.07
CA ARG P 130 24.12 6.15 12.28
C ARG P 130 25.08 5.16 12.92
N ILE P 131 26.19 5.66 13.49
CA ILE P 131 27.16 4.78 14.13
C ILE P 131 26.54 4.11 15.35
N ARG P 132 25.69 4.82 16.08
CA ARG P 132 25.01 4.21 17.22
C ARG P 132 23.94 3.21 16.78
N GLY P 133 23.65 3.12 15.49
CA GLY P 133 22.70 2.14 15.00
C GLY P 133 21.29 2.67 15.12
N GLU P 134 21.12 3.95 14.79
CA GLU P 134 19.84 4.60 15.01
C GLU P 134 19.29 5.12 13.70
N LYS Q 21 -6.19 25.41 25.70
CA LYS Q 21 -6.04 24.08 26.26
C LYS Q 21 -4.79 23.38 25.74
N VAL Q 22 -4.68 23.28 24.42
CA VAL Q 22 -3.55 22.60 23.81
C VAL Q 22 -2.36 23.57 23.70
N LEU Q 23 -1.17 22.99 23.58
CA LEU Q 23 0.06 23.74 23.39
C LEU Q 23 0.67 23.34 22.06
N ARG Q 24 1.25 24.31 21.35
CA ARG Q 24 1.73 24.10 19.99
C ARG Q 24 3.24 24.16 19.85
N ASP Q 25 3.94 24.94 20.68
CA ASP Q 25 5.38 25.12 20.51
C ASP Q 25 6.04 25.31 21.87
N ASN Q 26 6.59 24.23 22.42
CA ASN Q 26 7.47 24.31 23.57
C ASN Q 26 8.80 23.60 23.32
N ILE Q 27 9.01 23.06 22.13
CA ILE Q 27 10.34 22.61 21.73
C ILE Q 27 11.29 23.81 21.62
N GLN Q 28 10.74 24.99 21.33
CA GLN Q 28 11.49 26.23 21.49
C GLN Q 28 11.90 26.47 22.93
N GLY Q 29 11.14 25.91 23.88
CA GLY Q 29 11.48 26.05 25.29
C GLY Q 29 12.76 25.35 25.68
N ILE Q 30 13.21 24.39 24.86
CA ILE Q 30 14.58 23.92 24.94
C ILE Q 30 15.41 24.94 24.20
N THR Q 31 15.87 25.97 24.91
CA THR Q 31 16.37 27.17 24.27
C THR Q 31 17.78 26.97 23.73
N LYS Q 32 18.16 27.86 22.82
CA LYS Q 32 19.49 27.83 22.22
C LYS Q 32 20.63 27.99 23.22
N PRO Q 33 20.60 28.92 24.20
CA PRO Q 33 21.68 28.93 25.20
C PRO Q 33 21.74 27.67 26.06
N ALA Q 34 20.61 27.01 26.28
CA ALA Q 34 20.63 25.72 26.98
C ALA Q 34 21.39 24.69 26.18
N ILE Q 35 21.16 24.66 24.86
CA ILE Q 35 21.91 23.77 23.96
C ILE Q 35 23.39 24.14 23.96
N ARG Q 36 23.69 25.45 23.98
CA ARG Q 36 25.07 25.92 23.99
C ARG Q 36 25.78 25.45 25.25
N ARG Q 37 25.14 25.60 26.40
CA ARG Q 37 25.71 25.19 27.67
C ARG Q 37 25.90 23.68 27.74
N LEU Q 38 24.94 22.93 27.19
CA LEU Q 38 25.09 21.47 27.16
C LEU Q 38 26.24 21.05 26.28
N ALA Q 39 26.42 21.71 25.14
CA ALA Q 39 27.56 21.39 24.28
C ALA Q 39 28.87 21.80 24.93
N ARG Q 40 28.85 22.80 25.80
CA ARG Q 40 30.01 23.05 26.65
C ARG Q 40 30.23 21.90 27.63
N ARG Q 41 29.15 21.40 28.24
CA ARG Q 41 29.25 20.17 29.02
C ARG Q 41 29.56 18.98 28.13
N GLY Q 42 29.07 18.99 26.90
CA GLY Q 42 29.44 18.01 25.91
C GLY Q 42 30.80 18.25 25.26
N GLY Q 43 31.45 19.36 25.59
CA GLY Q 43 32.80 19.61 25.15
C GLY Q 43 32.93 20.27 23.80
N VAL Q 44 31.86 20.82 23.25
CA VAL Q 44 31.90 21.47 21.94
C VAL Q 44 32.34 22.92 22.14
N LYS Q 45 33.41 23.32 21.47
CA LYS Q 45 33.90 24.68 21.59
C LYS Q 45 33.24 25.63 20.60
N ARG Q 46 32.83 25.14 19.45
CA ARG Q 46 32.18 25.97 18.44
C ARG Q 46 31.00 25.21 17.84
N ILE Q 47 29.85 25.86 17.83
CA ILE Q 47 28.58 25.23 17.51
C ILE Q 47 28.07 25.94 16.27
N SER Q 48 27.74 25.18 15.23
CA SER Q 48 27.14 25.82 14.09
C SER Q 48 25.74 26.33 14.44
N GLY Q 49 25.32 27.37 13.71
CA GLY Q 49 23.94 27.80 13.82
C GLY Q 49 22.94 26.76 13.34
N LEU Q 50 23.38 25.86 12.46
CA LEU Q 50 22.57 24.75 12.00
C LEU Q 50 22.40 23.66 13.04
N ILE Q 51 23.22 23.65 14.09
CA ILE Q 51 23.21 22.57 15.07
C ILE Q 51 21.94 22.60 15.91
N TYR Q 52 21.48 23.79 16.31
CA TYR Q 52 20.46 23.90 17.35
C TYR Q 52 19.13 23.27 16.95
N GLU Q 53 18.68 23.54 15.72
CA GLU Q 53 17.36 23.04 15.31
C GLU Q 53 17.39 21.54 15.05
N GLU Q 54 18.49 21.01 14.52
CA GLU Q 54 18.55 19.58 14.29
C GLU Q 54 18.81 18.80 15.58
N THR Q 55 19.53 19.39 16.53
CA THR Q 55 19.57 18.80 17.87
C THR Q 55 18.20 18.79 18.49
N ARG Q 56 17.43 19.87 18.32
CA ARG Q 56 16.04 19.89 18.78
C ARG Q 56 15.23 18.80 18.12
N GLY Q 57 15.45 18.57 16.82
CA GLY Q 57 14.75 17.50 16.12
C GLY Q 57 15.12 16.12 16.61
N VAL Q 58 16.42 15.88 16.85
CA VAL Q 58 16.79 14.53 17.25
C VAL Q 58 16.44 14.27 18.72
N LEU Q 59 16.52 15.28 19.59
CA LEU Q 59 16.04 15.08 20.95
C LEU Q 59 14.53 14.97 20.96
N LYS Q 60 13.88 15.65 20.02
CA LYS Q 60 12.44 15.50 19.82
C LYS Q 60 12.10 14.06 19.49
N VAL Q 61 12.86 13.46 18.57
CA VAL Q 61 12.66 12.06 18.19
C VAL Q 61 12.87 11.15 19.39
N PHE Q 62 13.96 11.38 20.13
CA PHE Q 62 14.26 10.51 21.28
C PHE Q 62 13.22 10.66 22.38
N LEU Q 63 12.74 11.89 22.62
CA LEU Q 63 11.76 12.07 23.67
C LEU Q 63 10.43 11.46 23.27
N GLU Q 64 10.08 11.55 21.98
CA GLU Q 64 8.90 10.83 21.49
C GLU Q 64 9.05 9.34 21.70
N ASN Q 65 10.24 8.81 21.44
CA ASN Q 65 10.47 7.38 21.63
C ASN Q 65 10.35 6.99 23.09
N VAL Q 66 10.86 7.83 23.99
CA VAL Q 66 10.77 7.55 25.42
C VAL Q 66 9.33 7.66 25.89
N ILE Q 67 8.66 8.75 25.53
CA ILE Q 67 7.34 9.02 26.10
C ILE Q 67 6.28 8.13 25.47
N ARG Q 68 6.52 7.63 24.24
CA ARG Q 68 5.59 6.68 23.65
C ARG Q 68 5.58 5.40 24.46
N ASP Q 69 6.76 4.92 24.82
CA ASP Q 69 6.88 3.77 25.69
C ASP Q 69 6.33 4.07 27.07
N ALA Q 70 6.55 5.29 27.57
CA ALA Q 70 6.07 5.69 28.88
C ALA Q 70 4.55 5.71 28.92
N VAL Q 71 3.92 6.23 27.87
CA VAL Q 71 2.48 6.20 27.76
C VAL Q 71 1.97 4.77 27.68
N THR Q 72 2.68 3.92 26.93
CA THR Q 72 2.29 2.51 26.83
C THR Q 72 2.30 1.85 28.20
N TYR Q 73 3.34 2.15 28.99
CA TYR Q 73 3.37 1.76 30.39
C TYR Q 73 2.20 2.36 31.15
N THR Q 74 1.85 3.61 30.85
CA THR Q 74 0.91 4.37 31.66
C THR Q 74 -0.51 3.81 31.56
N GLU Q 75 -1.01 3.64 30.34
CA GLU Q 75 -2.29 2.94 30.29
C GLU Q 75 -2.14 1.43 30.43
N HIS Q 76 -0.93 0.89 30.43
CA HIS Q 76 -0.83 -0.47 30.94
C HIS Q 76 -0.93 -0.50 32.45
N ALA Q 77 -0.72 0.64 33.12
CA ALA Q 77 -0.87 0.75 34.55
C ALA Q 77 -2.26 1.18 35.00
N LYS Q 78 -3.18 1.43 34.05
CA LYS Q 78 -4.51 2.00 34.31
C LYS Q 78 -4.44 3.32 35.08
N ARG Q 79 -3.40 4.12 34.86
CA ARG Q 79 -3.26 5.38 35.54
C ARG Q 79 -3.46 6.54 34.57
N LYS Q 80 -3.63 7.73 35.14
CA LYS Q 80 -3.74 8.95 34.36
C LYS Q 80 -2.66 9.97 34.71
N THR Q 81 -1.93 9.77 35.80
CA THR Q 81 -0.82 10.62 36.18
C THR Q 81 0.47 9.85 35.96
N VAL Q 82 1.37 10.41 35.16
CA VAL Q 82 2.59 9.72 34.76
C VAL Q 82 3.60 9.78 35.89
N THR Q 83 4.17 8.63 36.24
CA THR Q 83 5.16 8.52 37.30
C THR Q 83 6.55 8.37 36.73
N ALA Q 84 7.54 8.60 37.58
CA ALA Q 84 8.94 8.47 37.18
C ALA Q 84 9.38 7.04 37.00
N MET Q 85 8.70 6.08 37.63
CA MET Q 85 9.23 4.72 37.67
C MET Q 85 9.05 4.04 36.33
N ASP Q 86 7.94 4.35 35.64
CA ASP Q 86 7.77 3.87 34.27
C ASP Q 86 8.73 4.55 33.31
N VAL Q 87 9.09 5.81 33.58
CA VAL Q 87 10.14 6.47 32.83
C VAL Q 87 11.45 5.71 32.98
N VAL Q 88 11.74 5.25 34.21
CA VAL Q 88 12.92 4.41 34.45
C VAL Q 88 12.83 3.12 33.66
N TYR Q 89 11.64 2.49 33.64
CA TYR Q 89 11.46 1.25 32.90
C TYR Q 89 11.70 1.45 31.41
N ALA Q 90 11.17 2.54 30.85
CA ALA Q 90 11.31 2.79 29.42
C ALA Q 90 12.75 3.12 29.05
N LEU Q 91 13.45 3.90 29.89
CA LEU Q 91 14.84 4.22 29.61
C LEU Q 91 15.73 3.00 29.74
N LYS Q 92 15.44 2.14 30.72
CA LYS Q 92 16.18 0.89 30.87
C LYS Q 92 15.91 -0.05 29.70
N ARG Q 93 14.70 0.02 29.13
CA ARG Q 93 14.42 -0.71 27.90
C ARG Q 93 15.28 -0.19 26.75
N GLN Q 94 15.41 1.13 26.62
CA GLN Q 94 16.13 1.73 25.50
C GLN Q 94 17.63 1.78 25.71
N GLY Q 95 18.17 1.06 26.68
CA GLY Q 95 19.60 1.04 26.88
C GLY Q 95 20.18 2.30 27.47
N ARG Q 96 19.34 3.14 28.07
CA ARG Q 96 19.80 4.38 28.70
C ARG Q 96 19.37 4.40 30.16
N THR Q 97 19.71 3.34 30.88
CA THR Q 97 19.39 3.18 32.30
C THR Q 97 19.96 4.33 33.13
N LEU Q 98 19.13 4.92 33.97
CA LEU Q 98 19.51 6.07 34.79
C LEU Q 98 19.42 5.67 36.26
N TYR Q 99 20.40 6.13 37.05
CA TYR Q 99 20.42 5.87 38.47
C TYR Q 99 19.95 7.10 39.23
N GLY Q 100 19.07 6.89 40.20
CA GLY Q 100 18.63 7.98 41.04
C GLY Q 100 17.13 8.21 41.09
N PHE Q 101 16.35 7.37 40.41
CA PHE Q 101 14.90 7.47 40.49
C PHE Q 101 14.18 6.14 40.59
N GLY Q 102 14.90 5.02 40.55
CA GLY Q 102 14.24 3.74 40.71
C GLY Q 102 13.77 3.53 42.14
N GLY Q 103 12.54 3.04 42.27
CA GLY Q 103 11.94 2.83 43.58
C GLY Q 103 11.48 4.10 44.26
N ALA R 28 -18.23 -40.19 25.29
CA ALA R 28 -17.43 -40.41 26.49
C ALA R 28 -16.33 -39.37 26.61
N ARG R 29 -15.84 -38.88 25.47
CA ARG R 29 -14.82 -37.85 25.45
C ARG R 29 -15.11 -36.86 24.33
N ALA R 30 -14.74 -35.61 24.57
CA ALA R 30 -14.84 -34.59 23.54
C ALA R 30 -13.80 -34.83 22.46
N LYS R 31 -14.13 -34.40 21.23
CA LYS R 31 -13.24 -34.59 20.10
C LYS R 31 -12.02 -33.69 20.22
N ALA R 32 -10.86 -34.23 19.83
CA ALA R 32 -9.62 -33.48 19.87
C ALA R 32 -9.59 -32.47 18.73
N LYS R 33 -9.80 -31.20 19.07
CA LYS R 33 -9.72 -30.10 18.11
C LYS R 33 -8.84 -29.03 18.74
N THR R 34 -7.63 -28.87 18.20
CA THR R 34 -6.59 -28.14 18.91
C THR R 34 -6.89 -26.65 18.96
N ARG R 35 -6.27 -26.00 19.95
CA ARG R 35 -6.44 -24.57 20.15
C ARG R 35 -5.78 -23.76 19.06
N SER R 36 -4.82 -24.33 18.34
CA SER R 36 -4.27 -23.68 17.16
C SER R 36 -5.32 -23.60 16.06
N SER R 37 -6.10 -24.66 15.90
CA SER R 37 -7.23 -24.62 14.98
C SER R 37 -8.34 -23.71 15.50
N ARG R 38 -8.47 -23.58 16.82
CA ARG R 38 -9.40 -22.61 17.37
C ARG R 38 -8.98 -21.19 17.02
N ALA R 39 -7.68 -20.92 17.08
CA ALA R 39 -7.15 -19.68 16.53
C ALA R 39 -7.14 -19.71 15.01
N GLY R 40 -7.28 -20.89 14.40
CA GLY R 40 -7.19 -21.01 12.96
C GLY R 40 -5.81 -20.72 12.43
N LEU R 41 -4.79 -20.83 13.26
CA LEU R 41 -3.44 -20.42 12.92
C LEU R 41 -2.50 -21.61 13.06
N GLN R 42 -1.49 -21.63 12.19
CA GLN R 42 -0.61 -22.79 12.10
C GLN R 42 0.37 -22.87 13.27
N PHE R 43 0.64 -21.73 13.91
CA PHE R 43 1.53 -21.73 15.06
C PHE R 43 0.91 -22.46 16.24
N PRO R 44 1.66 -23.31 16.93
CA PRO R 44 1.09 -24.11 18.02
C PRO R 44 0.77 -23.25 19.22
N VAL R 45 -0.51 -23.21 19.60
CA VAL R 45 -0.89 -22.61 20.87
C VAL R 45 -0.28 -23.38 22.03
N GLY R 46 -0.31 -24.72 21.95
CA GLY R 46 0.20 -25.53 23.04
C GLY R 46 1.70 -25.39 23.23
N ARG R 47 2.46 -25.40 22.14
CA ARG R 47 3.92 -25.31 22.24
C ARG R 47 4.37 -23.93 22.70
N VAL R 48 3.75 -22.87 22.17
CA VAL R 48 4.10 -21.52 22.60
C VAL R 48 3.73 -21.32 24.07
N HIS R 49 2.57 -21.85 24.48
CA HIS R 49 2.15 -21.72 25.87
C HIS R 49 3.10 -22.46 26.82
N ARG R 50 3.52 -23.68 26.45
CA ARG R 50 4.42 -24.42 27.34
C ARG R 50 5.83 -23.84 27.32
N LEU R 51 6.26 -23.22 26.22
CA LEU R 51 7.55 -22.54 26.25
C LEU R 51 7.49 -21.26 27.08
N LEU R 52 6.37 -20.56 27.07
CA LEU R 52 6.21 -19.40 27.95
C LEU R 52 6.17 -19.80 29.41
N ARG R 53 5.43 -20.88 29.73
CA ARG R 53 5.37 -21.32 31.13
C ARG R 53 6.71 -21.88 31.60
N LYS R 54 7.42 -22.60 30.73
CA LYS R 54 8.74 -23.10 31.09
C LYS R 54 9.78 -22.00 31.07
N GLY R 55 9.53 -20.91 30.35
CA GLY R 55 10.50 -19.84 30.20
C GLY R 55 10.71 -18.97 31.43
N ASN R 56 9.98 -19.25 32.52
CA ASN R 56 10.16 -18.61 33.82
C ASN R 56 9.97 -17.09 33.74
N TYR R 57 8.86 -16.68 33.14
CA TYR R 57 8.45 -15.29 33.04
C TYR R 57 7.34 -14.96 34.02
N SER R 58 6.38 -15.87 34.17
CA SER R 58 5.45 -15.91 35.29
C SER R 58 4.97 -17.34 35.42
N GLU R 59 4.65 -17.74 36.65
CA GLU R 59 4.11 -19.08 36.88
C GLU R 59 2.71 -19.23 36.33
N ARG R 60 2.03 -18.11 36.09
CA ARG R 60 0.67 -18.07 35.60
C ARG R 60 0.65 -17.12 34.41
N VAL R 61 0.01 -17.55 33.32
CA VAL R 61 0.00 -16.80 32.07
C VAL R 61 -1.44 -16.66 31.62
N GLY R 62 -1.86 -15.42 31.33
CA GLY R 62 -3.21 -15.19 30.90
C GLY R 62 -3.50 -15.83 29.56
N ALA R 63 -4.77 -16.19 29.34
CA ALA R 63 -5.14 -17.01 28.20
C ALA R 63 -4.95 -16.28 26.88
N GLY R 64 -5.16 -14.96 26.87
CA GLY R 64 -4.96 -14.22 25.65
C GLY R 64 -3.51 -14.05 25.26
N ALA R 65 -2.60 -14.22 26.21
CA ALA R 65 -1.18 -14.01 25.92
C ALA R 65 -0.60 -14.96 24.88
N PRO R 66 -0.71 -16.30 25.00
CA PRO R 66 -0.05 -17.14 23.99
C PRO R 66 -0.75 -17.12 22.64
N VAL R 67 -2.07 -16.99 22.61
CA VAL R 67 -2.76 -16.91 21.33
C VAL R 67 -2.46 -15.59 20.63
N TYR R 68 -2.37 -14.49 21.40
CA TYR R 68 -1.98 -13.22 20.82
C TYR R 68 -0.55 -13.28 20.31
N LEU R 69 0.34 -13.88 21.09
CA LEU R 69 1.74 -14.01 20.67
C LEU R 69 1.86 -14.86 19.42
N ALA R 70 1.13 -15.98 19.36
CA ALA R 70 1.20 -16.84 18.19
C ALA R 70 0.64 -16.14 16.96
N ALA R 71 -0.43 -15.35 17.14
CA ALA R 71 -0.94 -14.55 16.02
C ALA R 71 0.07 -13.53 15.54
N VAL R 72 0.74 -12.85 16.48
CA VAL R 72 1.75 -11.86 16.12
C VAL R 72 2.90 -12.51 15.38
N LEU R 73 3.39 -13.63 15.91
CA LEU R 73 4.53 -14.32 15.30
C LEU R 73 4.19 -14.86 13.92
N GLU R 74 2.99 -15.44 13.77
CA GLU R 74 2.60 -15.97 12.48
C GLU R 74 2.42 -14.86 11.46
N TYR R 75 1.89 -13.72 11.90
CA TYR R 75 1.81 -12.55 11.02
C TYR R 75 3.20 -12.09 10.59
N LEU R 76 4.11 -11.96 11.56
CA LEU R 76 5.45 -11.46 11.29
C LEU R 76 6.17 -12.37 10.30
N THR R 77 6.16 -13.67 10.58
CA THR R 77 6.74 -14.66 9.67
C THR R 77 6.02 -14.66 8.34
N ALA R 78 4.74 -14.27 8.31
CA ALA R 78 4.07 -14.17 7.03
C ALA R 78 4.70 -13.10 6.15
N GLU R 79 4.86 -11.85 6.67
CA GLU R 79 5.43 -10.85 5.74
C GLU R 79 6.90 -11.16 5.46
N ILE R 80 7.58 -11.85 6.38
CA ILE R 80 8.87 -12.42 6.04
C ILE R 80 8.75 -13.33 4.83
N LEU R 81 7.69 -14.13 4.77
CA LEU R 81 7.56 -15.07 3.65
C LEU R 81 7.17 -14.39 2.34
N GLU R 82 6.33 -13.35 2.34
CA GLU R 82 6.15 -12.63 1.05
C GLU R 82 7.41 -11.89 0.63
N LEU R 83 8.14 -11.29 1.58
CA LEU R 83 9.40 -10.64 1.20
C LEU R 83 10.41 -11.65 0.65
N ALA R 84 10.47 -12.83 1.27
CA ALA R 84 11.30 -13.91 0.75
C ALA R 84 10.81 -14.37 -0.63
N GLY R 85 9.49 -14.47 -0.80
CA GLY R 85 8.95 -14.98 -2.04
C GLY R 85 9.19 -14.05 -3.22
N ASN R 86 8.95 -12.75 -3.04
CA ASN R 86 9.21 -11.85 -4.17
C ASN R 86 10.70 -11.58 -4.34
N ALA R 87 11.52 -11.73 -3.29
CA ALA R 87 12.96 -11.68 -3.49
C ALA R 87 13.43 -12.87 -4.32
N ALA R 88 12.90 -14.06 -4.05
CA ALA R 88 13.24 -15.23 -4.85
C ALA R 88 12.72 -15.11 -6.27
N ARG R 89 11.51 -14.56 -6.43
CA ARG R 89 10.94 -14.35 -7.75
C ARG R 89 11.75 -13.34 -8.56
N ASP R 90 12.34 -12.35 -7.89
CA ASP R 90 13.22 -11.41 -8.57
C ASP R 90 14.46 -12.11 -9.13
N ASN R 91 15.04 -13.03 -8.36
CA ASN R 91 16.24 -13.73 -8.76
C ASN R 91 15.95 -15.06 -9.44
N LYS R 92 14.76 -15.20 -10.04
CA LYS R 92 14.34 -16.30 -10.93
C LYS R 92 14.57 -17.69 -10.35
N LYS R 93 14.61 -17.80 -9.03
CA LYS R 93 14.66 -19.09 -8.35
C LYS R 93 13.39 -19.25 -7.54
N THR R 94 12.86 -20.47 -7.52
CA THR R 94 11.67 -20.70 -6.73
C THR R 94 11.97 -21.00 -5.28
N ARG R 95 13.23 -21.18 -4.90
CA ARG R 95 13.57 -21.62 -3.56
C ARG R 95 14.25 -20.49 -2.79
N ILE R 96 13.96 -20.42 -1.50
CA ILE R 96 14.46 -19.34 -0.66
C ILE R 96 15.92 -19.62 -0.31
N ILE R 97 16.78 -18.64 -0.52
CA ILE R 97 18.16 -18.72 -0.10
C ILE R 97 18.30 -17.63 0.96
N PRO R 98 19.22 -17.75 1.92
CA PRO R 98 19.43 -16.64 2.86
C PRO R 98 19.99 -15.37 2.24
N ARG R 99 20.46 -15.38 1.00
CA ARG R 99 20.65 -14.11 0.29
C ARG R 99 19.32 -13.40 0.09
N HIS R 100 18.27 -14.16 -0.24
CA HIS R 100 16.93 -13.58 -0.29
C HIS R 100 16.51 -13.06 1.08
N LEU R 101 16.91 -13.75 2.14
CA LEU R 101 16.59 -13.30 3.49
C LEU R 101 17.32 -12.00 3.83
N GLN R 102 18.58 -11.89 3.40
CA GLN R 102 19.33 -10.64 3.57
C GLN R 102 18.64 -9.49 2.86
N LEU R 103 18.25 -9.72 1.60
CA LEU R 103 17.59 -8.68 0.83
C LEU R 103 16.21 -8.35 1.40
N ALA R 104 15.54 -9.35 1.98
CA ALA R 104 14.21 -9.13 2.54
C ALA R 104 14.28 -8.34 3.84
N ILE R 105 15.21 -8.71 4.73
CA ILE R 105 15.29 -8.06 6.03
C ILE R 105 15.84 -6.65 5.88
N ARG R 106 16.94 -6.50 5.15
CA ARG R 106 17.64 -5.23 5.16
C ARG R 106 17.00 -4.15 4.30
N ASN R 107 15.98 -4.49 3.51
CA ASN R 107 15.29 -3.50 2.69
C ASN R 107 13.99 -3.01 3.31
N ASP R 108 13.67 -3.44 4.53
CA ASP R 108 12.48 -2.97 5.24
C ASP R 108 12.92 -2.22 6.48
N GLU R 109 12.41 -1.01 6.66
CA GLU R 109 12.87 -0.15 7.74
C GLU R 109 12.38 -0.63 9.11
N GLU R 110 11.15 -1.14 9.19
CA GLU R 110 10.68 -1.64 10.48
C GLU R 110 11.34 -2.96 10.85
N LEU R 111 11.61 -3.83 9.87
CA LEU R 111 12.35 -5.04 10.16
C LEU R 111 13.81 -4.73 10.50
N ASN R 112 14.38 -3.70 9.86
CA ASN R 112 15.72 -3.25 10.22
C ASN R 112 15.75 -2.74 11.65
N LYS R 113 14.71 -1.98 12.04
CA LYS R 113 14.61 -1.55 13.42
C LYS R 113 14.38 -2.71 14.36
N LEU R 114 13.74 -3.77 13.87
CA LEU R 114 13.61 -5.00 14.66
C LEU R 114 14.95 -5.72 14.78
N LEU R 115 15.73 -5.71 13.71
CA LEU R 115 16.92 -6.55 13.64
C LEU R 115 18.18 -5.76 13.30
N GLY R 116 18.42 -4.64 13.99
CA GLY R 116 19.61 -3.85 13.72
C GLY R 116 20.90 -4.55 14.09
N ARG R 117 20.87 -5.33 15.17
CA ARG R 117 22.06 -5.98 15.70
C ARG R 117 22.13 -7.46 15.36
N VAL R 118 21.27 -7.93 14.47
CA VAL R 118 21.10 -9.37 14.22
C VAL R 118 21.94 -9.76 13.03
N THR R 119 22.70 -10.84 13.17
CA THR R 119 23.59 -11.35 12.14
C THR R 119 22.96 -12.56 11.45
N ILE R 120 23.12 -12.64 10.13
CA ILE R 120 22.47 -13.63 9.30
C ILE R 120 23.53 -14.51 8.65
N ALA R 121 23.32 -15.83 8.70
CA ALA R 121 24.28 -16.77 8.13
C ALA R 121 24.24 -16.73 6.60
N GLN R 122 25.41 -16.47 6.00
CA GLN R 122 25.63 -16.51 4.54
C GLN R 122 24.69 -15.58 3.78
N GLY R 123 24.35 -14.44 4.37
CA GLY R 123 23.47 -13.50 3.70
C GLY R 123 24.23 -12.46 2.92
N GLY R 124 25.48 -12.22 3.30
CA GLY R 124 26.18 -11.11 2.69
C GLY R 124 25.66 -9.79 3.25
N VAL R 125 25.61 -8.79 2.37
CA VAL R 125 25.12 -7.47 2.71
C VAL R 125 24.12 -7.03 1.63
N LEU R 126 23.60 -5.83 1.81
CA LEU R 126 22.87 -5.18 0.73
C LEU R 126 23.83 -4.82 -0.40
N PRO R 127 23.33 -4.75 -1.62
CA PRO R 127 24.08 -4.04 -2.65
C PRO R 127 24.05 -2.57 -2.32
N ASN R 128 25.19 -2.06 -1.86
CA ASN R 128 25.24 -0.70 -1.33
C ASN R 128 26.61 -0.12 -1.65
N ILE R 129 26.63 0.85 -2.54
CA ILE R 129 27.84 1.58 -2.87
C ILE R 129 27.58 3.06 -2.63
N GLN R 130 28.56 3.74 -2.04
CA GLN R 130 28.44 5.17 -1.84
C GLN R 130 28.65 5.87 -3.17
N ALA R 131 28.04 7.06 -3.29
CA ALA R 131 28.14 7.83 -4.52
C ALA R 131 29.55 8.33 -4.78
N VAL R 132 30.38 8.45 -3.73
CA VAL R 132 31.76 8.88 -3.92
C VAL R 132 32.62 7.81 -4.58
N LEU R 133 32.21 6.53 -4.52
CA LEU R 133 33.02 5.48 -5.09
C LEU R 133 32.87 5.36 -6.60
N LEU R 134 31.79 5.89 -7.17
CA LEU R 134 31.52 5.79 -8.59
C LEU R 134 32.37 6.77 -9.40
N PRO R 135 32.71 6.43 -10.64
CA PRO R 135 33.48 7.36 -11.48
C PRO R 135 32.66 8.59 -11.87
N LYS R 136 33.40 9.67 -12.14
CA LYS R 136 32.86 10.99 -12.48
C LYS R 136 31.85 11.51 -11.47
N LYS S 31 19.17 -45.46 17.92
CA LYS S 31 18.46 -44.72 18.96
C LYS S 31 18.82 -43.24 18.95
N ARG S 32 17.83 -42.38 18.77
CA ARG S 32 18.06 -40.94 18.74
C ARG S 32 16.94 -40.22 19.49
N SER S 33 17.20 -38.94 19.80
CA SER S 33 16.29 -38.11 20.57
C SER S 33 15.75 -36.97 19.70
N ARG S 34 14.46 -36.65 19.89
CA ARG S 34 13.81 -35.65 19.05
C ARG S 34 14.20 -34.23 19.45
N LYS S 35 14.46 -33.41 18.43
CA LYS S 35 14.78 -31.99 18.61
C LYS S 35 13.72 -31.17 17.90
N GLU S 36 12.95 -30.41 18.67
CA GLU S 36 11.80 -29.71 18.12
C GLU S 36 12.21 -28.48 17.33
N SER S 37 11.52 -28.24 16.21
CA SER S 37 11.77 -27.09 15.36
C SER S 37 10.45 -26.67 14.73
N TYR S 38 10.43 -25.46 14.18
CA TYR S 38 9.21 -24.89 13.64
C TYR S 38 9.06 -25.10 12.14
N SER S 39 9.61 -26.21 11.62
CA SER S 39 9.74 -26.39 10.18
C SER S 39 8.39 -26.52 9.49
N VAL S 40 7.51 -27.36 10.04
CA VAL S 40 6.26 -27.66 9.33
C VAL S 40 5.33 -26.46 9.34
N TYR S 41 5.38 -25.61 10.38
CA TYR S 41 4.48 -24.47 10.44
C TYR S 41 4.90 -23.38 9.47
N VAL S 42 6.20 -23.11 9.41
CA VAL S 42 6.71 -22.14 8.45
C VAL S 42 6.51 -22.63 7.03
N TYR S 43 6.63 -23.95 6.81
CA TYR S 43 6.31 -24.53 5.52
C TYR S 43 4.83 -24.36 5.18
N LYS S 44 3.96 -24.55 6.18
CA LYS S 44 2.52 -24.37 6.00
C LYS S 44 2.19 -22.95 5.59
N VAL S 45 2.68 -21.97 6.33
CA VAL S 45 2.31 -20.59 6.02
C VAL S 45 3.02 -20.11 4.77
N LEU S 46 4.20 -20.66 4.44
CA LEU S 46 4.84 -20.33 3.18
C LEU S 46 4.02 -20.82 2.00
N LYS S 47 3.54 -22.05 2.07
CA LYS S 47 2.68 -22.55 1.01
C LYS S 47 1.31 -21.88 1.02
N GLN S 48 0.88 -21.36 2.18
CA GLN S 48 -0.33 -20.56 2.24
C GLN S 48 -0.15 -19.23 1.52
N VAL S 49 1.02 -18.61 1.65
CA VAL S 49 1.26 -17.33 1.00
C VAL S 49 1.93 -17.48 -0.36
N HIS S 50 2.63 -18.58 -0.61
CA HIS S 50 3.30 -18.82 -1.88
C HIS S 50 3.34 -20.32 -2.11
N PRO S 51 2.32 -20.86 -2.78
CA PRO S 51 2.30 -22.32 -3.04
C PRO S 51 3.43 -22.80 -3.94
N ASP S 52 3.95 -21.93 -4.79
CA ASP S 52 4.93 -22.29 -5.80
C ASP S 52 6.37 -22.03 -5.37
N THR S 53 6.60 -21.62 -4.13
CA THR S 53 7.91 -21.18 -3.69
C THR S 53 8.58 -22.26 -2.85
N GLY S 54 9.83 -22.58 -3.19
CA GLY S 54 10.60 -23.55 -2.45
C GLY S 54 11.28 -22.96 -1.24
N ILE S 55 12.17 -23.76 -0.65
CA ILE S 55 12.82 -23.40 0.61
C ILE S 55 14.15 -24.14 0.69
N SER S 56 15.11 -23.53 1.38
CA SER S 56 16.34 -24.18 1.78
C SER S 56 16.37 -24.37 3.28
N SER S 57 17.13 -25.39 3.71
CA SER S 57 17.12 -25.77 5.12
C SER S 57 17.82 -24.74 6.00
N LYS S 58 18.86 -24.10 5.51
CA LYS S 58 19.57 -23.11 6.34
C LYS S 58 18.78 -21.81 6.43
N ALA S 59 17.95 -21.53 5.42
CA ALA S 59 16.95 -20.48 5.57
C ALA S 59 15.99 -20.82 6.71
N MET S 60 15.62 -22.10 6.83
CA MET S 60 14.81 -22.51 7.99
C MET S 60 15.59 -22.43 9.29
N GLY S 61 16.90 -22.63 9.26
CA GLY S 61 17.69 -22.39 10.47
C GLY S 61 17.64 -20.94 10.91
N ILE S 62 17.72 -20.02 9.94
CA ILE S 62 17.58 -18.60 10.24
C ILE S 62 16.17 -18.28 10.73
N MET S 63 15.15 -18.93 10.16
CA MET S 63 13.78 -18.70 10.62
C MET S 63 13.54 -19.23 12.02
N ASN S 64 14.13 -20.37 12.35
CA ASN S 64 14.03 -20.89 13.71
C ASN S 64 14.73 -19.97 14.69
N SER S 65 15.90 -19.45 14.30
CA SER S 65 16.58 -18.46 15.12
C SER S 65 15.73 -17.20 15.27
N PHE S 66 15.02 -16.81 14.20
CA PHE S 66 14.11 -15.67 14.24
C PHE S 66 13.00 -15.89 15.25
N VAL S 67 12.31 -17.03 15.17
CA VAL S 67 11.15 -17.24 16.01
C VAL S 67 11.56 -17.37 17.48
N ASN S 68 12.67 -18.06 17.75
CA ASN S 68 13.12 -18.14 19.14
C ASN S 68 13.62 -16.80 19.65
N ASP S 69 14.34 -16.03 18.81
CA ASP S 69 14.87 -14.73 19.24
C ASP S 69 13.76 -13.75 19.58
N ILE S 70 12.79 -13.60 18.67
CA ILE S 70 11.72 -12.65 18.90
C ILE S 70 10.80 -13.15 20.02
N PHE S 71 10.60 -14.47 20.13
CA PHE S 71 9.81 -15.03 21.21
C PHE S 71 10.43 -14.72 22.55
N GLU S 72 11.75 -14.84 22.67
CA GLU S 72 12.41 -14.52 23.94
C GLU S 72 12.42 -13.02 24.21
N ARG S 73 12.58 -12.19 23.18
CA ARG S 73 12.51 -10.73 23.37
C ARG S 73 11.17 -10.32 23.96
N ILE S 74 10.09 -10.76 23.30
CA ILE S 74 8.76 -10.35 23.72
C ILE S 74 8.40 -10.99 25.06
N ALA S 75 8.84 -12.22 25.29
CA ALA S 75 8.54 -12.90 26.56
C ALA S 75 9.27 -12.24 27.73
N GLY S 76 10.52 -11.82 27.52
CA GLY S 76 11.21 -11.08 28.56
C GLY S 76 10.57 -9.73 28.83
N GLU S 77 10.10 -9.06 27.77
CA GLU S 77 9.38 -7.81 27.98
C GLU S 77 8.08 -8.04 28.74
N ALA S 78 7.39 -9.14 28.45
CA ALA S 78 6.14 -9.47 29.15
C ALA S 78 6.40 -9.76 30.62
N SER S 79 7.50 -10.46 30.92
CA SER S 79 7.88 -10.67 32.31
C SER S 79 8.20 -9.35 33.01
N ARG S 80 8.86 -8.44 32.29
CA ARG S 80 9.14 -7.11 32.83
C ARG S 80 7.85 -6.37 33.18
N LEU S 81 6.89 -6.37 32.27
CA LEU S 81 5.60 -5.72 32.52
C LEU S 81 4.82 -6.39 33.65
N ALA S 82 4.93 -7.72 33.77
CA ALA S 82 4.31 -8.41 34.89
C ALA S 82 4.92 -7.98 36.21
N HIS S 83 6.25 -7.81 36.24
CA HIS S 83 6.91 -7.38 37.46
C HIS S 83 6.61 -5.93 37.79
N TYR S 84 6.51 -5.07 36.77
CA TYR S 84 6.37 -3.65 37.01
C TYR S 84 5.00 -3.31 37.57
N ASN S 85 3.95 -3.93 37.03
CA ASN S 85 2.59 -3.73 37.49
C ASN S 85 2.18 -4.78 38.51
N LYS S 86 3.16 -5.51 39.07
CA LYS S 86 2.98 -6.45 40.17
C LYS S 86 2.02 -7.56 39.80
N ARG S 87 2.00 -7.90 38.52
CA ARG S 87 1.08 -8.90 37.99
C ARG S 87 1.78 -10.25 38.05
N SER S 88 1.17 -11.21 38.73
CA SER S 88 1.69 -12.57 38.72
C SER S 88 1.23 -13.32 37.49
N THR S 89 0.40 -12.71 36.65
CA THR S 89 -0.14 -13.34 35.47
C THR S 89 0.17 -12.47 34.26
N ILE S 90 0.74 -13.07 33.22
CA ILE S 90 1.00 -12.38 31.97
C ILE S 90 -0.16 -12.67 31.05
N THR S 91 -0.98 -11.66 30.77
CA THR S 91 -2.22 -11.82 30.03
C THR S 91 -2.08 -11.22 28.64
N SER S 92 -3.23 -11.11 27.97
CA SER S 92 -3.27 -10.49 26.65
C SER S 92 -2.84 -9.02 26.71
N ARG S 93 -3.16 -8.33 27.81
CA ARG S 93 -2.80 -6.92 27.93
C ARG S 93 -1.29 -6.75 28.05
N GLU S 94 -0.65 -7.66 28.80
CA GLU S 94 0.81 -7.65 28.91
C GLU S 94 1.47 -7.89 27.55
N ILE S 95 0.97 -8.87 26.82
CA ILE S 95 1.63 -9.26 25.58
C ILE S 95 1.42 -8.17 24.51
N GLN S 96 0.24 -7.55 24.47
CA GLN S 96 0.05 -6.47 23.51
C GLN S 96 0.83 -5.23 23.92
N THR S 97 0.99 -5.01 25.23
CA THR S 97 1.84 -3.93 25.70
C THR S 97 3.27 -4.13 25.22
N ALA S 98 3.77 -5.36 25.32
CA ALA S 98 5.10 -5.67 24.80
C ALA S 98 5.17 -5.51 23.30
N VAL S 99 4.07 -5.79 22.59
CA VAL S 99 4.04 -5.56 21.15
C VAL S 99 4.19 -4.07 20.85
N ARG S 100 3.44 -3.23 21.55
CA ARG S 100 3.58 -1.79 21.36
C ARG S 100 4.95 -1.28 21.78
N LEU S 101 5.60 -1.94 22.74
CA LEU S 101 6.94 -1.50 23.11
C LEU S 101 7.97 -1.91 22.07
N LEU S 102 8.20 -3.22 21.91
CA LEU S 102 9.34 -3.65 21.11
C LEU S 102 9.06 -3.60 19.62
N LEU S 103 7.88 -4.04 19.20
CA LEU S 103 7.56 -4.04 17.77
C LEU S 103 7.20 -2.63 17.33
N PRO S 104 7.92 -2.04 16.37
CA PRO S 104 7.72 -0.62 16.07
C PRO S 104 6.67 -0.35 14.99
N GLY S 105 5.85 0.68 15.22
CA GLY S 105 5.04 1.31 14.20
C GLY S 105 3.95 0.50 13.54
N GLU S 106 4.04 0.39 12.21
CA GLU S 106 2.97 -0.20 11.41
C GLU S 106 2.78 -1.68 11.71
N LEU S 107 3.88 -2.41 11.89
CA LEU S 107 3.80 -3.82 12.25
C LEU S 107 3.07 -4.00 13.57
N ALA S 108 3.24 -3.06 14.50
CA ALA S 108 2.54 -3.14 15.78
C ALA S 108 1.04 -3.01 15.60
N LYS S 109 0.59 -2.07 14.78
CA LYS S 109 -0.86 -1.90 14.63
C LYS S 109 -1.48 -3.03 13.84
N HIS S 110 -0.77 -3.57 12.84
CA HIS S 110 -1.28 -4.79 12.21
C HIS S 110 -1.36 -5.93 13.21
N ALA S 111 -0.28 -6.18 13.95
CA ALA S 111 -0.25 -7.26 14.93
C ALA S 111 -1.36 -7.10 15.96
N VAL S 112 -1.67 -5.85 16.32
CA VAL S 112 -2.85 -5.55 17.11
C VAL S 112 -4.12 -6.00 16.38
N SER S 113 -4.20 -5.72 15.08
CA SER S 113 -5.44 -6.00 14.35
C SER S 113 -5.71 -7.50 14.25
N GLU S 114 -4.75 -8.25 13.72
CA GLU S 114 -4.97 -9.70 13.66
C GLU S 114 -4.93 -10.36 15.03
N GLY S 115 -4.24 -9.78 16.02
CA GLY S 115 -4.31 -10.35 17.35
C GLY S 115 -5.67 -10.17 17.99
N THR S 116 -6.28 -9.00 17.80
CA THR S 116 -7.63 -8.77 18.29
C THR S 116 -8.62 -9.66 17.57
N LYS S 117 -8.45 -9.79 16.26
CA LYS S 117 -9.27 -10.73 15.49
C LYS S 117 -9.09 -12.16 16.00
N ALA S 118 -7.85 -12.52 16.33
CA ALA S 118 -7.56 -13.89 16.74
C ALA S 118 -8.12 -14.19 18.11
N VAL S 119 -7.98 -13.25 19.05
CA VAL S 119 -8.54 -13.48 20.38
C VAL S 119 -10.05 -13.43 20.31
N THR S 120 -10.62 -12.64 19.41
CA THR S 120 -12.07 -12.59 19.25
C THR S 120 -12.59 -13.91 18.74
N LYS S 121 -11.98 -14.44 17.68
CA LYS S 121 -12.46 -15.71 17.14
C LYS S 121 -12.08 -16.89 18.02
N TYR S 122 -11.05 -16.74 18.87
CA TYR S 122 -10.76 -17.77 19.85
C TYR S 122 -11.80 -17.80 20.96
N THR S 123 -12.21 -16.62 21.45
CA THR S 123 -13.29 -16.57 22.44
C THR S 123 -14.61 -17.03 21.86
N SER S 124 -14.82 -16.83 20.55
CA SER S 124 -15.99 -17.44 19.94
C SER S 124 -15.80 -18.94 19.72
N ALA S 125 -14.57 -19.44 19.78
CA ALA S 125 -14.30 -20.86 19.63
C ALA S 125 -14.38 -21.56 20.98
#